data_5XE2
# 
_entry.id   5XE2 
# 
_audit_conform.dict_name       mmcif_pdbx.dic 
_audit_conform.dict_version    5.380 
_audit_conform.dict_location   http://mmcif.pdb.org/dictionaries/ascii/mmcif_pdbx.dic 
# 
loop_
_database_2.database_id 
_database_2.database_code 
_database_2.pdbx_database_accession 
_database_2.pdbx_DOI 
PDB   5XE2         pdb_00005xe2 10.2210/pdb5xe2/pdb 
WWPDB D_1300003357 ?            ?                   
# 
_pdbx_database_related.content_type   unspecified 
_pdbx_database_related.db_id          5XE3 
_pdbx_database_related.db_name        PDB 
_pdbx_database_related.details        . 
# 
_pdbx_database_status.status_code                     REL 
_pdbx_database_status.status_code_sf                  REL 
_pdbx_database_status.status_code_mr                  ? 
_pdbx_database_status.entry_id                        5XE2 
_pdbx_database_status.recvd_initial_deposition_date   2017-03-31 
_pdbx_database_status.SG_entry                        N 
_pdbx_database_status.deposit_site                    PDBJ 
_pdbx_database_status.process_site                    PDBJ 
_pdbx_database_status.status_code_cs                  ? 
_pdbx_database_status.methods_development_category    ? 
_pdbx_database_status.pdb_format_compatible           Y 
_pdbx_database_status.status_code_nmr_data            ? 
# 
loop_
_audit_author.name 
_audit_author.pdbx_ordinal 
_audit_author.identifier_ORCID 
'Ahn, D.-H.' 1 ? 
'Lee, K.-Y.' 2 ? 
'Lee, S.J.'  3 ? 
'Yoon, H.J.' 4 ? 
'Kim, S.-J.' 5 ? 
'Lee, B.-J.' 6 ? 
# 
_citation.abstract                  ? 
_citation.abstract_id_CAS           ? 
_citation.book_id_ISBN              ? 
_citation.book_publisher            ? 
_citation.book_publisher_city       ? 
_citation.book_title                ? 
_citation.coordinate_linkage        ? 
_citation.country                   US 
_citation.database_id_Medline       ? 
_citation.details                   ? 
_citation.id                        primary 
_citation.journal_abbrev            'J. Biol. Chem.' 
_citation.journal_id_ASTM           JBCHA3 
_citation.journal_id_CSD            0071 
_citation.journal_id_ISSN           1083-351X 
_citation.journal_full              ? 
_citation.journal_issue             ? 
_citation.journal_volume            292 
_citation.language                  ? 
_citation.page_first                18832 
_citation.page_last                 18847 
_citation.title                     
;Structural analyses of the MazEF4 toxin-antitoxin pair in Mycobacterium tuberculosis provide evidence for a unique extracellular death factor.
;
_citation.year                      2017 
_citation.database_id_CSD           ? 
_citation.pdbx_database_id_DOI      10.1074/jbc.M117.807974 
_citation.pdbx_database_id_PubMed   28972145 
_citation.unpublished_flag          ? 
# 
loop_
_citation_author.citation_id 
_citation_author.name 
_citation_author.ordinal 
_citation_author.identifier_ORCID 
primary 'Ahn, D.H.'  1 ? 
primary 'Lee, K.Y.'  2 ? 
primary 'Lee, S.J.'  3 ? 
primary 'Park, S.J.' 4 ? 
primary 'Yoon, H.J.' 5 ? 
primary 'Kim, S.J.'  6 ? 
primary 'Lee, B.J.'  7 ? 
# 
_cell.angle_alpha                  90.000 
_cell.angle_alpha_esd              ? 
_cell.angle_beta                   90.000 
_cell.angle_beta_esd               ? 
_cell.angle_gamma                  90.000 
_cell.angle_gamma_esd              ? 
_cell.entry_id                     5XE2 
_cell.details                      ? 
_cell.formula_units_Z              ? 
_cell.length_a                     49.475 
_cell.length_a_esd                 ? 
_cell.length_b                     65.548 
_cell.length_b_esd                 ? 
_cell.length_c                     57.390 
_cell.length_c_esd                 ? 
_cell.volume                       ? 
_cell.volume_esd                   ? 
_cell.Z_PDB                        8 
_cell.reciprocal_angle_alpha       ? 
_cell.reciprocal_angle_beta        ? 
_cell.reciprocal_angle_gamma       ? 
_cell.reciprocal_angle_alpha_esd   ? 
_cell.reciprocal_angle_beta_esd    ? 
_cell.reciprocal_angle_gamma_esd   ? 
_cell.reciprocal_length_a          ? 
_cell.reciprocal_length_b          ? 
_cell.reciprocal_length_c          ? 
_cell.reciprocal_length_a_esd      ? 
_cell.reciprocal_length_b_esd      ? 
_cell.reciprocal_length_c_esd      ? 
_cell.pdbx_unique_axis             ? 
# 
_symmetry.entry_id                         5XE2 
_symmetry.cell_setting                     ? 
_symmetry.Int_Tables_number                20 
_symmetry.space_group_name_Hall            ? 
_symmetry.space_group_name_H-M             'C 2 2 21' 
_symmetry.pdbx_full_space_group_name_H-M   ? 
# 
loop_
_entity.id 
_entity.type 
_entity.src_method 
_entity.pdbx_description 
_entity.formula_weight 
_entity.pdbx_number_of_molecules 
_entity.pdbx_ec 
_entity.pdbx_mutation 
_entity.pdbx_fragment 
_entity.details 
1 polymer man 'Endoribonuclease MazF4' 11697.274 1  3.1.-.- ? ? ? 
2 water   nat water                    18.015    59 ?       ? ? ? 
# 
_entity_name_com.entity_id   1 
_entity_name_com.name        'Toxin MazF4,mRNA interferase MazF-mt7' 
# 
_entity_poly.entity_id                      1 
_entity_poly.type                           'polypeptide(L)' 
_entity_poly.nstd_linkage                   no 
_entity_poly.nstd_monomer                   no 
_entity_poly.pdbx_seq_one_letter_code       
;EFMNAPLRGQVYRCDLGYGAKPWLIVSNNARNRHTADVVAVRLTTTRRTIPTWVAMGPSDPLTGYVNADNIETLGKDELG
DYLGEVTPATMNKINTALATALGLPWP
;
_entity_poly.pdbx_seq_one_letter_code_can   
;EFMNAPLRGQVYRCDLGYGAKPWLIVSNNARNRHTADVVAVRLTTTRRTIPTWVAMGPSDPLTGYVNADNIETLGKDELG
DYLGEVTPATMNKINTALATALGLPWP
;
_entity_poly.pdbx_strand_id                 A 
_entity_poly.pdbx_target_identifier         ? 
# 
loop_
_entity_poly_seq.entity_id 
_entity_poly_seq.num 
_entity_poly_seq.mon_id 
_entity_poly_seq.hetero 
1 1   GLU n 
1 2   PHE n 
1 3   MET n 
1 4   ASN n 
1 5   ALA n 
1 6   PRO n 
1 7   LEU n 
1 8   ARG n 
1 9   GLY n 
1 10  GLN n 
1 11  VAL n 
1 12  TYR n 
1 13  ARG n 
1 14  CYS n 
1 15  ASP n 
1 16  LEU n 
1 17  GLY n 
1 18  TYR n 
1 19  GLY n 
1 20  ALA n 
1 21  LYS n 
1 22  PRO n 
1 23  TRP n 
1 24  LEU n 
1 25  ILE n 
1 26  VAL n 
1 27  SER n 
1 28  ASN n 
1 29  ASN n 
1 30  ALA n 
1 31  ARG n 
1 32  ASN n 
1 33  ARG n 
1 34  HIS n 
1 35  THR n 
1 36  ALA n 
1 37  ASP n 
1 38  VAL n 
1 39  VAL n 
1 40  ALA n 
1 41  VAL n 
1 42  ARG n 
1 43  LEU n 
1 44  THR n 
1 45  THR n 
1 46  THR n 
1 47  ARG n 
1 48  ARG n 
1 49  THR n 
1 50  ILE n 
1 51  PRO n 
1 52  THR n 
1 53  TRP n 
1 54  VAL n 
1 55  ALA n 
1 56  MET n 
1 57  GLY n 
1 58  PRO n 
1 59  SER n 
1 60  ASP n 
1 61  PRO n 
1 62  LEU n 
1 63  THR n 
1 64  GLY n 
1 65  TYR n 
1 66  VAL n 
1 67  ASN n 
1 68  ALA n 
1 69  ASP n 
1 70  ASN n 
1 71  ILE n 
1 72  GLU n 
1 73  THR n 
1 74  LEU n 
1 75  GLY n 
1 76  LYS n 
1 77  ASP n 
1 78  GLU n 
1 79  LEU n 
1 80  GLY n 
1 81  ASP n 
1 82  TYR n 
1 83  LEU n 
1 84  GLY n 
1 85  GLU n 
1 86  VAL n 
1 87  THR n 
1 88  PRO n 
1 89  ALA n 
1 90  THR n 
1 91  MET n 
1 92  ASN n 
1 93  LYS n 
1 94  ILE n 
1 95  ASN n 
1 96  THR n 
1 97  ALA n 
1 98  LEU n 
1 99  ALA n 
1 100 THR n 
1 101 ALA n 
1 102 LEU n 
1 103 GLY n 
1 104 LEU n 
1 105 PRO n 
1 106 TRP n 
1 107 PRO n 
# 
_entity_src_gen.entity_id                          1 
_entity_src_gen.pdbx_src_id                        1 
_entity_src_gen.pdbx_alt_source_flag               sample 
_entity_src_gen.pdbx_seq_type                      'Biological sequence' 
_entity_src_gen.pdbx_beg_seq_num                   1 
_entity_src_gen.pdbx_end_seq_num                   107 
_entity_src_gen.gene_src_common_name               ? 
_entity_src_gen.gene_src_genus                     ? 
_entity_src_gen.pdbx_gene_src_gene                 'mazF4, mazF-mt7, Rv1495, MTCY277.17' 
_entity_src_gen.gene_src_species                   ? 
_entity_src_gen.gene_src_strain                    'ATCC 25618 / H37Rv' 
_entity_src_gen.gene_src_tissue                    ? 
_entity_src_gen.gene_src_tissue_fraction           ? 
_entity_src_gen.gene_src_details                   ? 
_entity_src_gen.pdbx_gene_src_fragment             ? 
_entity_src_gen.pdbx_gene_src_scientific_name      'Mycobacterium tuberculosis (strain ATCC 25618 / H37Rv)' 
_entity_src_gen.pdbx_gene_src_ncbi_taxonomy_id     83332 
_entity_src_gen.pdbx_gene_src_variant              ? 
_entity_src_gen.pdbx_gene_src_cell_line            ? 
_entity_src_gen.pdbx_gene_src_atcc                 ? 
_entity_src_gen.pdbx_gene_src_organ                ? 
_entity_src_gen.pdbx_gene_src_organelle            ? 
_entity_src_gen.pdbx_gene_src_cell                 ? 
_entity_src_gen.pdbx_gene_src_cellular_location    ? 
_entity_src_gen.host_org_common_name               ? 
_entity_src_gen.pdbx_host_org_scientific_name      'Escherichia coli BL21(DE3)' 
_entity_src_gen.pdbx_host_org_ncbi_taxonomy_id     469008 
_entity_src_gen.host_org_genus                     ? 
_entity_src_gen.pdbx_host_org_gene                 ? 
_entity_src_gen.pdbx_host_org_organ                ? 
_entity_src_gen.host_org_species                   ? 
_entity_src_gen.pdbx_host_org_tissue               ? 
_entity_src_gen.pdbx_host_org_tissue_fraction      ? 
_entity_src_gen.pdbx_host_org_strain               'BL21(DE3)' 
_entity_src_gen.pdbx_host_org_variant              ? 
_entity_src_gen.pdbx_host_org_cell_line            ? 
_entity_src_gen.pdbx_host_org_atcc                 ? 
_entity_src_gen.pdbx_host_org_culture_collection   ? 
_entity_src_gen.pdbx_host_org_cell                 ? 
_entity_src_gen.pdbx_host_org_organelle            ? 
_entity_src_gen.pdbx_host_org_cellular_location    ? 
_entity_src_gen.pdbx_host_org_vector_type          ? 
_entity_src_gen.pdbx_host_org_vector               ? 
_entity_src_gen.host_org_details                   ? 
_entity_src_gen.expression_system_id               ? 
_entity_src_gen.plasmid_name                       ? 
_entity_src_gen.plasmid_details                    ? 
_entity_src_gen.pdbx_description                   ? 
# 
_struct_ref.id                         1 
_struct_ref.db_name                    UNP 
_struct_ref.db_code                    MAZF4_MYCTU 
_struct_ref.pdbx_db_accession          P9WII5 
_struct_ref.pdbx_db_isoform            ? 
_struct_ref.entity_id                  1 
_struct_ref.pdbx_seq_one_letter_code   
;MNAPLRGQVYRCDLGYGAKPWLIVSNNARNRHTADVVAVRLTTTRRTIPTWVAMGPSDPLTGYVNADNIETLGKDELGDY
LGEVTPATMNKINTALATALGLPWP
;
_struct_ref.pdbx_align_begin           1 
# 
_struct_ref_seq.align_id                      1 
_struct_ref_seq.ref_id                        1 
_struct_ref_seq.pdbx_PDB_id_code              5XE2 
_struct_ref_seq.pdbx_strand_id                A 
_struct_ref_seq.seq_align_beg                 3 
_struct_ref_seq.pdbx_seq_align_beg_ins_code   ? 
_struct_ref_seq.seq_align_end                 107 
_struct_ref_seq.pdbx_seq_align_end_ins_code   ? 
_struct_ref_seq.pdbx_db_accession             P9WII5 
_struct_ref_seq.db_align_beg                  1 
_struct_ref_seq.pdbx_db_align_beg_ins_code    ? 
_struct_ref_seq.db_align_end                  105 
_struct_ref_seq.pdbx_db_align_end_ins_code    ? 
_struct_ref_seq.pdbx_auth_seq_align_beg       3 
_struct_ref_seq.pdbx_auth_seq_align_end       107 
# 
loop_
_struct_ref_seq_dif.align_id 
_struct_ref_seq_dif.pdbx_pdb_id_code 
_struct_ref_seq_dif.mon_id 
_struct_ref_seq_dif.pdbx_pdb_strand_id 
_struct_ref_seq_dif.seq_num 
_struct_ref_seq_dif.pdbx_pdb_ins_code 
_struct_ref_seq_dif.pdbx_seq_db_name 
_struct_ref_seq_dif.pdbx_seq_db_accession_code 
_struct_ref_seq_dif.db_mon_id 
_struct_ref_seq_dif.pdbx_seq_db_seq_num 
_struct_ref_seq_dif.details 
_struct_ref_seq_dif.pdbx_auth_seq_num 
_struct_ref_seq_dif.pdbx_ordinal 
1 5XE2 GLU A 1 ? UNP P9WII5 ? ? 'expression tag' 1 1 
1 5XE2 PHE A 2 ? UNP P9WII5 ? ? 'expression tag' 2 2 
# 
loop_
_chem_comp.id 
_chem_comp.type 
_chem_comp.mon_nstd_flag 
_chem_comp.name 
_chem_comp.pdbx_synonyms 
_chem_comp.formula 
_chem_comp.formula_weight 
ALA 'L-peptide linking' y ALANINE         ? 'C3 H7 N O2'     89.093  
ARG 'L-peptide linking' y ARGININE        ? 'C6 H15 N4 O2 1' 175.209 
ASN 'L-peptide linking' y ASPARAGINE      ? 'C4 H8 N2 O3'    132.118 
ASP 'L-peptide linking' y 'ASPARTIC ACID' ? 'C4 H7 N O4'     133.103 
CYS 'L-peptide linking' y CYSTEINE        ? 'C3 H7 N O2 S'   121.158 
GLN 'L-peptide linking' y GLUTAMINE       ? 'C5 H10 N2 O3'   146.144 
GLU 'L-peptide linking' y 'GLUTAMIC ACID' ? 'C5 H9 N O4'     147.129 
GLY 'peptide linking'   y GLYCINE         ? 'C2 H5 N O2'     75.067  
HIS 'L-peptide linking' y HISTIDINE       ? 'C6 H10 N3 O2 1' 156.162 
HOH non-polymer         . WATER           ? 'H2 O'           18.015  
ILE 'L-peptide linking' y ISOLEUCINE      ? 'C6 H13 N O2'    131.173 
LEU 'L-peptide linking' y LEUCINE         ? 'C6 H13 N O2'    131.173 
LYS 'L-peptide linking' y LYSINE          ? 'C6 H15 N2 O2 1' 147.195 
MET 'L-peptide linking' y METHIONINE      ? 'C5 H11 N O2 S'  149.211 
PHE 'L-peptide linking' y PHENYLALANINE   ? 'C9 H11 N O2'    165.189 
PRO 'L-peptide linking' y PROLINE         ? 'C5 H9 N O2'     115.130 
SER 'L-peptide linking' y SERINE          ? 'C3 H7 N O3'     105.093 
THR 'L-peptide linking' y THREONINE       ? 'C4 H9 N O3'     119.119 
TRP 'L-peptide linking' y TRYPTOPHAN      ? 'C11 H12 N2 O2'  204.225 
TYR 'L-peptide linking' y TYROSINE        ? 'C9 H11 N O3'    181.189 
VAL 'L-peptide linking' y VALINE          ? 'C5 H11 N O2'    117.146 
# 
_exptl.absorpt_coefficient_mu     ? 
_exptl.absorpt_correction_T_max   ? 
_exptl.absorpt_correction_T_min   ? 
_exptl.absorpt_correction_type    ? 
_exptl.absorpt_process_details    ? 
_exptl.entry_id                   5XE2 
_exptl.crystals_number            1 
_exptl.details                    ? 
_exptl.method                     'X-RAY DIFFRACTION' 
_exptl.method_details             ? 
# 
_exptl_crystal.colour                      ? 
_exptl_crystal.density_diffrn              ? 
_exptl_crystal.density_Matthews            1.99 
_exptl_crystal.density_method              ? 
_exptl_crystal.density_percent_sol         38.16 
_exptl_crystal.description                 ? 
_exptl_crystal.F_000                       ? 
_exptl_crystal.id                          1 
_exptl_crystal.preparation                 ? 
_exptl_crystal.size_max                    ? 
_exptl_crystal.size_mid                    ? 
_exptl_crystal.size_min                    ? 
_exptl_crystal.size_rad                    ? 
_exptl_crystal.colour_lustre               ? 
_exptl_crystal.colour_modifier             ? 
_exptl_crystal.colour_primary              ? 
_exptl_crystal.density_meas                ? 
_exptl_crystal.density_meas_esd            ? 
_exptl_crystal.density_meas_gt             ? 
_exptl_crystal.density_meas_lt             ? 
_exptl_crystal.density_meas_temp           ? 
_exptl_crystal.density_meas_temp_esd       ? 
_exptl_crystal.density_meas_temp_gt        ? 
_exptl_crystal.density_meas_temp_lt        ? 
_exptl_crystal.pdbx_crystal_image_url      ? 
_exptl_crystal.pdbx_crystal_image_format   ? 
_exptl_crystal.pdbx_mosaicity              ? 
_exptl_crystal.pdbx_mosaicity_esd          ? 
# 
_exptl_crystal_grow.apparatus       ? 
_exptl_crystal_grow.atmosphere      ? 
_exptl_crystal_grow.crystal_id      1 
_exptl_crystal_grow.details         ? 
_exptl_crystal_grow.method          EVAPORATION 
_exptl_crystal_grow.method_ref      ? 
_exptl_crystal_grow.pH              7.0 
_exptl_crystal_grow.pressure        ? 
_exptl_crystal_grow.pressure_esd    ? 
_exptl_crystal_grow.seeding         ? 
_exptl_crystal_grow.seeding_ref     ? 
_exptl_crystal_grow.temp            293 
_exptl_crystal_grow.temp_details    ? 
_exptl_crystal_grow.temp_esd        ? 
_exptl_crystal_grow.time            ? 
_exptl_crystal_grow.pdbx_details    '0.2M sodium malonate at pH 7.0 and 20% (w/v) polyethylene glycol 3350' 
_exptl_crystal_grow.pdbx_pH_range   ? 
# 
_diffrn.ambient_environment    ? 
_diffrn.ambient_temp           100 
_diffrn.ambient_temp_details   ? 
_diffrn.ambient_temp_esd       ? 
_diffrn.crystal_id             1 
_diffrn.crystal_support        ? 
_diffrn.crystal_treatment      ? 
_diffrn.details                ? 
_diffrn.id                     1 
_diffrn.ambient_pressure       ? 
_diffrn.ambient_pressure_esd   ? 
_diffrn.ambient_pressure_gt    ? 
_diffrn.ambient_pressure_lt    ? 
_diffrn.ambient_temp_gt        ? 
_diffrn.ambient_temp_lt        ? 
# 
_diffrn_detector.details                      ? 
_diffrn_detector.detector                     CCD 
_diffrn_detector.diffrn_id                    1 
_diffrn_detector.type                         'ADSC QUANTUM 315r' 
_diffrn_detector.area_resol_mean              ? 
_diffrn_detector.dtime                        ? 
_diffrn_detector.pdbx_frames_total            ? 
_diffrn_detector.pdbx_collection_time_total   ? 
_diffrn_detector.pdbx_collection_date         2016-06-10 
# 
_diffrn_radiation.collimation                      ? 
_diffrn_radiation.diffrn_id                        1 
_diffrn_radiation.filter_edge                      ? 
_diffrn_radiation.inhomogeneity                    ? 
_diffrn_radiation.monochromator                    ? 
_diffrn_radiation.polarisn_norm                    ? 
_diffrn_radiation.polarisn_ratio                   ? 
_diffrn_radiation.probe                            ? 
_diffrn_radiation.type                             ? 
_diffrn_radiation.xray_symbol                      ? 
_diffrn_radiation.wavelength_id                    1 
_diffrn_radiation.pdbx_monochromatic_or_laue_m_l   M 
_diffrn_radiation.pdbx_wavelength_list             ? 
_diffrn_radiation.pdbx_wavelength                  ? 
_diffrn_radiation.pdbx_diffrn_protocol             'SINGLE WAVELENGTH' 
_diffrn_radiation.pdbx_analyzer                    ? 
_diffrn_radiation.pdbx_scattering_type             x-ray 
# 
_diffrn_radiation_wavelength.id           1 
_diffrn_radiation_wavelength.wavelength   0.9795 
_diffrn_radiation_wavelength.wt           1.0 
# 
_diffrn_source.current                     ? 
_diffrn_source.details                     ? 
_diffrn_source.diffrn_id                   1 
_diffrn_source.power                       ? 
_diffrn_source.size                        ? 
_diffrn_source.source                      SYNCHROTRON 
_diffrn_source.target                      ? 
_diffrn_source.type                        'PAL/PLS BEAMLINE 5C (4A)' 
_diffrn_source.voltage                     ? 
_diffrn_source.take-off_angle              ? 
_diffrn_source.pdbx_wavelength_list        0.9795 
_diffrn_source.pdbx_wavelength             ? 
_diffrn_source.pdbx_synchrotron_beamline   '5C (4A)' 
_diffrn_source.pdbx_synchrotron_site       PAL/PLS 
# 
_reflns.B_iso_Wilson_estimate            ? 
_reflns.entry_id                         5XE2 
_reflns.data_reduction_details           ? 
_reflns.data_reduction_method            ? 
_reflns.d_resolution_high                2.01 
_reflns.d_resolution_low                 30.000 
_reflns.details                          ? 
_reflns.limit_h_max                      ? 
_reflns.limit_h_min                      ? 
_reflns.limit_k_max                      ? 
_reflns.limit_k_min                      ? 
_reflns.limit_l_max                      ? 
_reflns.limit_l_min                      ? 
_reflns.number_all                       ? 
_reflns.number_obs                       7261 
_reflns.observed_criterion               ? 
_reflns.observed_criterion_F_max         ? 
_reflns.observed_criterion_F_min         ? 
_reflns.observed_criterion_I_max         ? 
_reflns.observed_criterion_I_min         ? 
_reflns.observed_criterion_sigma_F       ? 
_reflns.observed_criterion_sigma_I       ? 
_reflns.percent_possible_obs             97.500 
_reflns.R_free_details                   ? 
_reflns.Rmerge_F_all                     ? 
_reflns.Rmerge_F_obs                     ? 
_reflns.Friedel_coverage                 ? 
_reflns.number_gt                        ? 
_reflns.threshold_expression             ? 
_reflns.pdbx_redundancy                  7.900 
_reflns.pdbx_Rmerge_I_obs                0.146 
_reflns.pdbx_Rmerge_I_all                ? 
_reflns.pdbx_Rsym_value                  ? 
_reflns.pdbx_netI_over_av_sigmaI         ? 
_reflns.pdbx_netI_over_sigmaI            5.100 
_reflns.pdbx_res_netI_over_av_sigmaI_2   ? 
_reflns.pdbx_res_netI_over_sigmaI_2      ? 
_reflns.pdbx_chi_squared                 1.923 
_reflns.pdbx_scaling_rejects             ? 
_reflns.pdbx_d_res_high_opt              ? 
_reflns.pdbx_d_res_low_opt               ? 
_reflns.pdbx_d_res_opt_method            ? 
_reflns.phase_calculation_details        ? 
_reflns.pdbx_Rrim_I_all                  0.157 
_reflns.pdbx_Rpim_I_all                  0.054 
_reflns.pdbx_d_opt                       ? 
_reflns.pdbx_number_measured_all         ? 
_reflns.pdbx_diffrn_id                   1 
_reflns.pdbx_ordinal                     1 
_reflns.pdbx_CC_half                     ? 
_reflns.pdbx_R_split                     ? 
# 
loop_
_reflns_shell.d_res_high 
_reflns_shell.d_res_low 
_reflns_shell.meanI_over_sigI_all 
_reflns_shell.meanI_over_sigI_obs 
_reflns_shell.number_measured_all 
_reflns_shell.number_measured_obs 
_reflns_shell.number_possible 
_reflns_shell.number_unique_all 
_reflns_shell.number_unique_obs 
_reflns_shell.percent_possible_all 
_reflns_shell.percent_possible_obs 
_reflns_shell.Rmerge_F_all 
_reflns_shell.Rmerge_F_obs 
_reflns_shell.Rmerge_I_all 
_reflns_shell.Rmerge_I_obs 
_reflns_shell.meanI_over_sigI_gt 
_reflns_shell.meanI_over_uI_all 
_reflns_shell.meanI_over_uI_gt 
_reflns_shell.number_measured_gt 
_reflns_shell.number_unique_gt 
_reflns_shell.percent_possible_gt 
_reflns_shell.Rmerge_F_gt 
_reflns_shell.Rmerge_I_gt 
_reflns_shell.pdbx_redundancy 
_reflns_shell.pdbx_Rsym_value 
_reflns_shell.pdbx_chi_squared 
_reflns_shell.pdbx_netI_over_sigmaI_all 
_reflns_shell.pdbx_netI_over_sigmaI_obs 
_reflns_shell.pdbx_Rrim_I_all 
_reflns_shell.pdbx_Rpim_I_all 
_reflns_shell.pdbx_rejects 
_reflns_shell.pdbx_ordinal 
_reflns_shell.pdbx_diffrn_id 
_reflns_shell.pdbx_CC_half 
_reflns_shell.pdbx_R_split 
1.870 1.900  ? ? ? ? ? ? ? 92.500 ? ? ? ? 0.734 ? ? ? ? ? ? ? ? 7.700 ? 0.799 ? ? 0.787 0.273 ? 1  1 0.884 ? 
1.900 1.940  ? ? ? ? ? ? ? 93.900 ? ? ? ? 0.664 ? ? ? ? ? ? ? ? 8.000 ? 0.986 ? ? 0.709 0.241 ? 2  1 0.890 ? 
1.940 1.970  ? ? ? ? ? ? ? 95.500 ? ? ? ? 0.544 ? ? ? ? ? ? ? ? 8.000 ? 1.025 ? ? 0.581 0.197 ? 3  1 0.937 ? 
1.970 2.010  ? ? ? ? ? ? ? 97.600 ? ? ? ? 0.552 ? ? ? ? ? ? ? ? 8.000 ? 1.111 ? ? 0.590 0.204 ? 4  1 0.897 ? 
2.010 2.060  ? ? ? ? ? ? ? 97.500 ? ? ? ? 0.440 ? ? ? ? ? ? ? ? 7.900 ? 1.297 ? ? 0.471 0.165 ? 5  1 0.934 ? 
2.060 2.110  ? ? ? ? ? ? ? 98.300 ? ? ? ? 0.417 ? ? ? ? ? ? ? ? 7.800 ? 1.564 ? ? 0.446 0.154 ? 6  1 0.948 ? 
2.110 2.160  ? ? ? ? ? ? ? 97.800 ? ? ? ? 0.384 ? ? ? ? ? ? ? ? 7.400 ? 1.764 ? ? 0.413 0.145 ? 7  1 0.935 ? 
2.160 2.220  ? ? ? ? ? ? ? 96.800 ? ? ? ? 0.356 ? ? ? ? ? ? ? ? 7.400 ? 1.819 ? ? 0.382 0.135 ? 8  1 0.963 ? 
2.220 2.280  ? ? ? ? ? ? ? 98.000 ? ? ? ? 0.339 ? ? ? ? ? ? ? ? 8.300 ? 1.877 ? ? 0.361 0.121 ? 9  1 0.972 ? 
2.280 2.360  ? ? ? ? ? ? ? 96.900 ? ? ? ? 0.291 ? ? ? ? ? ? ? ? 8.600 ? 1.855 ? ? 0.310 0.105 ? 10 1 0.979 ? 
2.360 2.440  ? ? ? ? ? ? ? 98.100 ? ? ? ? 0.273 ? ? ? ? ? ? ? ? 8.300 ? 2.056 ? ? 0.291 0.098 ? 11 1 0.974 ? 
2.440 2.540  ? ? ? ? ? ? ? 98.600 ? ? ? ? 0.248 ? ? ? ? ? ? ? ? 8.200 ? 1.949 ? ? 0.265 0.091 ? 12 1 0.985 ? 
2.540 2.650  ? ? ? ? ? ? ? 97.800 ? ? ? ? 0.207 ? ? ? ? ? ? ? ? 8.000 ? 2.059 ? ? 0.221 0.077 ? 13 1 0.989 ? 
2.650 2.790  ? ? ? ? ? ? ? 98.600 ? ? ? ? 0.198 ? ? ? ? ? ? ? ? 7.100 ? 2.603 ? ? 0.213 0.077 ? 14 1 0.983 ? 
2.790 2.970  ? ? ? ? ? ? ? 97.600 ? ? ? ? 0.175 ? ? ? ? ? ? ? ? 7.600 ? 2.857 ? ? 0.188 0.067 ? 15 1 0.985 ? 
2.970 3.200  ? ? ? ? ? ? ? 98.900 ? ? ? ? 0.143 ? ? ? ? ? ? ? ? 8.200 ? 2.474 ? ? 0.152 0.051 ? 16 1 0.987 ? 
3.200 3.520  ? ? ? ? ? ? ? 99.000 ? ? ? ? 0.119 ? ? ? ? ? ? ? ? 8.000 ? 2.825 ? ? 0.128 0.044 ? 17 1 0.994 ? 
3.520 4.030  ? ? ? ? ? ? ? 99.200 ? ? ? ? 0.103 ? ? ? ? ? ? ? ? 7.200 ? 2.823 ? ? 0.111 0.040 ? 18 1 0.991 ? 
4.030 5.070  ? ? ? ? ? ? ? 99.200 ? ? ? ? 0.086 ? ? ? ? ? ? ? ? 7.900 ? 2.586 ? ? 0.092 0.031 ? 19 1 0.994 ? 
5.070 30.000 ? ? ? ? ? ? ? 97.600 ? ? ? ? 0.077 ? ? ? ? ? ? ? ? 7.700 ? 1.970 ? ? 0.082 0.029 ? 20 1 0.994 ? 
# 
_refine.aniso_B[1][1]                            0.0200 
_refine.aniso_B[1][2]                            0.0000 
_refine.aniso_B[1][3]                            0.0000 
_refine.aniso_B[2][2]                            -0.1300 
_refine.aniso_B[2][3]                            -0.0000 
_refine.aniso_B[3][3]                            0.1100 
_refine.B_iso_max                                57.440 
_refine.B_iso_mean                               23.8680 
_refine.B_iso_min                                12.970 
_refine.correlation_coeff_Fo_to_Fc               0.9390 
_refine.correlation_coeff_Fo_to_Fc_free          0.9250 
_refine.details                                  'HYDROGENS HAVE BEEN ADDED IN THE RIDING POSITIONS U VALUES' 
_refine.diff_density_max                         ? 
_refine.diff_density_max_esd                     ? 
_refine.diff_density_min                         ? 
_refine.diff_density_min_esd                     ? 
_refine.diff_density_rms                         ? 
_refine.diff_density_rms_esd                     ? 
_refine.entry_id                                 5XE2 
_refine.pdbx_refine_id                           'X-RAY DIFFRACTION' 
_refine.ls_abs_structure_details                 ? 
_refine.ls_abs_structure_Flack                   ? 
_refine.ls_abs_structure_Flack_esd               ? 
_refine.ls_abs_structure_Rogers                  ? 
_refine.ls_abs_structure_Rogers_esd              ? 
_refine.ls_d_res_high                            2.0100 
_refine.ls_d_res_low                             30.0000 
_refine.ls_extinction_coef                       ? 
_refine.ls_extinction_coef_esd                   ? 
_refine.ls_extinction_expression                 ? 
_refine.ls_extinction_method                     ? 
_refine.ls_goodness_of_fit_all                   ? 
_refine.ls_goodness_of_fit_all_esd               ? 
_refine.ls_goodness_of_fit_obs                   ? 
_refine.ls_goodness_of_fit_obs_esd               ? 
_refine.ls_hydrogen_treatment                    ? 
_refine.ls_matrix_type                           ? 
_refine.ls_number_constraints                    ? 
_refine.ls_number_parameters                     ? 
_refine.ls_number_reflns_all                     ? 
_refine.ls_number_reflns_obs                     6119 
_refine.ls_number_reflns_R_free                  307 
_refine.ls_number_reflns_R_work                  ? 
_refine.ls_number_restraints                     ? 
_refine.ls_percent_reflns_obs                    99.0300 
_refine.ls_percent_reflns_R_free                 4.8000 
_refine.ls_R_factor_all                          ? 
_refine.ls_R_factor_obs                          0.2046 
_refine.ls_R_factor_R_free                       0.2227 
_refine.ls_R_factor_R_free_error                 ? 
_refine.ls_R_factor_R_free_error_details         ? 
_refine.ls_R_factor_R_work                       0.2037 
_refine.ls_R_Fsqd_factor_obs                     ? 
_refine.ls_R_I_factor_obs                        ? 
_refine.ls_redundancy_reflns_all                 ? 
_refine.ls_redundancy_reflns_obs                 ? 
_refine.ls_restrained_S_all                      ? 
_refine.ls_restrained_S_obs                      ? 
_refine.ls_shift_over_esd_max                    ? 
_refine.ls_shift_over_esd_mean                   ? 
_refine.ls_structure_factor_coef                 ? 
_refine.ls_weighting_details                     ? 
_refine.ls_weighting_scheme                      ? 
_refine.ls_wR_factor_all                         ? 
_refine.ls_wR_factor_obs                         ? 
_refine.ls_wR_factor_R_free                      ? 
_refine.ls_wR_factor_R_work                      ? 
_refine.occupancy_max                            ? 
_refine.occupancy_min                            ? 
_refine.solvent_model_details                    ? 
_refine.solvent_model_param_bsol                 ? 
_refine.solvent_model_param_ksol                 ? 
_refine.ls_R_factor_gt                           ? 
_refine.ls_goodness_of_fit_gt                    ? 
_refine.ls_goodness_of_fit_ref                   ? 
_refine.ls_shift_over_su_max                     ? 
_refine.ls_shift_over_su_max_lt                  ? 
_refine.ls_shift_over_su_mean                    ? 
_refine.ls_shift_over_su_mean_lt                 ? 
_refine.pdbx_ls_sigma_I                          ? 
_refine.pdbx_ls_sigma_F                          0.000 
_refine.pdbx_ls_sigma_Fsqd                       ? 
_refine.pdbx_data_cutoff_high_absF               ? 
_refine.pdbx_data_cutoff_high_rms_absF           ? 
_refine.pdbx_data_cutoff_low_absF                ? 
_refine.pdbx_isotropic_thermal_model             ? 
_refine.pdbx_ls_cross_valid_method               THROUGHOUT 
_refine.pdbx_method_to_determine_struct          'MOLECULAR REPLACEMENT' 
_refine.pdbx_starting_model                      5XE3 
_refine.pdbx_stereochemistry_target_values       ? 
_refine.pdbx_R_Free_selection_details            RANDOM 
_refine.pdbx_stereochem_target_val_spec_case     ? 
_refine.pdbx_overall_ESU_R                       0.2370 
_refine.pdbx_overall_ESU_R_Free                  0.1710 
_refine.pdbx_solvent_vdw_probe_radii             1.2000 
_refine.pdbx_solvent_ion_probe_radii             0.8000 
_refine.pdbx_solvent_shrinkage_radii             0.8000 
_refine.pdbx_real_space_R                        ? 
_refine.pdbx_density_correlation                 ? 
_refine.pdbx_pd_number_of_powder_patterns        ? 
_refine.pdbx_pd_number_of_points                 ? 
_refine.pdbx_pd_meas_number_of_points            ? 
_refine.pdbx_pd_proc_ls_prof_R_factor            ? 
_refine.pdbx_pd_proc_ls_prof_wR_factor           ? 
_refine.pdbx_pd_Marquardt_correlation_coeff      ? 
_refine.pdbx_pd_Fsqrd_R_factor                   ? 
_refine.pdbx_pd_ls_matrix_band_width             ? 
_refine.pdbx_overall_phase_error                 ? 
_refine.pdbx_overall_SU_R_free_Cruickshank_DPI   ? 
_refine.pdbx_overall_SU_R_free_Blow_DPI          ? 
_refine.pdbx_overall_SU_R_Blow_DPI               ? 
_refine.pdbx_TLS_residual_ADP_flag               ? 
_refine.pdbx_diffrn_id                           1 
_refine.overall_SU_B                             4.3730 
_refine.overall_SU_ML                            0.1200 
_refine.overall_SU_R_Cruickshank_DPI             ? 
_refine.overall_SU_R_free                        ? 
_refine.overall_FOM_free_R_set                   ? 
_refine.overall_FOM_work_R_set                   ? 
_refine.pdbx_average_fsc_overall                 ? 
_refine.pdbx_average_fsc_work                    ? 
_refine.pdbx_average_fsc_free                    ? 
# 
_refine_hist.cycle_id                         final 
_refine_hist.pdbx_refine_id                   'X-RAY DIFFRACTION' 
_refine_hist.d_res_high                       2.0100 
_refine_hist.d_res_low                        30.0000 
_refine_hist.pdbx_number_atoms_ligand         0 
_refine_hist.number_atoms_solvent             59 
_refine_hist.number_atoms_total               860 
_refine_hist.pdbx_number_residues_total       104 
_refine_hist.pdbx_B_iso_mean_solvent          33.14 
_refine_hist.pdbx_number_atoms_protein        801 
_refine_hist.pdbx_number_atoms_nucleic_acid   0 
# 
loop_
_refine_ls_restr.pdbx_refine_id 
_refine_ls_restr.criterion 
_refine_ls_restr.dev_ideal 
_refine_ls_restr.dev_ideal_target 
_refine_ls_restr.number 
_refine_ls_restr.rejects 
_refine_ls_restr.type 
_refine_ls_restr.weight 
_refine_ls_restr.pdbx_restraint_function 
'X-RAY DIFFRACTION' ? 0.007  0.020  818  ? r_bond_refined_d       ? ? 
'X-RAY DIFFRACTION' ? 0.003  0.020  787  ? r_bond_other_d         ? ? 
'X-RAY DIFFRACTION' ? 1.182  1.962  1120 ? r_angle_refined_deg    ? ? 
'X-RAY DIFFRACTION' ? 0.874  3.000  1802 ? r_angle_other_deg      ? ? 
'X-RAY DIFFRACTION' ? 5.757  5.000  102  ? r_dihedral_angle_1_deg ? ? 
'X-RAY DIFFRACTION' ? 28.313 23.529 34   ? r_dihedral_angle_2_deg ? ? 
'X-RAY DIFFRACTION' ? 12.882 15.000 127  ? r_dihedral_angle_3_deg ? ? 
'X-RAY DIFFRACTION' ? 18.051 15.000 7    ? r_dihedral_angle_4_deg ? ? 
'X-RAY DIFFRACTION' ? 0.060  0.200  132  ? r_chiral_restr         ? ? 
'X-RAY DIFFRACTION' ? 0.005  0.021  918  ? r_gen_planes_refined   ? ? 
'X-RAY DIFFRACTION' ? 0.001  0.020  179  ? r_gen_planes_other     ? ? 
# 
_refine_ls_shell.pdbx_refine_id                   'X-RAY DIFFRACTION' 
_refine_ls_shell.d_res_high                       2.0100 
_refine_ls_shell.d_res_low                        2.0620 
_refine_ls_shell.number_reflns_all                433 
_refine_ls_shell.number_reflns_obs                ? 
_refine_ls_shell.number_reflns_R_free             21 
_refine_ls_shell.number_reflns_R_work             412 
_refine_ls_shell.percent_reflns_obs               89.8300 
_refine_ls_shell.percent_reflns_R_free            ? 
_refine_ls_shell.R_factor_all                     ? 
_refine_ls_shell.R_factor_obs                     ? 
_refine_ls_shell.R_factor_R_free                  0.3750 
_refine_ls_shell.R_factor_R_free_error            0.0000 
_refine_ls_shell.R_factor_R_work                  0.2170 
_refine_ls_shell.redundancy_reflns_all            ? 
_refine_ls_shell.redundancy_reflns_obs            ? 
_refine_ls_shell.wR_factor_all                    ? 
_refine_ls_shell.wR_factor_obs                    ? 
_refine_ls_shell.wR_factor_R_free                 ? 
_refine_ls_shell.wR_factor_R_work                 ? 
_refine_ls_shell.pdbx_total_number_of_bins_used   20 
_refine_ls_shell.pdbx_phase_error                 ? 
_refine_ls_shell.pdbx_fsc_work                    ? 
_refine_ls_shell.pdbx_fsc_free                    ? 
# 
_struct.entry_id                     5XE2 
_struct.title                        'Endoribonuclease from Mycobacterial species' 
_struct.pdbx_model_details           ? 
_struct.pdbx_formula_weight          ? 
_struct.pdbx_formula_weight_method   ? 
_struct.pdbx_model_type_details      ? 
_struct.pdbx_CASP_flag               N 
# 
_struct_keywords.entry_id        5XE2 
_struct_keywords.text            'endonuclease, HYDROLASE' 
_struct_keywords.pdbx_keywords   HYDROLASE 
# 
loop_
_struct_asym.id 
_struct_asym.pdbx_blank_PDB_chainid_flag 
_struct_asym.pdbx_modified 
_struct_asym.entity_id 
_struct_asym.details 
A N N 1 ? 
B N N 2 ? 
# 
loop_
_struct_conf.conf_type_id 
_struct_conf.id 
_struct_conf.pdbx_PDB_helix_id 
_struct_conf.beg_label_comp_id 
_struct_conf.beg_label_asym_id 
_struct_conf.beg_label_seq_id 
_struct_conf.pdbx_beg_PDB_ins_code 
_struct_conf.end_label_comp_id 
_struct_conf.end_label_asym_id 
_struct_conf.end_label_seq_id 
_struct_conf.pdbx_end_PDB_ins_code 
_struct_conf.beg_auth_comp_id 
_struct_conf.beg_auth_asym_id 
_struct_conf.beg_auth_seq_id 
_struct_conf.end_auth_comp_id 
_struct_conf.end_auth_asym_id 
_struct_conf.end_auth_seq_id 
_struct_conf.pdbx_PDB_helix_class 
_struct_conf.details 
_struct_conf.pdbx_PDB_helix_length 
HELX_P HELX_P1 AA1 ASN A 28 ? THR A 35  ? ASN A 28 THR A 35  1 ? 8  
HELX_P HELX_P2 AA2 ASP A 77 ? LEU A 79  ? ASP A 77 LEU A 79  5 ? 3  
HELX_P HELX_P3 AA3 THR A 87 ? LEU A 102 ? THR A 87 LEU A 102 1 ? 16 
# 
_struct_conf_type.id          HELX_P 
_struct_conf_type.criteria    ? 
_struct_conf_type.reference   ? 
# 
_struct_mon_prot_cis.pdbx_id                1 
_struct_mon_prot_cis.label_comp_id          TRP 
_struct_mon_prot_cis.label_seq_id           106 
_struct_mon_prot_cis.label_asym_id          A 
_struct_mon_prot_cis.label_alt_id           . 
_struct_mon_prot_cis.pdbx_PDB_ins_code      ? 
_struct_mon_prot_cis.auth_comp_id           TRP 
_struct_mon_prot_cis.auth_seq_id            106 
_struct_mon_prot_cis.auth_asym_id           A 
_struct_mon_prot_cis.pdbx_label_comp_id_2   PRO 
_struct_mon_prot_cis.pdbx_label_seq_id_2    107 
_struct_mon_prot_cis.pdbx_label_asym_id_2   A 
_struct_mon_prot_cis.pdbx_PDB_ins_code_2    ? 
_struct_mon_prot_cis.pdbx_auth_comp_id_2    PRO 
_struct_mon_prot_cis.pdbx_auth_seq_id_2     107 
_struct_mon_prot_cis.pdbx_auth_asym_id_2    A 
_struct_mon_prot_cis.pdbx_PDB_model_num     1 
_struct_mon_prot_cis.pdbx_omega_angle       -7.08 
# 
_struct_sheet.id               AA1 
_struct_sheet.type             ? 
_struct_sheet.number_strands   6 
_struct_sheet.details          ? 
# 
loop_
_struct_sheet_order.sheet_id 
_struct_sheet_order.range_id_1 
_struct_sheet_order.range_id_2 
_struct_sheet_order.offset 
_struct_sheet_order.sense 
AA1 1 2 ? anti-parallel 
AA1 2 3 ? anti-parallel 
AA1 3 4 ? anti-parallel 
AA1 4 5 ? anti-parallel 
AA1 5 6 ? anti-parallel 
# 
loop_
_struct_sheet_range.sheet_id 
_struct_sheet_range.id 
_struct_sheet_range.beg_label_comp_id 
_struct_sheet_range.beg_label_asym_id 
_struct_sheet_range.beg_label_seq_id 
_struct_sheet_range.pdbx_beg_PDB_ins_code 
_struct_sheet_range.end_label_comp_id 
_struct_sheet_range.end_label_asym_id 
_struct_sheet_range.end_label_seq_id 
_struct_sheet_range.pdbx_end_PDB_ins_code 
_struct_sheet_range.beg_auth_comp_id 
_struct_sheet_range.beg_auth_asym_id 
_struct_sheet_range.beg_auth_seq_id 
_struct_sheet_range.end_auth_comp_id 
_struct_sheet_range.end_auth_asym_id 
_struct_sheet_range.end_auth_seq_id 
AA1 1 TRP A 53 ? ALA A 55 ? TRP A 53 ALA A 55 
AA1 2 TYR A 65 ? GLY A 75 ? TYR A 65 GLY A 75 
AA1 3 ASP A 37 ? THR A 44 ? ASP A 37 THR A 44 
AA1 4 LYS A 21 ? ILE A 25 ? LYS A 21 ILE A 25 
AA1 5 GLN A 10 ? CYS A 14 ? GLN A 10 CYS A 14 
AA1 6 TYR A 82 ? GLU A 85 ? TYR A 82 GLU A 85 
# 
loop_
_pdbx_struct_sheet_hbond.sheet_id 
_pdbx_struct_sheet_hbond.range_id_1 
_pdbx_struct_sheet_hbond.range_id_2 
_pdbx_struct_sheet_hbond.range_1_label_atom_id 
_pdbx_struct_sheet_hbond.range_1_label_comp_id 
_pdbx_struct_sheet_hbond.range_1_label_asym_id 
_pdbx_struct_sheet_hbond.range_1_label_seq_id 
_pdbx_struct_sheet_hbond.range_1_PDB_ins_code 
_pdbx_struct_sheet_hbond.range_1_auth_atom_id 
_pdbx_struct_sheet_hbond.range_1_auth_comp_id 
_pdbx_struct_sheet_hbond.range_1_auth_asym_id 
_pdbx_struct_sheet_hbond.range_1_auth_seq_id 
_pdbx_struct_sheet_hbond.range_2_label_atom_id 
_pdbx_struct_sheet_hbond.range_2_label_comp_id 
_pdbx_struct_sheet_hbond.range_2_label_asym_id 
_pdbx_struct_sheet_hbond.range_2_label_seq_id 
_pdbx_struct_sheet_hbond.range_2_PDB_ins_code 
_pdbx_struct_sheet_hbond.range_2_auth_atom_id 
_pdbx_struct_sheet_hbond.range_2_auth_comp_id 
_pdbx_struct_sheet_hbond.range_2_auth_asym_id 
_pdbx_struct_sheet_hbond.range_2_auth_seq_id 
AA1 1 2 N VAL A 54 ? N VAL A 54 O VAL A 66 ? O VAL A 66 
AA1 2 3 O TYR A 65 ? O TYR A 65 N THR A 44 ? N THR A 44 
AA1 3 4 O VAL A 41 ? O VAL A 41 N LEU A 24 ? N LEU A 24 
AA1 4 5 O ILE A 25 ? O ILE A 25 N GLN A 10 ? N GLN A 10 
AA1 5 6 N VAL A 11 ? N VAL A 11 O LEU A 83 ? O LEU A 83 
# 
_atom_sites.entry_id                    5XE2 
_atom_sites.fract_transf_matrix[1][1]   0.01480667 
_atom_sites.fract_transf_matrix[1][2]   -0.01240547 
_atom_sites.fract_transf_matrix[1][3]   0.00594909 
_atom_sites.fract_transf_matrix[2][1]   -0.00711808 
_atom_sites.fract_transf_matrix[2][2]   -0.00210407 
_atom_sites.fract_transf_matrix[2][3]   0.01332859 
_atom_sites.fract_transf_matrix[3][1]   -0.00863639 
_atom_sites.fract_transf_matrix[3][2]   -0.01354527 
_atom_sites.fract_transf_matrix[3][3]   -0.00675050 
_atom_sites.fract_transf_vector[1]      -0.170570 
_atom_sites.fract_transf_vector[2]      -0.148051 
_atom_sites.fract_transf_vector[3]      0.155400 
# 
loop_
_atom_type.symbol 
C 
H 
N 
O 
S 
# 
loop_
_atom_site.group_PDB 
_atom_site.id 
_atom_site.type_symbol 
_atom_site.label_atom_id 
_atom_site.label_alt_id 
_atom_site.label_comp_id 
_atom_site.label_asym_id 
_atom_site.label_entity_id 
_atom_site.label_seq_id 
_atom_site.pdbx_PDB_ins_code 
_atom_site.Cartn_x 
_atom_site.Cartn_y 
_atom_site.Cartn_z 
_atom_site.occupancy 
_atom_site.B_iso_or_equiv 
_atom_site.pdbx_formal_charge 
_atom_site.auth_seq_id 
_atom_site.auth_comp_id 
_atom_site.auth_asym_id 
_atom_site.auth_atom_id 
_atom_site.pdbx_PDB_model_num 
ATOM   1    N N    . GLU A 1 1   ? 21.089  9.768   8.181   1.00 38.46 ? 1   GLU A N    1 
ATOM   2    C CA   . GLU A 1 1   ? 20.022  9.531   7.163   1.00 37.87 ? 1   GLU A CA   1 
ATOM   3    C C    . GLU A 1 1   ? 20.614  9.583   5.746   1.00 35.57 ? 1   GLU A C    1 
ATOM   4    O O    . GLU A 1 1   ? 21.131  10.613  5.304   1.00 36.26 ? 1   GLU A O    1 
ATOM   5    C CB   . GLU A 1 1   ? 18.883  10.532  7.336   1.00 39.76 ? 1   GLU A CB   1 
ATOM   6    C CG   . GLU A 1 1   ? 17.681  10.295  6.433   1.00 41.38 ? 1   GLU A CG   1 
ATOM   7    C CD   . GLU A 1 1   ? 17.800  10.953  5.073   1.00 43.89 ? 1   GLU A CD   1 
ATOM   8    O OE1  . GLU A 1 1   ? 18.497  11.975  4.920   1.00 46.73 ? 1   GLU A OE1  1 
ATOM   9    O OE2  . GLU A 1 1   ? 17.177  10.449  4.134   1.00 51.75 ? 1   GLU A OE2  1 
ATOM   10   H H1   . GLU A 1 1   ? 20.979  10.634  8.587   1.00 38.27 ? 1   GLU A H1   1 
ATOM   11   H H2   . GLU A 1 1   ? 21.028  9.091   8.862   1.00 38.25 ? 1   GLU A H2   1 
ATOM   12   H H3   . GLU A 1 1   ? 21.960  9.720   7.773   1.00 38.24 ? 1   GLU A H3   1 
ATOM   13   H HA   . GLU A 1 1   ? 19.648  8.640   7.320   1.00 37.77 ? 1   GLU A HA   1 
ATOM   14   H HB2  . GLU A 1 1   ? 18.564  10.463  8.249   1.00 39.67 ? 1   GLU A HB2  1 
ATOM   15   H HB3  . GLU A 1 1   ? 19.225  11.428  7.191   1.00 39.70 ? 1   GLU A HB3  1 
ATOM   16   H HG2  . GLU A 1 1   ? 17.577  9.341   6.295   1.00 41.59 ? 1   GLU A HG2  1 
ATOM   17   H HG3  . GLU A 1 1   ? 16.889  10.652  6.867   1.00 41.56 ? 1   GLU A HG3  1 
ATOM   18   N N    . PHE A 1 2   ? 20.528  8.451   5.058   1.00 31.13 ? 2   PHE A N    1 
ATOM   19   C CA   . PHE A 1 2   ? 21.273  8.196   3.833   1.00 28.97 ? 2   PHE A CA   1 
ATOM   20   C C    . PHE A 1 2   ? 20.396  7.887   2.615   1.00 27.71 ? 2   PHE A C    1 
ATOM   21   O O    . PHE A 1 2   ? 20.901  7.727   1.500   1.00 25.77 ? 2   PHE A O    1 
ATOM   22   C CB   . PHE A 1 2   ? 22.229  7.041   4.115   1.00 28.22 ? 2   PHE A CB   1 
ATOM   23   C CG   . PHE A 1 2   ? 23.194  7.337   5.229   1.00 27.25 ? 2   PHE A CG   1 
ATOM   24   C CD1  . PHE A 1 2   ? 24.407  7.972   4.964   1.00 27.71 ? 2   PHE A CD1  1 
ATOM   25   C CD2  . PHE A 1 2   ? 22.874  7.033   6.548   1.00 26.76 ? 2   PHE A CD2  1 
ATOM   26   C CE1  . PHE A 1 2   ? 25.291  8.270   5.998   1.00 26.93 ? 2   PHE A CE1  1 
ATOM   27   C CE2  . PHE A 1 2   ? 23.754  7.329   7.581   1.00 26.69 ? 2   PHE A CE2  1 
ATOM   28   C CZ   . PHE A 1 2   ? 24.963  7.945   7.306   1.00 26.78 ? 2   PHE A CZ   1 
ATOM   29   H H    . PHE A 1 2   ? 19.973  7.661   5.351   1.00 31.55 ? 2   PHE A H    1 
ATOM   30   H HA   . PHE A 1 2   ? 21.832  8.965   3.612   1.00 29.02 ? 2   PHE A HA   1 
ATOM   31   H HB2  . PHE A 1 2   ? 21.714  6.259   4.364   1.00 28.15 ? 2   PHE A HB2  1 
ATOM   32   H HB3  . PHE A 1 2   ? 22.745  6.857   3.314   1.00 28.15 ? 2   PHE A HB3  1 
ATOM   33   H HD1  . PHE A 1 2   ? 24.632  8.192   4.089   1.00 27.41 ? 2   PHE A HD1  1 
ATOM   34   H HD2  . PHE A 1 2   ? 22.064  6.618   6.740   1.00 26.86 ? 2   PHE A HD2  1 
ATOM   35   H HE1  . PHE A 1 2   ? 26.102  8.681   5.809   1.00 27.07 ? 2   PHE A HE1  1 
ATOM   36   H HE2  . PHE A 1 2   ? 23.536  7.106   8.456   1.00 26.77 ? 2   PHE A HE2  1 
ATOM   37   H HZ   . PHE A 1 2   ? 25.555  8.139   7.998   1.00 26.79 ? 2   PHE A HZ   1 
ATOM   38   N N    . MET A 1 3   ? 19.084  7.836   2.830   1.00 27.32 ? 3   MET A N    1 
ATOM   39   C CA   . MET A 1 3   ? 18.124  7.472   1.796   1.00 27.43 ? 3   MET A CA   1 
ATOM   40   C C    . MET A 1 3   ? 16.724  7.832   2.289   1.00 25.96 ? 3   MET A C    1 
ATOM   41   O O    . MET A 1 3   ? 16.519  8.122   3.474   1.00 25.06 ? 3   MET A O    1 
ATOM   42   C CB   . MET A 1 3   ? 18.228  5.976   1.468   1.00 29.39 ? 3   MET A CB   1 
ATOM   43   C CG   . MET A 1 3   ? 18.114  5.049   2.663   1.00 30.57 ? 3   MET A CG   1 
ATOM   44   S SD   . MET A 1 3   ? 18.389  3.310   2.258   1.00 33.69 ? 3   MET A SD   1 
ATOM   45   C CE   . MET A 1 3   ? 18.499  2.684   3.933   1.00 33.18 ? 3   MET A CE   1 
ATOM   46   H H    . MET A 1 3   ? 18.634  8.054   3.704   1.00 27.46 ? 3   MET A H    1 
ATOM   47   H HA   . MET A 1 3   ? 18.314  7.980   0.980   1.00 27.47 ? 3   MET A HA   1 
ATOM   48   H HB2  . MET A 1 3   ? 17.511  5.740   0.863   1.00 29.19 ? 3   MET A HB2  1 
ATOM   49   H HB3  . MET A 1 3   ? 19.082  5.805   1.041   1.00 29.16 ? 3   MET A HB3  1 
ATOM   50   H HG2  . MET A 1 3   ? 18.772  5.297   3.330   1.00 30.96 ? 3   MET A HG2  1 
ATOM   51   H HG3  . MET A 1 3   ? 17.222  5.121   3.037   1.00 30.95 ? 3   MET A HG3  1 
ATOM   52   H HE1  . MET A 1 3   ? 19.339  2.957   4.312   1.00 33.31 ? 3   MET A HE1  1 
ATOM   53   H HE2  . MET A 1 3   ? 18.440  1.728   3.915   1.00 33.26 ? 3   MET A HE2  1 
ATOM   54   H HE3  . MET A 1 3   ? 17.774  3.048   4.448   1.00 33.31 ? 3   MET A HE3  1 
ATOM   55   N N    . ASN A 1 4   ? 15.760  7.817   1.381   1.00 24.03 ? 4   ASN A N    1 
ATOM   56   C CA   . ASN A 1 4   ? 14.392  8.203   1.726   1.00 23.12 ? 4   ASN A CA   1 
ATOM   57   C C    . ASN A 1 4   ? 13.794  7.241   2.766   1.00 22.32 ? 4   ASN A C    1 
ATOM   58   O O    . ASN A 1 4   ? 14.242  6.095   2.891   1.00 21.70 ? 4   ASN A O    1 
ATOM   59   C CB   . ASN A 1 4   ? 13.529  8.274   0.461   1.00 23.73 ? 4   ASN A CB   1 
ATOM   60   C CG   . ASN A 1 4   ? 14.043  9.301   -0.549  1.00 24.33 ? 4   ASN A CG   1 
ATOM   61   O OD1  . ASN A 1 4   ? 14.833  10.192  -0.214  1.00 23.80 ? 4   ASN A OD1  1 
ATOM   62   N ND2  . ASN A 1 4   ? 13.606  9.169   -1.801  1.00 24.73 ? 4   ASN A ND2  1 
ATOM   63   H H    . ASN A 1 4   ? 15.901  7.527   0.424   1.00 24.25 ? 4   ASN A H    1 
ATOM   64   H HA   . ASN A 1 4   ? 14.407  9.095   2.130   1.00 23.26 ? 4   ASN A HA   1 
ATOM   65   H HB2  . ASN A 1 4   ? 13.528  7.405   0.031   1.00 23.72 ? 4   ASN A HB2  1 
ATOM   66   H HB3  . ASN A 1 4   ? 12.626  8.525   0.710   1.00 23.72 ? 4   ASN A HB3  1 
ATOM   67   H HD21 . ASN A 1 4   ? 13.933  9.775   -2.499  1.00 24.60 ? 4   ASN A HD21 1 
ATOM   68   H HD22 . ASN A 1 4   ? 12.961  8.467   -2.028  1.00 24.59 ? 4   ASN A HD22 1 
ATOM   69   N N    . ALA A 1 5   ? 12.827  7.736   3.534   1.00 21.42 ? 5   ALA A N    1 
ATOM   70   C CA   . ALA A 1 5   ? 12.164  6.976   4.593   1.00 21.36 ? 5   ALA A CA   1 
ATOM   71   C C    . ALA A 1 5   ? 10.652  6.997   4.381   1.00 21.34 ? 5   ALA A C    1 
ATOM   72   O O    . ALA A 1 5   ? 9.933   7.717   5.073   1.00 20.53 ? 5   ALA A O    1 
ATOM   73   C CB   . ALA A 1 5   ? 12.515  7.545   5.962   1.00 21.54 ? 5   ALA A CB   1 
ATOM   74   H H    . ALA A 1 5   ? 12.475  8.678   3.445   1.00 21.62 ? 5   ALA A H    1 
ATOM   75   H HA   . ALA A 1 5   ? 12.456  6.043   4.595   1.00 21.40 ? 5   ALA A HA   1 
ATOM   76   H HB1  . ALA A 1 5   ? 13.452  7.413   6.118   1.00 21.47 ? 5   ALA A HB1  1 
ATOM   77   H HB2  . ALA A 1 5   ? 12.006  7.086   6.635   1.00 21.47 ? 5   ALA A HB2  1 
ATOM   78   H HB3  . ALA A 1 5   ? 12.311  8.483   5.976   1.00 21.47 ? 5   ALA A HB3  1 
ATOM   79   N N    . PRO A 1 6   ? 10.159  6.205   3.415   1.00 21.26 ? 6   PRO A N    1 
ATOM   80   C CA   . PRO A 1 6   ? 8.705   6.161   3.219   1.00 21.25 ? 6   PRO A CA   1 
ATOM   81   C C    . PRO A 1 6   ? 7.969   5.577   4.423   1.00 20.68 ? 6   PRO A C    1 
ATOM   82   O O    . PRO A 1 6   ? 8.555   4.840   5.220   1.00 20.60 ? 6   PRO A O    1 
ATOM   83   C CB   . PRO A 1 6   ? 8.533   5.286   1.969   1.00 20.96 ? 6   PRO A CB   1 
ATOM   84   C CG   . PRO A 1 6   ? 9.815   4.553   1.819   1.00 21.19 ? 6   PRO A CG   1 
ATOM   85   C CD   . PRO A 1 6   ? 10.881  5.421   2.398   1.00 21.20 ? 6   PRO A CD   1 
ATOM   86   H HA   . PRO A 1 6   ? 8.359   7.059   3.030   1.00 21.08 ? 6   PRO A HA   1 
ATOM   87   H HB2  . PRO A 1 6   ? 7.796   4.665   2.089   1.00 21.08 ? 6   PRO A HB2  1 
ATOM   88   H HB3  . PRO A 1 6   ? 8.375   5.853   1.199   1.00 21.08 ? 6   PRO A HB3  1 
ATOM   89   H HG2  . PRO A 1 6   ? 9.765   3.723   2.316   1.00 21.11 ? 6   PRO A HG2  1 
ATOM   90   H HG3  . PRO A 1 6   ? 9.984   4.381   0.879   1.00 21.13 ? 6   PRO A HG3  1 
ATOM   91   H HD2  . PRO A 1 6   ? 11.562  4.871   2.811   1.00 21.21 ? 6   PRO A HD2  1 
ATOM   92   H HD3  . PRO A 1 6   ? 11.253  6.004   1.718   1.00 21.21 ? 6   PRO A HD3  1 
ATOM   93   N N    . LEU A 1 7   ? 6.692   5.920   4.539   1.00 20.15 ? 7   LEU A N    1 
ATOM   94   C CA   . LEU A 1 7   ? 5.859   5.511   5.664   1.00 19.37 ? 7   LEU A CA   1 
ATOM   95   C C    . LEU A 1 7   ? 4.707   4.605   5.243   1.00 18.71 ? 7   LEU A C    1 
ATOM   96   O O    . LEU A 1 7   ? 4.107   4.778   4.169   1.00 17.83 ? 7   LEU A O    1 
ATOM   97   C CB   . LEU A 1 7   ? 5.310   6.751   6.383   1.00 19.73 ? 7   LEU A CB   1 
ATOM   98   C CG   . LEU A 1 7   ? 6.367   7.726   6.907   1.00 20.26 ? 7   LEU A CG   1 
ATOM   99   C CD1  . LEU A 1 7   ? 5.716   9.022   7.373   1.00 20.80 ? 7   LEU A CD1  1 
ATOM   100  C CD2  . LEU A 1 7   ? 7.155   7.085   8.042   1.00 20.44 ? 7   LEU A CD2  1 
ATOM   101  H H    . LEU A 1 7   ? 6.202   6.468   3.853   1.00 20.10 ? 7   LEU A H    1 
ATOM   102  H HA   . LEU A 1 7   ? 6.402   5.021   6.308   1.00 19.45 ? 7   LEU A HA   1 
ATOM   103  H HB2  . LEU A 1 7   ? 4.734   7.236   5.775   1.00 19.77 ? 7   LEU A HB2  1 
ATOM   104  H HB3  . LEU A 1 7   ? 4.786   6.453   7.144   1.00 19.77 ? 7   LEU A HB3  1 
ATOM   105  H HG   . LEU A 1 7   ? 6.988   7.947   6.196   1.00 20.29 ? 7   LEU A HG   1 
ATOM   106  H HD11 . LEU A 1 7   ? 5.222   9.407   6.648   1.00 20.63 ? 7   LEU A HD11 1 
ATOM   107  H HD12 . LEU A 1 7   ? 6.400   9.629   7.662   1.00 20.63 ? 7   LEU A HD12 1 
ATOM   108  H HD13 . LEU A 1 7   ? 5.123   8.827   8.103   1.00 20.63 ? 7   LEU A HD13 1 
ATOM   109  H HD21 . LEU A 1 7   ? 6.543   6.710   8.681   1.00 20.37 ? 7   LEU A HD21 1 
ATOM   110  H HD22 . LEU A 1 7   ? 7.694   7.759   8.463   1.00 20.38 ? 7   LEU A HD22 1 
ATOM   111  H HD23 . LEU A 1 7   ? 7.720   6.396   7.685   1.00 20.37 ? 7   LEU A HD23 1 
ATOM   112  N N    . ARG A 1 8   ? 4.383   3.656   6.116   1.00 17.83 ? 8   ARG A N    1 
ATOM   113  C CA   . ARG A 1 8   ? 3.222   2.793   5.940   1.00 17.63 ? 8   ARG A CA   1 
ATOM   114  C C    . ARG A 1 8   ? 1.978   3.669   5.758   1.00 17.67 ? 8   ARG A C    1 
ATOM   115  O O    . ARG A 1 8   ? 1.827   4.685   6.445   1.00 16.86 ? 8   ARG A O    1 
ATOM   116  C CB   . ARG A 1 8   ? 3.060   1.869   7.140   1.00 17.75 ? 8   ARG A CB   1 
ATOM   117  C CG   . ARG A 1 8   ? 2.151   0.690   6.880   1.00 17.75 ? 8   ARG A CG   1 
ATOM   118  C CD   . ARG A 1 8   ? 2.276   -0.371  7.957   1.00 17.70 ? 8   ARG A CD   1 
ATOM   119  N NE   . ARG A 1 8   ? 1.554   -1.577  7.568   1.00 17.81 ? 8   ARG A NE   1 
ATOM   120  C CZ   . ARG A 1 8   ? 0.238   -1.775  7.685   1.00 17.83 ? 8   ARG A CZ   1 
ATOM   121  N NH1  . ARG A 1 8   ? -0.570  -0.843  8.196   1.00 17.84 ? 8   ARG A NH1  1 
ATOM   122  N NH2  . ARG A 1 8   ? -0.278  -2.933  7.280   1.00 17.38 ? 8   ARG A NH2  1 
ATOM   123  H H    . ARG A 1 8   ? 4.910   3.470   6.955   1.00 18.00 ? 8   ARG A H    1 
ATOM   124  H HA   . ARG A 1 8   ? 3.348   2.246   5.137   1.00 17.69 ? 8   ARG A HA   1 
ATOM   125  H HB2  . ARG A 1 8   ? 3.929   1.513   7.382   1.00 17.72 ? 8   ARG A HB2  1 
ATOM   126  H HB3  . ARG A 1 8   ? 2.692   2.371   7.883   1.00 17.72 ? 8   ARG A HB3  1 
ATOM   127  H HG2  . ARG A 1 8   ? 1.230   0.996   6.862   1.00 17.74 ? 8   ARG A HG2  1 
ATOM   128  H HG3  . ARG A 1 8   ? 2.386   0.286   6.031   1.00 17.74 ? 8   ARG A HG3  1 
ATOM   129  H HD2  . ARG A 1 8   ? 3.210   -0.610  8.059   1.00 17.74 ? 8   ARG A HD2  1 
ATOM   130  H HD3  . ARG A 1 8   ? 1.927   -0.037  8.797   1.00 17.74 ? 8   ARG A HD3  1 
ATOM   131  H HE   . ARG A 1 8   ? 2.085   -2.289  7.177   1.00 17.76 ? 8   ARG A HE   1 
ATOM   132  H HH11 . ARG A 1 8   ? -0.270  -0.085  8.463   1.00 17.82 ? 8   ARG A HH11 1 
ATOM   133  H HH12 . ARG A 1 8   ? -1.415  -0.998  8.258   1.00 17.82 ? 8   ARG A HH12 1 
ATOM   134  H HH21 . ARG A 1 8   ? 0.227   -3.545  6.950   1.00 17.52 ? 8   ARG A HH21 1 
ATOM   135  H HH22 . ARG A 1 8   ? -1.124  -3.078  7.349   1.00 17.52 ? 8   ARG A HH22 1 
ATOM   136  N N    . GLY A 1 9   ? 1.138   3.320   4.785   1.00 17.17 ? 9   GLY A N    1 
ATOM   137  C CA   . GLY A 1 9   ? -0.054  4.116   4.468   1.00 17.63 ? 9   GLY A CA   1 
ATOM   138  C C    . GLY A 1 9   ? 0.119   5.163   3.372   1.00 17.90 ? 9   GLY A C    1 
ATOM   139  O O    . GLY A 1 9   ? -0.872  5.678   2.861   1.00 17.70 ? 9   GLY A O    1 
ATOM   140  H H    . GLY A 1 9   ? 1.244   2.502   4.202   1.00 17.39 ? 9   GLY A H    1 
ATOM   141  H HA2  . GLY A 1 9   ? -0.747  3.512   4.178   1.00 17.61 ? 9   GLY A HA2  1 
ATOM   142  H HA3  . GLY A 1 9   ? -0.381  4.566   5.262   1.00 17.58 ? 9   GLY A HA3  1 
ATOM   143  N N    . GLN A 1 10  ? 1.362   5.486   3.012   1.00 18.12 ? 10  GLN A N    1 
ATOM   144  C CA   . GLN A 1 10  ? 1.628   6.412   1.910   1.00 18.80 ? 10  GLN A CA   1 
ATOM   145  C C    . GLN A 1 10  ? 1.497   5.735   0.556   1.00 18.63 ? 10  GLN A C    1 
ATOM   146  O O    . GLN A 1 10  ? 1.735   4.522   0.426   1.00 18.29 ? 10  GLN A O    1 
ATOM   147  C CB   . GLN A 1 10  ? 3.016   7.014   2.033   1.00 19.31 ? 10  GLN A CB   1 
ATOM   148  C CG   . GLN A 1 10  ? 3.192   7.882   3.268   1.00 19.88 ? 10  GLN A CG   1 
ATOM   149  C CD   . GLN A 1 10  ? 4.569   8.517   3.340   1.00 20.77 ? 10  GLN A CD   1 
ATOM   150  O OE1  . GLN A 1 10  ? 5.535   8.016   2.753   1.00 19.43 ? 10  GLN A OE1  1 
ATOM   151  N NE2  . GLN A 1 10  ? 4.675   9.617   4.092   1.00 21.85 ? 10  GLN A NE2  1 
ATOM   152  H H    . GLN A 1 10  ? 2.202   5.138   3.448   1.00 18.23 ? 10  GLN A H    1 
ATOM   153  H HA   . GLN A 1 10  ? 0.991   7.153   1.952   1.00 18.75 ? 10  GLN A HA   1 
ATOM   154  H HB2  . GLN A 1 10  ? 3.665   6.296   2.070   1.00 19.32 ? 10  GLN A HB2  1 
ATOM   155  H HB3  . GLN A 1 10  ? 3.194   7.561   1.253   1.00 19.36 ? 10  GLN A HB3  1 
ATOM   156  H HG2  . GLN A 1 10  ? 2.529   8.588   3.257   1.00 20.00 ? 10  GLN A HG2  1 
ATOM   157  H HG3  . GLN A 1 10  ? 3.077   7.332   4.058   1.00 19.95 ? 10  GLN A HG3  1 
ATOM   158  H HE21 . GLN A 1 10  ? 5.420   10.048  4.117   1.00 21.49 ? 10  GLN A HE21 1 
ATOM   159  H HE22 . GLN A 1 10  ? 4.003   9.898   4.551   1.00 21.49 ? 10  GLN A HE22 1 
ATOM   160  N N    . VAL A 1 11  ? 1.148   6.540   -0.452  1.00 18.89 ? 11  VAL A N    1 
ATOM   161  C CA   . VAL A 1 11  ? 0.934   6.075   -1.822  1.00 19.07 ? 11  VAL A CA   1 
ATOM   162  C C    . VAL A 1 11  ? 1.882   6.810   -2.769  1.00 19.69 ? 11  VAL A C    1 
ATOM   163  O O    . VAL A 1 11  ? 1.936   8.043   -2.768  1.00 19.50 ? 11  VAL A O    1 
ATOM   164  C CB   . VAL A 1 11  ? -0.537  6.279   -2.272  1.00 19.39 ? 11  VAL A CB   1 
ATOM   165  C CG1  . VAL A 1 11  ? -0.730  5.850   -3.726  1.00 19.59 ? 11  VAL A CG1  1 
ATOM   166  C CG2  . VAL A 1 11  ? -1.490  5.503   -1.371  1.00 20.00 ? 11  VAL A CG2  1 
ATOM   167  H H    . VAL A 1 11  ? 1.008   7.535   -0.350  1.00 18.86 ? 11  VAL A H    1 
ATOM   168  H HA   . VAL A 1 11  ? 1.114   5.119   -1.876  1.00 19.20 ? 11  VAL A HA   1 
ATOM   169  H HB   . VAL A 1 11  ? -0.763  7.230   -2.204  1.00 19.48 ? 11  VAL A HB   1 
ATOM   170  H HG11 . VAL A 1 11  ? -0.407  6.543   -4.306  1.00 19.58 ? 11  VAL A HG11 1 
ATOM   171  H HG12 . VAL A 1 11  ? -1.665  5.705   -3.896  1.00 19.59 ? 11  VAL A HG12 1 
ATOM   172  H HG13 . VAL A 1 11  ? -0.240  5.038   -3.879  1.00 19.55 ? 11  VAL A HG13 1 
ATOM   173  H HG21 . VAL A 1 11  ? -1.247  4.574   -1.389  1.00 19.80 ? 11  VAL A HG21 1 
ATOM   174  H HG22 . VAL A 1 11  ? -2.388  5.612   -1.692  1.00 19.80 ? 11  VAL A HG22 1 
ATOM   175  H HG23 . VAL A 1 11  ? -1.425  5.840   -0.475  1.00 19.80 ? 11  VAL A HG23 1 
ATOM   176  N N    . TYR A 1 12  ? 2.612   6.044   -3.577  1.00 20.47 ? 12  TYR A N    1 
ATOM   177  C CA   . TYR A 1 12  ? 3.568   6.579   -4.545  1.00 22.19 ? 12  TYR A CA   1 
ATOM   178  C C    . TYR A 1 12  ? 3.301   6.045   -5.956  1.00 24.28 ? 12  TYR A C    1 
ATOM   179  O O    . TYR A 1 12  ? 3.009   4.853   -6.122  1.00 24.18 ? 12  TYR A O    1 
ATOM   180  C CB   . TYR A 1 12  ? 4.996   6.196   -4.137  1.00 22.08 ? 12  TYR A CB   1 
ATOM   181  C CG   . TYR A 1 12  ? 5.476   6.845   -2.857  1.00 22.08 ? 12  TYR A CG   1 
ATOM   182  C CD1  . TYR A 1 12  ? 5.211   6.267   -1.614  1.00 21.70 ? 12  TYR A CD1  1 
ATOM   183  C CD2  . TYR A 1 12  ? 6.210   8.031   -2.888  1.00 22.01 ? 12  TYR A CD2  1 
ATOM   184  C CE1  . TYR A 1 12  ? 5.662   6.852   -0.436  1.00 22.31 ? 12  TYR A CE1  1 
ATOM   185  C CE2  . TYR A 1 12  ? 6.656   8.636   -1.721  1.00 22.13 ? 12  TYR A CE2  1 
ATOM   186  C CZ   . TYR A 1 12  ? 6.386   8.047   -0.496  1.00 22.56 ? 12  TYR A CZ   1 
ATOM   187  O OH   . TYR A 1 12  ? 6.831   8.656   0.658   1.00 22.06 ? 12  TYR A OH   1 
ATOM   188  H H    . TYR A 1 12  ? 2.570   5.035   -3.592  1.00 20.66 ? 12  TYR A H    1 
ATOM   189  H HA   . TYR A 1 12  ? 3.515   7.551   -4.563  1.00 22.23 ? 12  TYR A HA   1 
ATOM   190  H HB2  . TYR A 1 12  ? 5.035   5.236   -4.012  1.00 22.11 ? 12  TYR A HB2  1 
ATOM   191  H HB3  . TYR A 1 12  ? 5.606   6.460   -4.844  1.00 22.11 ? 12  TYR A HB3  1 
ATOM   192  H HD1  . TYR A 1 12  ? 4.730   5.471   -1.573  1.00 21.93 ? 12  TYR A HD1  1 
ATOM   193  H HD2  . TYR A 1 12  ? 6.393   8.431   -3.706  1.00 22.05 ? 12  TYR A HD2  1 
ATOM   194  H HE1  . TYR A 1 12  ? 5.472   6.459   0.386   1.00 22.21 ? 12  TYR A HE1  1 
ATOM   195  H HE2  . TYR A 1 12  ? 7.140   9.428   -1.760  1.00 22.20 ? 12  TYR A HE2  1 
ATOM   196  N N    . ARG A 1 13  ? 3.423   6.917   -6.963  1.00 26.84 ? 13  ARG A N    1 
ATOM   197  C CA   . ARG A 1 13  ? 3.460   6.496   -8.372  1.00 29.32 ? 13  ARG A CA   1 
ATOM   198  C C    . ARG A 1 13  ? 4.763   5.774   -8.647  1.00 30.22 ? 13  ARG A C    1 
ATOM   199  O O    . ARG A 1 13  ? 5.818   6.298   -8.336  1.00 32.12 ? 13  ARG A O    1 
ATOM   200  C CB   . ARG A 1 13  ? 3.359   7.693   -9.331  1.00 31.35 ? 13  ARG A CB   1 
ATOM   201  C CG   . ARG A 1 13  ? 1.962   8.262   -9.462  1.00 33.71 ? 13  ARG A CG   1 
ATOM   202  C CD   . ARG A 1 13  ? 1.857   9.371   -10.502 1.00 35.06 ? 13  ARG A CD   1 
ATOM   203  N NE   . ARG A 1 13  ? 1.833   8.879   -11.889 1.00 36.98 ? 13  ARG A NE   1 
ATOM   204  C CZ   . ARG A 1 13  ? 2.736   9.141   -12.845 1.00 37.36 ? 13  ARG A CZ   1 
ATOM   205  N NH1  . ARG A 1 13  ? 3.809   9.911   -12.627 1.00 38.68 ? 13  ARG A NH1  1 
ATOM   206  N NH2  . ARG A 1 13  ? 2.557   8.618   -14.058 1.00 37.35 ? 13  ARG A NH2  1 
ATOM   207  H H    . ARG A 1 13  ? 3.497   7.916   -6.831  1.00 26.78 ? 13  ARG A H    1 
ATOM   208  H HA   . ARG A 1 13  ? 2.709   5.892   -8.554  1.00 29.36 ? 13  ARG A HA   1 
ATOM   209  H HB2  . ARG A 1 13  ? 3.943   8.403   -9.022  1.00 31.36 ? 13  ARG A HB2  1 
ATOM   210  H HB3  . ARG A 1 13  ? 3.635   7.411   -10.217 1.00 31.37 ? 13  ARG A HB3  1 
ATOM   211  H HG2  . ARG A 1 13  ? 1.349   7.553   -9.710  1.00 33.44 ? 13  ARG A HG2  1 
ATOM   212  H HG3  . ARG A 1 13  ? 1.712   8.638   -8.607  1.00 33.43 ? 13  ARG A HG3  1 
ATOM   213  H HD2  . ARG A 1 13  ? 1.015   9.827   -10.359 1.00 35.17 ? 13  ARG A HD2  1 
ATOM   214  H HD3  . ARG A 1 13  ? 2.584   9.991   -10.365 1.00 35.17 ? 13  ARG A HD3  1 
ATOM   215  H HE   . ARG A 1 13  ? 1.093   8.297   -12.119 1.00 36.61 ? 13  ARG A HE   1 
ATOM   216  H HH11 . ARG A 1 13  ? 3.963   10.269  -11.864 1.00 38.20 ? 13  ARG A HH11 1 
ATOM   217  H HH12 . ARG A 1 13  ? 4.365   10.055  -13.267 1.00 38.22 ? 13  ARG A HH12 1 
ATOM   218  H HH21 . ARG A 1 13  ? 1.876   8.119   -14.222 1.00 37.35 ? 13  ARG A HH21 1 
ATOM   219  H HH22 . ARG A 1 13  ? 3.126   8.772   -14.684 1.00 37.36 ? 13  ARG A HH22 1 
ATOM   220  N N    . CYS A 1 14  ? 4.698   4.580   -9.230  1.00 31.58 ? 14  CYS A N    1 
ATOM   221  C CA   . CYS A 1 14  ? 5.901   3.796   -9.524  1.00 33.15 ? 14  CYS A CA   1 
ATOM   222  C C    . CYS A 1 14  ? 5.757   3.066   -10.856 1.00 35.22 ? 14  CYS A C    1 
ATOM   223  O O    . CYS A 1 14  ? 4.725   2.444   -11.105 1.00 34.67 ? 14  CYS A O    1 
ATOM   224  C CB   . CYS A 1 14  ? 6.158   2.779   -8.410  1.00 33.54 ? 14  CYS A CB   1 
ATOM   225  S SG   . CYS A 1 14  ? 6.049   3.455   -6.729  1.00 34.80 ? 14  CYS A SG   1 
ATOM   226  H H    . CYS A 1 14  ? 3.839   4.126   -9.506  1.00 31.61 ? 14  CYS A H    1 
ATOM   227  H HA   . CYS A 1 14  ? 6.685   4.380   -9.581  1.00 33.30 ? 14  CYS A HA   1 
ATOM   228  H HB2  . CYS A 1 14  ? 5.502   2.067   -8.479  1.00 33.73 ? 14  CYS A HB2  1 
ATOM   229  H HB3  . CYS A 1 14  ? 7.049   2.413   -8.524  1.00 33.69 ? 14  CYS A HB3  1 
ATOM   230  N N    . ASP A 1 15  ? 6.781   3.147   -11.704 1.00 36.58 ? 15  ASP A N    1 
ATOM   231  C CA   . ASP A 1 15  ? 6.839   2.345   -12.933 1.00 39.83 ? 15  ASP A CA   1 
ATOM   232  C C    . ASP A 1 15  ? 7.821   1.197   -12.724 1.00 40.06 ? 15  ASP A C    1 
ATOM   233  O O    . ASP A 1 15  ? 8.998   1.439   -12.454 1.00 39.59 ? 15  ASP A O    1 
ATOM   234  C CB   . ASP A 1 15  ? 7.267   3.204   -14.129 1.00 41.91 ? 15  ASP A CB   1 
ATOM   235  C CG   . ASP A 1 15  ? 6.986   2.529   -15.464 1.00 43.08 ? 15  ASP A CG   1 
ATOM   236  O OD1  . ASP A 1 15  ? 7.142   1.294   -15.572 1.00 44.00 ? 15  ASP A OD1  1 
ATOM   237  O OD2  . ASP A 1 15  ? 6.603   3.241   -16.411 1.00 46.19 ? 15  ASP A OD2  1 
ATOM   238  H H    . ASP A 1 15  ? 7.583   3.749   -11.581 1.00 36.96 ? 15  ASP A H    1 
ATOM   239  H HA   . ASP A 1 15  ? 5.958   1.972   -13.146 1.00 39.59 ? 15  ASP A HA   1 
ATOM   240  H HB2  . ASP A 1 15  ? 6.770   4.037   -14.108 1.00 41.69 ? 15  ASP A HB2  1 
ATOM   241  H HB3  . ASP A 1 15  ? 8.217   3.387   -14.078 1.00 41.66 ? 15  ASP A HB3  1 
ATOM   242  N N    . LEU A 1 16  ? 7.334   -0.042  -12.852 1.00 41.17 ? 16  LEU A N    1 
ATOM   243  C CA   . LEU A 1 16  ? 8.125   -1.254  -12.580 1.00 42.68 ? 16  LEU A CA   1 
ATOM   244  C C    . LEU A 1 16  ? 8.405   -2.059  -13.852 1.00 44.32 ? 16  LEU A C    1 
ATOM   245  O O    . LEU A 1 16  ? 7.979   -1.682  -14.946 1.00 48.49 ? 16  LEU A O    1 
ATOM   246  C CB   . LEU A 1 16  ? 7.397   -2.141  -11.565 1.00 41.74 ? 16  LEU A CB   1 
ATOM   247  C CG   . LEU A 1 16  ? 6.813   -1.474  -10.310 1.00 41.18 ? 16  LEU A CG   1 
ATOM   248  C CD1  . LEU A 1 16  ? 6.260   -2.550  -9.391  1.00 41.32 ? 16  LEU A CD1  1 
ATOM   249  C CD2  . LEU A 1 16  ? 7.832   -0.613  -9.571  1.00 41.02 ? 16  LEU A CD2  1 
ATOM   250  H H    . LEU A 1 16  ? 6.390   -0.250  -13.146 1.00 41.24 ? 16  LEU A H    1 
ATOM   251  H HA   . LEU A 1 16  ? 8.991   -1.019  -12.187 1.00 42.47 ? 16  LEU A HA   1 
ATOM   252  H HB2  . LEU A 1 16  ? 6.657   -2.576  -12.018 1.00 41.82 ? 16  LEU A HB2  1 
ATOM   253  H HB3  . LEU A 1 16  ? 8.022   -2.818  -11.261 1.00 41.81 ? 16  LEU A HB3  1 
ATOM   254  H HG   . LEU A 1 16  ? 6.076   -0.901  -10.574 1.00 41.26 ? 16  LEU A HG   1 
ATOM   255  H HD11 . LEU A 1 16  ? 5.589   -3.049  -9.862  1.00 41.25 ? 16  LEU A HD11 1 
ATOM   256  H HD12 . LEU A 1 16  ? 5.875   -2.134  -8.616  1.00 41.25 ? 16  LEU A HD12 1 
ATOM   257  H HD13 . LEU A 1 16  ? 6.977   -3.133  -9.126  1.00 41.25 ? 16  LEU A HD13 1 
ATOM   258  H HD21 . LEU A 1 16  ? 8.633   -1.127  -9.436  1.00 41.04 ? 16  LEU A HD21 1 
ATOM   259  H HD22 . LEU A 1 16  ? 7.464   -0.355  -8.723  1.00 41.04 ? 16  LEU A HD22 1 
ATOM   260  H HD23 . LEU A 1 16  ? 8.029   0.167   -10.091 1.00 41.04 ? 16  LEU A HD23 1 
ATOM   261  N N    . ALA A 1 20  ? 3.450   3.341   -15.278 1.00 37.43 ? 20  ALA A N    1 
ATOM   262  C CA   . ALA A 1 20  ? 3.368   3.870   -13.921 1.00 36.93 ? 20  ALA A CA   1 
ATOM   263  C C    . ALA A 1 20  ? 1.961   3.745   -13.321 1.00 36.67 ? 20  ALA A C    1 
ATOM   264  O O    . ALA A 1 20  ? 0.982   4.199   -13.917 1.00 35.78 ? 20  ALA A O    1 
ATOM   265  C CB   . ALA A 1 20  ? 3.816   5.324   -13.895 1.00 37.03 ? 20  ALA A CB   1 
ATOM   266  H H    . ALA A 1 20  ? 2.714   2.681   -15.519 1.00 37.27 ? 20  ALA A H    1 
ATOM   267  H HA   . ALA A 1 20  ? 3.992   3.364   -13.367 1.00 36.96 ? 20  ALA A HA   1 
ATOM   268  H HB1  . ALA A 1 20  ? 4.732   5.371   -14.178 1.00 36.99 ? 20  ALA A HB1  1 
ATOM   269  H HB2  . ALA A 1 20  ? 3.732   5.661   -13.000 1.00 36.99 ? 20  ALA A HB2  1 
ATOM   270  H HB3  . ALA A 1 20  ? 3.262   5.833   -14.491 1.00 36.99 ? 20  ALA A HB3  1 
ATOM   271  N N    . LYS A 1 21  ? 1.877   3.126   -12.145 1.00 35.32 ? 21  LYS A N    1 
ATOM   272  C CA   . LYS A 1 21  ? 0.635   3.050   -11.378 1.00 33.98 ? 21  LYS A CA   1 
ATOM   273  C C    . LYS A 1 21  ? 0.925   3.310   -9.887  1.00 29.59 ? 21  LYS A C    1 
ATOM   274  O O    . LYS A 1 21  ? 2.083   3.239   -9.468  1.00 25.86 ? 21  LYS A O    1 
ATOM   275  C CB   . LYS A 1 21  ? -0.047  1.692   -11.609 1.00 37.89 ? 21  LYS A CB   1 
ATOM   276  C CG   . LYS A 1 21  ? -0.699  1.564   -12.999 1.00 40.43 ? 21  LYS A CG   1 
ATOM   277  C CD   . LYS A 1 21  ? -2.153  1.100   -12.949 1.00 43.87 ? 21  LYS A CD   1 
ATOM   278  C CE   . LYS A 1 21  ? -3.058  1.911   -13.873 1.00 46.24 ? 21  LYS A CE   1 
ATOM   279  N NZ   . LYS A 1 21  ? -4.495  1.563   -13.674 1.00 47.82 ? 21  LYS A NZ   1 
ATOM   280  H H    . LYS A 1 21  ? 2.651   2.659   -11.694 1.00 35.28 ? 21  LYS A H    1 
ATOM   281  H HA   . LYS A 1 21  ? 0.025   3.749   -11.687 1.00 34.00 ? 21  LYS A HA   1 
ATOM   282  H HB2  . LYS A 1 21  ? 0.631   1.000   -11.548 1.00 37.47 ? 21  LYS A HB2  1 
ATOM   283  H HB3  . LYS A 1 21  ? -0.710  1.545   -10.921 1.00 37.38 ? 21  LYS A HB3  1 
ATOM   284  H HG2  . LYS A 1 21  ? -0.677  2.418   -13.450 1.00 40.54 ? 21  LYS A HG2  1 
ATOM   285  H HG3  . LYS A 1 21  ? -0.200  0.911   -13.516 1.00 40.57 ? 21  LYS A HG3  1 
ATOM   286  H HD2  . LYS A 1 21  ? -2.201  0.168   -13.221 1.00 43.54 ? 21  LYS A HD2  1 
ATOM   287  H HD3  . LYS A 1 21  ? -2.504  1.206   -12.053 1.00 43.48 ? 21  LYS A HD3  1 
ATOM   288  H HE2  . LYS A 1 21  ? -2.952  2.857   -13.681 1.00 45.99 ? 21  LYS A HE2  1 
ATOM   289  H HE3  . LYS A 1 21  ? -2.825  1.726   -14.797 1.00 46.01 ? 21  LYS A HE3  1 
ATOM   290  H HZ1  . LYS A 1 21  ? -4.656  0.659   -13.953 1.00 47.30 ? 21  LYS A HZ1  1 
ATOM   291  H HZ2  . LYS A 1 21  ? -5.051  2.153   -14.190 1.00 47.30 ? 21  LYS A HZ2  1 
ATOM   292  H HZ3  . LYS A 1 21  ? -4.728  1.650   -12.745 1.00 47.28 ? 21  LYS A HZ3  1 
ATOM   293  N N    . PRO A 1 22  ? -0.118  3.650   -9.100  1.00 25.82 ? 22  PRO A N    1 
ATOM   294  C CA   . PRO A 1 22  ? 0.063   3.922   -7.671  1.00 24.11 ? 22  PRO A CA   1 
ATOM   295  C C    . PRO A 1 22  ? 0.167   2.669   -6.815  1.00 21.73 ? 22  PRO A C    1 
ATOM   296  O O    . PRO A 1 22  ? -0.553  1.694   -7.046  1.00 20.96 ? 22  PRO A O    1 
ATOM   297  C CB   . PRO A 1 22  ? -1.180  4.735   -7.293  1.00 24.98 ? 22  PRO A CB   1 
ATOM   298  C CG   . PRO A 1 22  ? -2.206  4.381   -8.302  1.00 26.21 ? 22  PRO A CG   1 
ATOM   299  C CD   . PRO A 1 22  ? -1.493  3.940   -9.549  1.00 26.17 ? 22  PRO A CD   1 
ATOM   300  H HA   . PRO A 1 22  ? 0.849   4.489   -7.538  1.00 24.09 ? 22  PRO A HA   1 
ATOM   301  H HB2  . PRO A 1 22  ? -1.481  4.501   -6.401  1.00 25.04 ? 22  PRO A HB2  1 
ATOM   302  H HB3  . PRO A 1 22  ? -0.971  5.679   -7.344  1.00 25.07 ? 22  PRO A HB3  1 
ATOM   303  H HG2  . PRO A 1 22  ? -2.759  3.662   -7.968  1.00 25.88 ? 22  PRO A HG2  1 
ATOM   304  H HG3  . PRO A 1 22  ? -2.752  5.162   -8.487  1.00 25.90 ? 22  PRO A HG3  1 
ATOM   305  H HD2  . PRO A 1 22  ? -1.917  3.146   -9.904  1.00 26.14 ? 22  PRO A HD2  1 
ATOM   306  H HD3  . PRO A 1 22  ? -1.493  4.662   -10.198 1.00 26.13 ? 22  PRO A HD3  1 
ATOM   307  N N    . TRP A 1 23  ? 1.065   2.724   -5.834  1.00 19.20 ? 23  TRP A N    1 
ATOM   308  C CA   . TRP A 1 23  ? 1.313   1.627   -4.912  1.00 18.41 ? 23  TRP A CA   1 
ATOM   309  C C    . TRP A 1 23  ? 1.257   2.152   -3.492  1.00 17.30 ? 23  TRP A C    1 
ATOM   310  O O    . TRP A 1 23  ? 1.825   3.200   -3.194  1.00 16.63 ? 23  TRP A O    1 
ATOM   311  C CB   . TRP A 1 23  ? 2.684   1.000   -5.174  1.00 18.17 ? 23  TRP A CB   1 
ATOM   312  C CG   . TRP A 1 23  ? 2.776   0.228   -6.445  1.00 18.60 ? 23  TRP A CG   1 
ATOM   313  C CD1  . TRP A 1 23  ? 3.027   0.727   -7.690  1.00 19.38 ? 23  TRP A CD1  1 
ATOM   314  C CD2  . TRP A 1 23  ? 2.631   -1.194  -6.605  1.00 18.97 ? 23  TRP A CD2  1 
ATOM   315  N NE1  . TRP A 1 23  ? 3.050   -0.291  -8.616  1.00 19.21 ? 23  TRP A NE1  1 
ATOM   316  C CE2  . TRP A 1 23  ? 2.807   -1.480  -7.980  1.00 19.05 ? 23  TRP A CE2  1 
ATOM   317  C CE3  . TRP A 1 23  ? 2.368   -2.252  -5.722  1.00 18.75 ? 23  TRP A CE3  1 
ATOM   318  C CZ2  . TRP A 1 23  ? 2.730   -2.781  -8.496  1.00 19.10 ? 23  TRP A CZ2  1 
ATOM   319  C CZ3  . TRP A 1 23  ? 2.289   -3.544  -6.232  1.00 18.69 ? 23  TRP A CZ3  1 
ATOM   320  C CH2  . TRP A 1 23  ? 2.475   -3.796  -7.610  1.00 18.93 ? 23  TRP A CH2  1 
ATOM   321  H H    . TRP A 1 23  ? 1.649   3.528   -5.652  1.00 19.60 ? 23  TRP A H    1 
ATOM   322  H HA   . TRP A 1 23  ? 0.637   0.928   -5.022  1.00 18.29 ? 23  TRP A HA   1 
ATOM   323  H HB2  . TRP A 1 23  ? 3.347   1.707   -5.211  1.00 18.32 ? 23  TRP A HB2  1 
ATOM   324  H HB3  . TRP A 1 23  ? 2.895   0.392   -4.450  1.00 18.30 ? 23  TRP A HB3  1 
ATOM   325  H HD1  . TRP A 1 23  ? 3.171   1.624   -7.880  1.00 19.17 ? 23  TRP A HD1  1 
ATOM   326  H HE1  . TRP A 1 23  ? 3.188   -0.196  -9.459  1.00 19.20 ? 23  TRP A HE1  1 
ATOM   327  H HE3  . TRP A 1 23  ? 2.252   -2.091  -4.815  1.00 18.77 ? 23  TRP A HE3  1 
ATOM   328  H HZ2  . TRP A 1 23  ? 2.847   -2.949  -9.403  1.00 19.04 ? 23  TRP A HZ2  1 
ATOM   329  H HZ3  . TRP A 1 23  ? 2.117   -4.254  -5.656  1.00 18.76 ? 23  TRP A HZ3  1 
ATOM   330  H HH2  . TRP A 1 23  ? 2.412   -4.667  -7.924  1.00 18.93 ? 23  TRP A HH2  1 
ATOM   331  N N    . LEU A 1 24  ? 0.580   1.401   -2.626  1.00 17.02 ? 24  LEU A N    1 
ATOM   332  C CA   . LEU A 1 24  ? 0.450   1.723   -1.211  1.00 16.91 ? 24  LEU A CA   1 
ATOM   333  C C    . LEU A 1 24  ? 1.471   0.957   -0.371  1.00 16.38 ? 24  LEU A C    1 
ATOM   334  O O    . LEU A 1 24  ? 1.482   -0.282  -0.396  1.00 15.65 ? 24  LEU A O    1 
ATOM   335  C CB   . LEU A 1 24  ? -0.946  1.362   -0.724  1.00 17.64 ? 24  LEU A CB   1 
ATOM   336  C CG   . LEU A 1 24  ? -1.142  1.419   0.796   1.00 18.38 ? 24  LEU A CG   1 
ATOM   337  C CD1  . LEU A 1 24  ? -1.192  2.855   1.273   1.00 19.13 ? 24  LEU A CD1  1 
ATOM   338  C CD2  . LEU A 1 24  ? -2.386  0.672   1.221   1.00 19.17 ? 24  LEU A CD2  1 
ATOM   339  H H    . LEU A 1 24  ? 0.113   0.543   -2.883  1.00 17.07 ? 24  LEU A H    1 
ATOM   340  H HA   . LEU A 1 24  ? 0.567   2.684   -1.069  1.00 16.95 ? 24  LEU A HA   1 
ATOM   341  H HB2  . LEU A 1 24  ? -1.582  1.972   -1.132  1.00 17.68 ? 24  LEU A HB2  1 
ATOM   342  H HB3  . LEU A 1 24  ? -1.146  0.456   -1.005  1.00 17.65 ? 24  LEU A HB3  1 
ATOM   343  H HG   . LEU A 1 24  ? -0.405  0.990   1.253   1.00 18.51 ? 24  LEU A HG   1 
ATOM   344  H HD11 . LEU A 1 24  ? -0.312  3.234   1.210   1.00 18.88 ? 24  LEU A HD11 1 
ATOM   345  H HD12 . LEU A 1 24  ? -1.492  2.866   2.184   1.00 18.88 ? 24  LEU A HD12 1 
ATOM   346  H HD13 . LEU A 1 24  ? -1.807  3.352   0.723   1.00 18.88 ? 24  LEU A HD13 1 
ATOM   347  H HD21 . LEU A 1 24  ? -3.163  1.135   0.897   1.00 18.92 ? 24  LEU A HD21 1 
ATOM   348  H HD22 . LEU A 1 24  ? -2.393  0.644   2.181   1.00 18.94 ? 24  LEU A HD22 1 
ATOM   349  H HD23 . LEU A 1 24  ? -2.358  -0.221  0.869   1.00 18.92 ? 24  LEU A HD23 1 
ATOM   350  N N    . ILE A 1 25  ? 2.252   1.687   0.426   1.00 15.47 ? 25  ILE A N    1 
ATOM   351  C CA   . ILE A 1 25  ? 3.295   1.079   1.272   1.00 15.49 ? 25  ILE A CA   1 
ATOM   352  C C    . ILE A 1 25  ? 2.638   0.311   2.429   1.00 14.96 ? 25  ILE A C    1 
ATOM   353  O O    . ILE A 1 25  ? 1.875   0.894   3.205   1.00 14.13 ? 25  ILE A O    1 
ATOM   354  C CB   . ILE A 1 25  ? 4.249   2.135   1.886   1.00 15.94 ? 25  ILE A CB   1 
ATOM   355  C CG1  . ILE A 1 25  ? 4.887   3.036   0.808   1.00 16.68 ? 25  ILE A CG1  1 
ATOM   356  C CG2  . ILE A 1 25  ? 5.327   1.457   2.739   1.00 16.03 ? 25  ILE A CG2  1 
ATOM   357  C CD1  . ILE A 1 25  ? 5.667   2.299   -0.256  1.00 17.18 ? 25  ILE A CD1  1 
ATOM   358  H H    . ILE A 1 25  ? 2.162   2.685   0.533   1.00 15.70 ? 25  ILE A H    1 
ATOM   359  H HA   . ILE A 1 25  ? 3.824   0.454   0.734   1.00 15.47 ? 25  ILE A HA   1 
ATOM   360  H HB   . ILE A 1 25  ? 3.725   2.705   2.471   1.00 16.00 ? 25  ILE A HB   1 
ATOM   361  H HG12 . ILE A 1 25  ? 4.200   3.550   0.360   1.00 16.61 ? 25  ILE A HG12 1 
ATOM   362  H HG13 . ILE A 1 25  ? 5.502   3.647   1.242   1.00 16.61 ? 25  ILE A HG13 1 
ATOM   363  H HG21 . ILE A 1 25  ? 4.970   1.261   3.610   1.00 16.00 ? 25  ILE A HG21 1 
ATOM   364  H HG22 . ILE A 1 25  ? 6.079   2.050   2.831   1.00 16.00 ? 25  ILE A HG22 1 
ATOM   365  H HG23 . ILE A 1 25  ? 5.606   0.644   2.306   1.00 15.99 ? 25  ILE A HG23 1 
ATOM   366  H HD11 . ILE A 1 25  ? 6.278   1.691   0.162   1.00 17.00 ? 25  ILE A HD11 1 
ATOM   367  H HD12 . ILE A 1 25  ? 6.154   2.939   -0.781  1.00 17.01 ? 25  ILE A HD12 1 
ATOM   368  H HD13 . ILE A 1 25  ? 5.056   1.815   -0.818  1.00 17.00 ? 25  ILE A HD13 1 
ATOM   369  N N    . VAL A 1 26  ? 2.940   -0.984  2.538   1.00 14.49 ? 26  VAL A N    1 
ATOM   370  C CA   . VAL A 1 26  ? 2.418   -1.821  3.640   1.00 14.77 ? 26  VAL A CA   1 
ATOM   371  C C    . VAL A 1 26  ? 3.479   -2.408  4.582   1.00 14.61 ? 26  VAL A C    1 
ATOM   372  O O    . VAL A 1 26  ? 3.133   -2.945  5.640   1.00 15.25 ? 26  VAL A O    1 
ATOM   373  C CB   . VAL A 1 26  ? 1.464   -2.922  3.119   1.00 14.62 ? 26  VAL A CB   1 
ATOM   374  C CG1  . VAL A 1 26  ? 0.221   -2.274  2.507   1.00 15.23 ? 26  VAL A CG1  1 
ATOM   375  C CG2  . VAL A 1 26  ? 2.141   -3.830  2.096   1.00 14.90 ? 26  VAL A CG2  1 
ATOM   376  H H    . VAL A 1 26  ? 3.529   -1.479  1.884   1.00 14.66 ? 26  VAL A H    1 
ATOM   377  H HA   . VAL A 1 26  ? 1.863   -1.263  4.223   1.00 14.65 ? 26  VAL A HA   1 
ATOM   378  H HB   . VAL A 1 26  ? 1.172   -3.478  3.872   1.00 14.81 ? 26  VAL A HB   1 
ATOM   379  H HG11 . VAL A 1 26  ? -0.228  -1.760  3.183   1.00 15.03 ? 26  VAL A HG11 1 
ATOM   380  H HG12 . VAL A 1 26  ? -0.361  -2.964  2.182   1.00 15.03 ? 26  VAL A HG12 1 
ATOM   381  H HG13 . VAL A 1 26  ? 0.484   -1.703  1.781   1.00 15.03 ? 26  VAL A HG13 1 
ATOM   382  H HG21 . VAL A 1 26  ? 2.260   -3.345  1.277   1.00 14.80 ? 26  VAL A HG21 1 
ATOM   383  H HG22 . VAL A 1 26  ? 1.577   -4.592  1.941   1.00 14.80 ? 26  VAL A HG22 1 
ATOM   384  H HG23 . VAL A 1 26  ? 2.992   -4.122  2.431   1.00 14.80 ? 26  VAL A HG23 1 
ATOM   385  N N    . SER A 1 27  ? 4.755   -2.287  4.231   1.00 14.57 ? 27  SER A N    1 
ATOM   386  C CA   . SER A 1 27  ? 5.831   -2.699  5.127   1.00 14.48 ? 27  SER A CA   1 
ATOM   387  C C    . SER A 1 27  ? 5.928   -1.773  6.348   1.00 14.79 ? 27  SER A C    1 
ATOM   388  O O    . SER A 1 27  ? 5.521   -0.612  6.300   1.00 14.21 ? 27  SER A O    1 
ATOM   389  C CB   . SER A 1 27  ? 7.171   -2.780  4.380   1.00 14.32 ? 27  SER A CB   1 
ATOM   390  O OG   . SER A 1 27  ? 7.281   -1.778  3.387   1.00 13.48 ? 27  SER A OG   1 
ATOM   391  H H    . SER A 1 27  ? 5.093   -1.919  3.355   1.00 14.56 ? 27  SER A H    1 
ATOM   392  H HA   . SER A 1 27  ? 5.635   -3.601  5.450   1.00 14.53 ? 27  SER A HA   1 
ATOM   393  H HB2  . SER A 1 27  ? 7.892   -2.672  5.017   1.00 14.16 ? 27  SER A HB2  1 
ATOM   394  H HB3  . SER A 1 27  ? 7.239   -3.649  3.954   1.00 14.15 ? 27  SER A HB3  1 
ATOM   395  N N    . ASN A 1 28  ? 6.452   -2.315  7.442   1.00 15.66 ? 28  ASN A N    1 
ATOM   396  C CA   . ASN A 1 28  ? 6.584   -1.570  8.688   1.00 16.53 ? 28  ASN A CA   1 
ATOM   397  C C    . ASN A 1 28  ? 7.606   -0.436  8.567   1.00 17.31 ? 28  ASN A C    1 
ATOM   398  O O    . ASN A 1 28  ? 8.573   -0.527  7.791   1.00 17.62 ? 28  ASN A O    1 
ATOM   399  C CB   . ASN A 1 28  ? 6.924   -2.515  9.854   1.00 16.52 ? 28  ASN A CB   1 
ATOM   400  C CG   . ASN A 1 28  ? 8.367   -3.009  9.822   1.00 16.13 ? 28  ASN A CG   1 
ATOM   401  O OD1  . ASN A 1 28  ? 9.303   -2.244  10.065  1.00 15.94 ? 28  ASN A OD1  1 
ATOM   402  N ND2  . ASN A 1 28  ? 8.553   -4.288  9.542   1.00 16.18 ? 28  ASN A ND2  1 
ATOM   403  H H    . ASN A 1 28  ? 6.789   -3.267  7.484   1.00 15.65 ? 28  ASN A H    1 
ATOM   404  H HA   . ASN A 1 28  ? 5.716   -1.163  8.896   1.00 16.50 ? 28  ASN A HA   1 
ATOM   405  H HB2  . ASN A 1 28  ? 6.799   -2.033  10.687  1.00 16.42 ? 28  ASN A HB2  1 
ATOM   406  H HB3  . ASN A 1 28  ? 6.325   -3.277  9.827   1.00 16.42 ? 28  ASN A HB3  1 
ATOM   407  H HD21 . ASN A 1 28  ? 9.450   -4.676  9.629   1.00 16.16 ? 28  ASN A HD21 1 
ATOM   408  H HD22 . ASN A 1 28  ? 7.806   -4.853  9.248   1.00 16.16 ? 28  ASN A HD22 1 
ATOM   409  N N    . ASN A 1 29  ? 7.396   0.621   9.340   1.00 17.81 ? 29  ASN A N    1 
ATOM   410  C CA   . ASN A 1 29  ? 8.222   1.830   9.238   1.00 18.67 ? 29  ASN A CA   1 
ATOM   411  C C    . ASN A 1 29  ? 9.711   1.686   9.583   1.00 18.94 ? 29  ASN A C    1 
ATOM   412  O O    . ASN A 1 29  ? 10.540  2.403   9.026   1.00 20.19 ? 29  ASN A O    1 
ATOM   413  C CB   . ASN A 1 29  ? 7.585   2.974   10.047  1.00 19.33 ? 29  ASN A CB   1 
ATOM   414  C CG   . ASN A 1 29  ? 6.335   3.523   9.379   1.00 19.54 ? 29  ASN A CG   1 
ATOM   415  O OD1  . ASN A 1 29  ? 6.170   3.396   8.166   1.00 19.34 ? 29  ASN A OD1  1 
ATOM   416  N ND2  . ASN A 1 29  ? 5.452   4.133   10.162  1.00 19.82 ? 29  ASN A ND2  1 
ATOM   417  H H    . ASN A 1 29  ? 6.668   0.665   10.040  1.00 17.89 ? 29  ASN A H    1 
ATOM   418  H HA   . ASN A 1 29  ? 8.216   2.100   8.297   1.00 18.68 ? 29  ASN A HA   1 
ATOM   419  H HB2  . ASN A 1 29  ? 7.348   2.654   10.931  1.00 19.21 ? 29  ASN A HB2  1 
ATOM   420  H HB3  . ASN A 1 29  ? 8.219   3.704   10.122  1.00 19.21 ? 29  ASN A HB3  1 
ATOM   421  H HD21 . ASN A 1 29  ? 4.609   4.460   9.782   1.00 19.73 ? 29  ASN A HD21 1 
ATOM   422  H HD22 . ASN A 1 29  ? 5.637   4.258   11.116  1.00 19.73 ? 29  ASN A HD22 1 
ATOM   423  N N    . ALA A 1 30  ? 10.058  0.769   10.478  1.00 19.24 ? 30  ALA A N    1 
ATOM   424  C CA   . ALA A 1 30  ? 11.474  0.500   10.788  1.00 19.28 ? 30  ALA A CA   1 
ATOM   425  C C    . ALA A 1 30  ? 12.212  -0.050  9.541   1.00 18.83 ? 30  ALA A C    1 
ATOM   426  O O    . ALA A 1 30  ? 13.275  0.448   9.154   1.00 18.21 ? 30  ALA A O    1 
ATOM   427  C CB   . ALA A 1 30  ? 11.583  -0.467  11.968  1.00 19.49 ? 30  ALA A CB   1 
ATOM   428  H H    . ALA A 1 30  ? 9.404   0.207   11.003  1.00 19.17 ? 30  ALA A H    1 
ATOM   429  H HA   . ALA A 1 30  ? 11.909  1.337   11.051  1.00 19.23 ? 30  ALA A HA   1 
ATOM   430  H HB1  . ALA A 1 30  ? 11.102  -0.104  12.715  1.00 19.42 ? 30  ALA A HB1  1 
ATOM   431  H HB2  . ALA A 1 30  ? 12.509  -0.577  12.197  1.00 19.42 ? 30  ALA A HB2  1 
ATOM   432  H HB3  . ALA A 1 30  ? 11.207  -1.314  11.716  1.00 19.40 ? 30  ALA A HB3  1 
ATOM   433  N N    . ARG A 1 31  ? 11.613  -1.047  8.890   1.00 18.64 ? 31  ARG A N    1 
ATOM   434  C CA   . ARG A 1 31  ? 12.139  -1.591  7.634   1.00 17.75 ? 31  ARG A CA   1 
ATOM   435  C C    . ARG A 1 31  ? 12.180  -0.508  6.554   1.00 18.12 ? 31  ARG A C    1 
ATOM   436  O O    . ARG A 1 31  ? 13.172  -0.405  5.816   1.00 17.42 ? 31  ARG A O    1 
ATOM   437  C CB   . ARG A 1 31  ? 11.309  -2.802  7.169   1.00 17.41 ? 31  ARG A CB   1 
ATOM   438  C CG   . ARG A 1 31  ? 11.771  -3.470  5.868   1.00 16.86 ? 31  ARG A CG   1 
ATOM   439  C CD   . ARG A 1 31  ? 11.103  -2.873  4.628   1.00 16.61 ? 31  ARG A CD   1 
ATOM   440  N NE   . ARG A 1 31  ? 11.449  -3.564  3.387   1.00 16.08 ? 31  ARG A NE   1 
ATOM   441  C CZ   . ARG A 1 31  ? 10.909  -4.710  2.960   1.00 16.10 ? 31  ARG A CZ   1 
ATOM   442  N NH1  . ARG A 1 31  ? 9.975   -5.352  3.669   1.00 15.56 ? 31  ARG A NH1  1 
ATOM   443  N NH2  . ARG A 1 31  ? 11.317  -5.233  1.797   1.00 16.22 ? 31  ARG A NH2  1 
ATOM   444  H H    . ARG A 1 31  ? 10.766  -1.496  9.210   1.00 18.45 ? 31  ARG A H    1 
ATOM   445  H HA   . ARG A 1 31  ? 13.057  -1.897  7.784   1.00 17.92 ? 31  ARG A HA   1 
ATOM   446  H HB2  . ARG A 1 31  ? 11.344  -3.477  7.865   1.00 17.35 ? 31  ARG A HB2  1 
ATOM   447  H HB3  . ARG A 1 31  ? 10.390  -2.515  7.049   1.00 17.35 ? 31  ARG A HB3  1 
ATOM   448  H HG2  . ARG A 1 31  ? 12.729  -3.351  5.777   1.00 16.93 ? 31  ARG A HG2  1 
ATOM   449  H HG3  . ARG A 1 31  ? 11.554  -4.416  5.903   1.00 16.93 ? 31  ARG A HG3  1 
ATOM   450  H HD2  . ARG A 1 31  ? 10.142  -2.894  4.738   1.00 16.52 ? 31  ARG A HD2  1 
ATOM   451  H HD3  . ARG A 1 31  ? 11.389  -1.956  4.515   1.00 16.54 ? 31  ARG A HD3  1 
ATOM   452  H HE   . ARG A 1 31  ? 12.216  -3.219  2.902   1.00 16.21 ? 31  ARG A HE   1 
ATOM   453  H HH11 . ARG A 1 31  ? 9.691   -5.049  4.419   1.00 15.73 ? 31  ARG A HH11 1 
ATOM   454  H HH12 . ARG A 1 31  ? 9.648   -6.091  3.373   1.00 15.72 ? 31  ARG A HH12 1 
ATOM   455  H HH21 . ARG A 1 31  ? 11.914  -4.835  1.331   1.00 16.18 ? 31  ARG A HH21 1 
ATOM   456  H HH22 . ARG A 1 31  ? 10.981  -5.971  1.510   1.00 16.17 ? 31  ARG A HH22 1 
ATOM   457  N N    . ASN A 1 32  ? 11.128  0.304   6.471   1.00 17.89 ? 32  ASN A N    1 
ATOM   458  C CA   . ASN A 1 32  ? 11.069  1.356   5.446   1.00 18.72 ? 32  ASN A CA   1 
ATOM   459  C C    . ASN A 1 32  ? 12.144  2.439   5.611   1.00 19.64 ? 32  ASN A C    1 
ATOM   460  O O    . ASN A 1 32  ? 12.619  2.996   4.619   1.00 18.76 ? 32  ASN A O    1 
ATOM   461  C CB   . ASN A 1 32  ? 9.704   2.040   5.412   1.00 18.91 ? 32  ASN A CB   1 
ATOM   462  C CG   . ASN A 1 32  ? 8.562   1.097   5.074   1.00 18.41 ? 32  ASN A CG   1 
ATOM   463  O OD1  . ASN A 1 32  ? 8.744   0.070   4.424   1.00 18.25 ? 32  ASN A OD1  1 
ATOM   464  N ND2  . ASN A 1 32  ? 7.368   1.459   5.510   1.00 18.42 ? 32  ASN A ND2  1 
ATOM   465  H H    . ASN A 1 32  ? 10.324  0.265   7.082   1.00 18.14 ? 32  ASN A H    1 
ATOM   466  H HA   . ASN A 1 32  ? 11.214  0.943   4.569   1.00 18.75 ? 32  ASN A HA   1 
ATOM   467  H HB2  . ASN A 1 32  ? 9.531   2.442   6.278   1.00 18.74 ? 32  ASN A HB2  1 
ATOM   468  H HB3  . ASN A 1 32  ? 9.727   2.718   4.722   1.00 18.75 ? 32  ASN A HB3  1 
ATOM   469  H HD21 . ASN A 1 32  ? 6.594   0.887   5.331   1.00 18.37 ? 32  ASN A HD21 1 
ATOM   470  H HD22 . ASN A 1 32  ? 7.248   2.293   6.010   1.00 18.41 ? 32  ASN A HD22 1 
ATOM   471  N N    . ARG A 1 33  ? 12.515  2.749   6.853   1.00 21.10 ? 33  ARG A N    1 
ATOM   472  C CA   . ARG A 1 33  ? 13.562  3.737   7.105   1.00 22.90 ? 33  ARG A CA   1 
ATOM   473  C C    . ARG A 1 33  ? 14.963  3.176   6.858   1.00 23.40 ? 33  ARG A C    1 
ATOM   474  O O    . ARG A 1 33  ? 15.796  3.833   6.234   1.00 23.76 ? 33  ARG A O    1 
ATOM   475  C CB   . ARG A 1 33  ? 13.477  4.283   8.532   1.00 25.22 ? 33  ARG A CB   1 
ATOM   476  C CG   . ARG A 1 33  ? 14.392  5.493   8.772   1.00 27.32 ? 33  ARG A CG   1 
ATOM   477  C CD   . ARG A 1 33  ? 14.171  6.215   10.096  1.00 29.79 ? 33  ARG A CD   1 
ATOM   478  N NE   . ARG A 1 33  ? 12.793  6.101   10.562  1.00 32.99 ? 33  ARG A NE   1 
ATOM   479  C CZ   . ARG A 1 33  ? 12.342  5.242   11.481  1.00 35.08 ? 33  ARG A CZ   1 
ATOM   480  N NH1  . ARG A 1 33  ? 13.162  4.398   12.109  1.00 36.76 ? 33  ARG A NH1  1 
ATOM   481  N NH2  . ARG A 1 33  ? 11.044  5.237   11.790  1.00 36.12 ? 33  ARG A NH2  1 
ATOM   482  H H    . ARG A 1 33  ? 12.116  2.349   7.691   1.00 21.15 ? 33  ARG A H    1 
ATOM   483  H HA   . ARG A 1 33  ? 13.440  4.502   6.505   1.00 23.04 ? 33  ARG A HA   1 
ATOM   484  H HB2  . ARG A 1 33  ? 12.559  4.550   8.683   1.00 25.17 ? 33  ARG A HB2  1 
ATOM   485  H HB3  . ARG A 1 33  ? 13.728  3.585   9.157   1.00 25.12 ? 33  ARG A HB3  1 
ATOM   486  H HG2  . ARG A 1 33  ? 15.315  5.195   8.766   1.00 27.33 ? 33  ARG A HG2  1 
ATOM   487  H HG3  . ARG A 1 33  ? 14.252  6.135   8.058   1.00 27.33 ? 33  ARG A HG3  1 
ATOM   488  H HD2  . ARG A 1 33  ? 14.790  5.882   10.757  1.00 29.97 ? 33  ARG A HD2  1 
ATOM   489  H HD3  . ARG A 1 33  ? 14.341  7.160   9.951   1.00 29.91 ? 33  ARG A HD3  1 
ATOM   490  H HE   . ARG A 1 33  ? 12.154  6.719   10.171  1.00 32.71 ? 33  ARG A HE   1 
ATOM   491  H HH11 . ARG A 1 33  ? 13.998  4.370   11.934  1.00 36.00 ? 33  ARG A HH11 1 
ATOM   492  H HH12 . ARG A 1 33  ? 12.848  3.859   12.702  1.00 36.16 ? 33  ARG A HH12 1 
ATOM   493  H HH21 . ARG A 1 33  ? 10.502  5.781   11.400  1.00 35.77 ? 33  ARG A HH21 1 
ATOM   494  H HH22 . ARG A 1 33  ? 10.742  4.700   12.389  1.00 35.78 ? 33  ARG A HH22 1 
ATOM   495  N N    . HIS A 1 34  ? 15.207  1.963   7.349   1.00 23.03 ? 34  HIS A N    1 
ATOM   496  C CA   . HIS A 1 34  ? 16.559  1.430   7.485   1.00 24.22 ? 34  HIS A CA   1 
ATOM   497  C C    . HIS A 1 34  ? 17.051  0.524   6.368   1.00 23.14 ? 34  HIS A C    1 
ATOM   498  O O    . HIS A 1 34  ? 18.243  0.245   6.326   1.00 24.27 ? 34  HIS A O    1 
ATOM   499  C CB   . HIS A 1 34  ? 16.674  0.682   8.816   1.00 24.57 ? 34  HIS A CB   1 
ATOM   500  C CG   . HIS A 1 34  ? 16.446  1.554   10.011  1.00 25.80 ? 34  HIS A CG   1 
ATOM   501  N ND1  . HIS A 1 34  ? 17.075  2.770   10.173  1.00 26.27 ? 34  HIS A ND1  1 
ATOM   502  C CD2  . HIS A 1 34  ? 15.666  1.383   11.103  1.00 26.02 ? 34  HIS A CD2  1 
ATOM   503  C CE1  . HIS A 1 34  ? 16.688  3.314   11.312  1.00 26.11 ? 34  HIS A CE1  1 
ATOM   504  N NE2  . HIS A 1 34  ? 15.841  2.489   11.899  1.00 26.06 ? 34  HIS A NE2  1 
ATOM   505  H H    . HIS A 1 34  ? 14.492  1.321   7.660   1.00 23.39 ? 34  HIS A H    1 
ATOM   506  H HA   . HIS A 1 34  ? 17.195  2.173   7.532   1.00 23.86 ? 34  HIS A HA   1 
ATOM   507  H HB2  . HIS A 1 34  ? 16.018  -0.031  8.837   1.00 24.75 ? 34  HIS A HB2  1 
ATOM   508  H HB3  . HIS A 1 34  ? 17.565  0.308   8.899   1.00 24.75 ? 34  HIS A HB3  1 
ATOM   509  H HD1  . HIS A 1 34  ? 17.629  3.123   9.620   1.00 26.10 ? 34  HIS A HD1  1 
ATOM   510  H HD2  . HIS A 1 34  ? 15.121  0.653   11.284  1.00 25.97 ? 34  HIS A HD2  1 
ATOM   511  H HE1  . HIS A 1 34  ? 16.972  4.133   11.648  1.00 26.13 ? 34  HIS A HE1  1 
ATOM   512  H HE2  . HIS A 1 34  ? 15.450  2.627   12.652  1.00 26.10 ? 34  HIS A HE2  1 
ATOM   513  N N    . THR A 1 35  ? 16.160  0.042   5.502   1.00 21.92 ? 35  THR A N    1 
ATOM   514  C CA   . THR A 1 35  ? 16.547  -0.873  4.415   1.00 21.54 ? 35  THR A CA   1 
ATOM   515  C C    . THR A 1 35  ? 16.430  -0.173  3.057   1.00 21.11 ? 35  THR A C    1 
ATOM   516  O O    . THR A 1 35  ? 15.991  0.979   2.982   1.00 21.30 ? 35  THR A O    1 
ATOM   517  C CB   . THR A 1 35  ? 15.735  -2.194  4.455   1.00 21.71 ? 35  THR A CB   1 
ATOM   518  O OG1  . THR A 1 35  ? 14.407  -1.986  3.969   1.00 21.12 ? 35  THR A OG1  1 
ATOM   519  C CG2  . THR A 1 35  ? 15.670  -2.760  5.872   1.00 22.01 ? 35  THR A CG2  1 
ATOM   520  H H    . THR A 1 35  ? 15.172  0.247   5.510   1.00 22.11 ? 35  THR A H    1 
ATOM   521  H HA   . THR A 1 35  ? 17.487  -1.133  4.510   1.00 21.58 ? 35  THR A HA   1 
ATOM   522  H HB   . THR A 1 35  ? 16.173  -2.854  3.899   1.00 21.61 ? 35  THR A HB   1 
ATOM   523  H HG21 . THR A 1 35  ? 16.544  -2.740  6.273   1.00 21.91 ? 35  THR A HG21 1 
ATOM   524  H HG22 . THR A 1 35  ? 15.361  -3.670  5.846   1.00 21.91 ? 35  THR A HG22 1 
ATOM   525  H HG23 . THR A 1 35  ? 15.067  -2.243  6.411   1.00 21.89 ? 35  THR A HG23 1 
ATOM   526  N N    . ALA A 1 36  ? 16.826  -0.862  1.986   1.00 20.83 ? 36  ALA A N    1 
ATOM   527  C CA   . ALA A 1 36  ? 16.874  -0.259  0.633   1.00 20.56 ? 36  ALA A CA   1 
ATOM   528  C C    . ALA A 1 36  ? 15.563  -0.358  -0.145  1.00 19.85 ? 36  ALA A C    1 
ATOM   529  O O    . ALA A 1 36  ? 15.457  0.209   -1.230  1.00 19.73 ? 36  ALA A O    1 
ATOM   530  C CB   . ALA A 1 36  ? 17.994  -0.876  -0.182  1.00 20.88 ? 36  ALA A CB   1 
ATOM   531  H H    . ALA A 1 36  ? 17.124  -1.827  2.009   1.00 20.84 ? 36  ALA A H    1 
ATOM   532  H HA   . ALA A 1 36  ? 17.087  0.695   0.713   1.00 20.54 ? 36  ALA A HA   1 
ATOM   533  H HB1  . ALA A 1 36  ? 18.819  -0.774  0.299   1.00 20.77 ? 36  ALA A HB1  1 
ATOM   534  H HB2  . ALA A 1 36  ? 18.053  -0.427  -1.028  1.00 20.77 ? 36  ALA A HB2  1 
ATOM   535  H HB3  . ALA A 1 36  ? 17.807  -1.807  -0.316  1.00 20.77 ? 36  ALA A HB3  1 
ATOM   536  N N    . ASP A 1 37  ? 14.577  -1.075  0.395   1.00 19.10 ? 37  ASP A N    1 
ATOM   537  C CA   . ASP A 1 37  ? 13.322  -1.318  -0.310  1.00 18.12 ? 37  ASP A CA   1 
ATOM   538  C C    . ASP A 1 37  ? 12.132  -1.338  0.644   1.00 17.05 ? 37  ASP A C    1 
ATOM   539  O O    . ASP A 1 37  ? 12.289  -1.224  1.860   1.00 16.95 ? 37  ASP A O    1 
ATOM   540  C CB   . ASP A 1 37  ? 13.421  -2.612  -1.144  1.00 18.60 ? 37  ASP A CB   1 
ATOM   541  C CG   . ASP A 1 37  ? 13.853  -3.833  -0.333  1.00 18.91 ? 37  ASP A CG   1 
ATOM   542  O OD1  . ASP A 1 37  ? 13.645  -3.895  0.901   1.00 18.95 ? 37  ASP A OD1  1 
ATOM   543  O OD2  . ASP A 1 37  ? 14.394  -4.763  -0.958  1.00 19.70 ? 37  ASP A OD2  1 
ATOM   544  H H    . ASP A 1 37  ? 14.601  -1.511  1.304   1.00 19.04 ? 37  ASP A H    1 
ATOM   545  H HA   . ASP A 1 37  ? 13.147  -0.586  -0.938  1.00 18.19 ? 37  ASP A HA   1 
ATOM   546  H HB2  . ASP A 1 37  ? 12.566  -2.832  -1.535  1.00 18.52 ? 37  ASP A HB2  1 
ATOM   547  H HB3  . ASP A 1 37  ? 14.077  -2.479  -1.847  1.00 18.55 ? 37  ASP A HB3  1 
ATOM   548  N N    . VAL A 1 38  ? 10.945  -1.454  0.061   1.00 16.34 ? 38  VAL A N    1 
ATOM   549  C CA   . VAL A 1 38  ? 9.679   -1.505  0.791   1.00 15.77 ? 38  VAL A CA   1 
ATOM   550  C C    . VAL A 1 38  ? 8.791   -2.573  0.159   1.00 15.28 ? 38  VAL A C    1 
ATOM   551  O O    . VAL A 1 38  ? 9.072   -3.059  -0.937  1.00 15.63 ? 38  VAL A O    1 
ATOM   552  C CB   . VAL A 1 38  ? 8.930   -0.155  0.734   1.00 16.16 ? 38  VAL A CB   1 
ATOM   553  C CG1  . VAL A 1 38  ? 9.754   0.956   1.381   1.00 16.42 ? 38  VAL A CG1  1 
ATOM   554  C CG2  . VAL A 1 38  ? 8.531   0.218   -0.699  1.00 16.04 ? 38  VAL A CG2  1 
ATOM   555  H H    . VAL A 1 38  ? 10.827  -1.514  -0.940  1.00 16.38 ? 38  VAL A H    1 
ATOM   556  H HA   . VAL A 1 38  ? 9.820   -1.746  1.730   1.00 15.86 ? 38  VAL A HA   1 
ATOM   557  H HB   . VAL A 1 38  ? 8.102   -0.241  1.253   1.00 16.10 ? 38  VAL A HB   1 
ATOM   558  H HG11 . VAL A 1 38  ? 10.109  0.641   2.215   1.00 16.35 ? 38  VAL A HG11 1 
ATOM   559  H HG12 . VAL A 1 38  ? 9.177   1.708   1.529   1.00 16.36 ? 38  VAL A HG12 1 
ATOM   560  H HG13 . VAL A 1 38  ? 10.469  1.200   0.788   1.00 16.34 ? 38  VAL A HG13 1 
ATOM   561  H HG21 . VAL A 1 38  ? 9.218   -0.036  -1.316  1.00 16.07 ? 38  VAL A HG21 1 
ATOM   562  H HG22 . VAL A 1 38  ? 8.401   1.169   -0.746  1.00 16.07 ? 38  VAL A HG22 1 
ATOM   563  H HG23 . VAL A 1 38  ? 7.709   -0.224  -0.926  1.00 16.07 ? 38  VAL A HG23 1 
ATOM   564  N N    . VAL A 1 39  ? 7.717   -2.916  0.856   1.00 14.61 ? 39  VAL A N    1 
ATOM   565  C CA   . VAL A 1 39  ? 6.667   -3.758  0.315   1.00 14.19 ? 39  VAL A CA   1 
ATOM   566  C C    . VAL A 1 39  ? 5.417   -2.905  0.157   1.00 13.93 ? 39  VAL A C    1 
ATOM   567  O O    . VAL A 1 39  ? 5.096   -2.078  1.020   1.00 12.97 ? 39  VAL A O    1 
ATOM   568  C CB   . VAL A 1 39  ? 6.401   -4.997  1.183   1.00 13.96 ? 39  VAL A CB   1 
ATOM   569  C CG1  . VAL A 1 39  ? 5.229   -5.802  0.642   1.00 13.86 ? 39  VAL A CG1  1 
ATOM   570  C CG2  . VAL A 1 39  ? 7.643   -5.865  1.234   1.00 13.79 ? 39  VAL A CG2  1 
ATOM   571  H H    . VAL A 1 39  ? 7.544   -2.607  1.796   1.00 14.66 ? 39  VAL A H    1 
ATOM   572  H HA   . VAL A 1 39  ? 6.931   -4.087  -0.563  1.00 14.19 ? 39  VAL A HA   1 
ATOM   573  H HB   . VAL A 1 39  ? 6.185   -4.714  2.096   1.00 13.95 ? 39  VAL A HB   1 
ATOM   574  H HG11 . VAL A 1 39  ? 4.402   -5.381  0.899   1.00 13.88 ? 39  VAL A HG11 1 
ATOM   575  H HG12 . VAL A 1 39  ? 5.263   -6.690  1.012   1.00 13.88 ? 39  VAL A HG12 1 
ATOM   576  H HG13 . VAL A 1 39  ? 5.293   -5.845  -0.316  1.00 13.89 ? 39  VAL A HG13 1 
ATOM   577  H HG21 . VAL A 1 39  ? 7.807   -6.222  0.357   1.00 13.84 ? 39  VAL A HG21 1 
ATOM   578  H HG22 . VAL A 1 39  ? 7.498   -6.580  1.856   1.00 13.84 ? 39  VAL A HG22 1 
ATOM   579  H HG23 . VAL A 1 39  ? 8.392   -5.335  1.513   1.00 13.86 ? 39  VAL A HG23 1 
ATOM   580  N N    . ALA A 1 40  ? 4.743   -3.109  -0.975  1.00 13.90 ? 40  ALA A N    1 
ATOM   581  C CA   . ALA A 1 40  ? 3.577   -2.340  -1.343  1.00 13.82 ? 40  ALA A CA   1 
ATOM   582  C C    . ALA A 1 40  ? 2.520   -3.198  -2.036  1.00 14.25 ? 40  ALA A C    1 
ATOM   583  O O    . ALA A 1 40  ? 2.808   -4.287  -2.556  1.00 13.59 ? 40  ALA A O    1 
ATOM   584  C CB   . ALA A 1 40  ? 3.996   -1.191  -2.250  1.00 13.96 ? 40  ALA A CB   1 
ATOM   585  H H    . ALA A 1 40  ? 4.987   -3.811  -1.660  1.00 13.89 ? 40  ALA A H    1 
ATOM   586  H HA   . ALA A 1 40  ? 3.170   -1.970  -0.537  1.00 13.95 ? 40  ALA A HA   1 
ATOM   587  H HB1  . ALA A 1 40  ? 4.709   -0.704  -1.828  1.00 13.92 ? 40  ALA A HB1  1 
ATOM   588  H HB2  . ALA A 1 40  ? 3.242   -0.613  -2.385  1.00 13.94 ? 40  ALA A HB2  1 
ATOM   589  H HB3  . ALA A 1 40  ? 4.293   -1.546  -3.090  1.00 13.92 ? 40  ALA A HB3  1 
ATOM   590  N N    . VAL A 1 41  ? 1.295   -2.678  -2.031  1.00 14.97 ? 41  VAL A N    1 
ATOM   591  C CA   . VAL A 1 41  ? 0.169   -3.264  -2.749  1.00 15.83 ? 41  VAL A CA   1 
ATOM   592  C C    . VAL A 1 41  ? -0.399  -2.269  -3.755  1.00 17.27 ? 41  VAL A C    1 
ATOM   593  O O    . VAL A 1 41  ? -0.335  -1.034  -3.564  1.00 16.14 ? 41  VAL A O    1 
ATOM   594  C CB   . VAL A 1 41  ? -0.962  -3.745  -1.817  1.00 15.74 ? 41  VAL A CB   1 
ATOM   595  C CG1  . VAL A 1 41  ? -0.510  -4.961  -1.017  1.00 15.59 ? 41  VAL A CG1  1 
ATOM   596  C CG2  . VAL A 1 41  ? -1.459  -2.631  -0.901  1.00 15.71 ? 41  VAL A CG2  1 
ATOM   597  H H    . VAL A 1 41  ? 1.065   -1.819  -1.553  1.00 14.98 ? 41  VAL A H    1 
ATOM   598  H HA   . VAL A 1 41  ? 0.477   -4.038  -3.254  1.00 15.90 ? 41  VAL A HA   1 
ATOM   599  H HB   . VAL A 1 41  ? -1.721  -4.028  -2.368  1.00 15.72 ? 41  VAL A HB   1 
ATOM   600  H HG11 . VAL A 1 41  ? -0.201  -5.637  -1.625  1.00 15.62 ? 41  VAL A HG11 1 
ATOM   601  H HG12 . VAL A 1 41  ? -1.255  -5.293  -0.512  1.00 15.63 ? 41  VAL A HG12 1 
ATOM   602  H HG13 . VAL A 1 41  ? 0.199   -4.701  -0.426  1.00 15.63 ? 41  VAL A HG13 1 
ATOM   603  H HG21 . VAL A 1 41  ? -0.763  -2.392  -0.285  1.00 15.71 ? 41  VAL A HG21 1 
ATOM   604  H HG22 . VAL A 1 41  ? -2.217  -2.958  -0.412  1.00 15.71 ? 41  VAL A HG22 1 
ATOM   605  H HG23 . VAL A 1 41  ? -1.720  -1.865  -1.416  1.00 15.72 ? 41  VAL A HG23 1 
ATOM   606  N N    . ARG A 1 42  ? -0.985  -2.826  -4.806  1.00 18.90 ? 42  ARG A N    1 
ATOM   607  C CA   . ARG A 1 42  ? -1.389  -2.061  -5.977  1.00 21.67 ? 42  ARG A CA   1 
ATOM   608  C C    . ARG A 1 42  ? -2.698  -1.309  -5.725  1.00 21.32 ? 42  ARG A C    1 
ATOM   609  O O    . ARG A 1 42  ? -3.633  -1.844  -5.118  1.00 19.67 ? 42  ARG A O    1 
ATOM   610  C CB   . ARG A 1 42  ? -1.544  -3.000  -7.178  1.00 24.85 ? 42  ARG A CB   1 
ATOM   611  C CG   . ARG A 1 42  ? -1.517  -2.311  -8.530  1.00 29.30 ? 42  ARG A CG   1 
ATOM   612  C CD   . ARG A 1 42  ? -1.423  -3.314  -9.685  1.00 34.12 ? 42  ARG A CD   1 
ATOM   613  N NE   . ARG A 1 42  ? -2.493  -4.342  -9.672  1.00 38.55 ? 42  ARG A NE   1 
ATOM   614  C CZ   . ARG A 1 42  ? -3.042  -4.912  -10.756 1.00 42.66 ? 42  ARG A CZ   1 
ATOM   615  N NH1  . ARG A 1 42  ? -2.656  -4.596  -12.002 1.00 45.71 ? 42  ARG A NH1  1 
ATOM   616  N NH2  . ARG A 1 42  ? -4.007  -5.814  -10.603 1.00 43.69 ? 42  ARG A NH2  1 
ATOM   617  H H    . ARG A 1 42  ? -1.206  -3.811  -4.864  1.00 19.12 ? 42  ARG A H    1 
ATOM   618  H HA   . ARG A 1 42  ? -0.686  -1.413  -6.195  1.00 21.58 ? 42  ARG A HA   1 
ATOM   619  H HB2  . ARG A 1 42  ? -0.819  -3.643  -7.166  1.00 24.99 ? 42  ARG A HB2  1 
ATOM   620  H HB3  . ARG A 1 42  ? -2.392  -3.463  -7.094  1.00 25.08 ? 42  ARG A HB3  1 
ATOM   621  H HG2  . ARG A 1 42  ? -2.332  -1.800  -8.634  1.00 29.22 ? 42  ARG A HG2  1 
ATOM   622  H HG3  . ARG A 1 42  ? -0.746  -1.725  -8.573  1.00 29.17 ? 42  ARG A HG3  1 
ATOM   623  H HD2  . ARG A 1 42  ? -1.473  -2.809  -10.507 1.00 33.97 ? 42  ARG A HD2  1 
ATOM   624  H HD3  . ARG A 1 42  ? -0.567  -3.766  -9.637  1.00 33.76 ? 42  ARG A HD3  1 
ATOM   625  H HE   . ARG A 1 42  ? -2.548  -4.878  -8.865  1.00 38.23 ? 42  ARG A HE   1 
ATOM   626  H HH11 . ARG A 1 42  ? -2.039  -4.021  -12.151 1.00 44.54 ? 42  ARG A HH11 1 
ATOM   627  H HH12 . ARG A 1 42  ? -3.028  -4.983  -12.674 1.00 44.63 ? 42  ARG A HH12 1 
ATOM   628  H HH21 . ARG A 1 42  ? -4.275  -6.035  -9.828  1.00 42.82 ? 42  ARG A HH21 1 
ATOM   629  H HH22 . ARG A 1 42  ? -4.363  -6.189  -11.290 1.00 43.23 ? 42  ARG A HH22 1 
ATOM   630  N N    . LEU A 1 43  ? -2.746  -0.063  -6.179  1.00 21.05 ? 43  LEU A N    1 
ATOM   631  C CA   . LEU A 1 43  ? -4.008  0.665   -6.294  1.00 22.13 ? 43  LEU A CA   1 
ATOM   632  C C    . LEU A 1 43  ? -4.465  0.564   -7.736  1.00 21.68 ? 43  LEU A C    1 
ATOM   633  O O    . LEU A 1 43  ? -3.643  0.704   -8.659  1.00 20.84 ? 43  LEU A O    1 
ATOM   634  C CB   . LEU A 1 43  ? -3.870  2.139   -5.926  1.00 23.77 ? 43  LEU A CB   1 
ATOM   635  C CG   . LEU A 1 43  ? -4.299  2.549   -4.527  1.00 26.34 ? 43  LEU A CG   1 
ATOM   636  C CD1  . LEU A 1 43  ? -3.207  2.196   -3.523  1.00 27.37 ? 43  LEU A CD1  1 
ATOM   637  C CD2  . LEU A 1 43  ? -4.607  4.045   -4.513  1.00 28.14 ? 43  LEU A CD2  1 
ATOM   638  H H    . LEU A 1 43  ? -1.937  0.462   -6.482  1.00 21.37 ? 43  LEU A H    1 
ATOM   639  H HA   . LEU A 1 43  ? -4.684  0.274   -5.709  1.00 22.11 ? 43  LEU A HA   1 
ATOM   640  H HB2  . LEU A 1 43  ? -2.943  2.402   -6.026  1.00 23.93 ? 43  LEU A HB2  1 
ATOM   641  H HB3  . LEU A 1 43  ? -4.409  2.658   -6.546  1.00 23.96 ? 43  LEU A HB3  1 
ATOM   642  H HG   . LEU A 1 43  ? -5.106  2.072   -4.279  1.00 26.32 ? 43  LEU A HG   1 
ATOM   643  H HD11 . LEU A 1 43  ? -3.017  1.256   -3.583  1.00 27.03 ? 43  LEU A HD11 1 
ATOM   644  H HD12 . LEU A 1 43  ? -3.513  2.413   -2.639  1.00 27.03 ? 43  LEU A HD12 1 
ATOM   645  H HD13 . LEU A 1 43  ? -2.417  2.703   -3.728  1.00 27.02 ? 43  LEU A HD13 1 
ATOM   646  H HD21 . LEU A 1 43  ? -4.025  4.499   -5.128  1.00 27.52 ? 43  LEU A HD21 1 
ATOM   647  H HD22 . LEU A 1 43  ? -4.466  4.390   -3.629  1.00 27.52 ? 43  LEU A HD22 1 
ATOM   648  H HD23 . LEU A 1 43  ? -5.523  4.176   -4.773  1.00 27.55 ? 43  LEU A HD23 1 
ATOM   649  N N    . THR A 1 44  ? -5.769  0.336   -7.918  1.00 20.96 ? 44  THR A N    1 
ATOM   650  C CA   . THR A 1 44  ? -6.370  0.181   -9.235  1.00 20.68 ? 44  THR A CA   1 
ATOM   651  C C    . THR A 1 44  ? -7.732  0.878   -9.303  1.00 20.49 ? 44  THR A C    1 
ATOM   652  O O    . THR A 1 44  ? -8.396  1.085   -8.283  1.00 18.58 ? 44  THR A O    1 
ATOM   653  C CB   . THR A 1 44  ? -6.493  -1.312  -9.642  1.00 21.14 ? 44  THR A CB   1 
ATOM   654  O OG1  . THR A 1 44  ? -7.134  -1.419  -10.919 1.00 22.17 ? 44  THR A OG1  1 
ATOM   655  C CG2  . THR A 1 44  ? -7.290  -2.116  -8.617  1.00 22.27 ? 44  THR A CG2  1 
ATOM   656  H H    . THR A 1 44  ? -6.436  0.249   -7.164  1.00 21.06 ? 44  THR A H    1 
ATOM   657  H HA   . THR A 1 44  ? -5.799  0.613   -9.905  1.00 20.79 ? 44  THR A HA   1 
ATOM   658  H HB   . THR A 1 44  ? -5.605  -1.699  -9.702  1.00 21.45 ? 44  THR A HB   1 
ATOM   659  H HG21 . THR A 1 44  ? -6.888  -2.047  -7.748  1.00 21.90 ? 44  THR A HG21 1 
ATOM   660  H HG22 . THR A 1 44  ? -7.303  -3.041  -8.875  1.00 21.90 ? 44  THR A HG22 1 
ATOM   661  H HG23 . THR A 1 44  ? -8.195  -1.800  -8.569  1.00 21.90 ? 44  THR A HG23 1 
ATOM   662  N N    . THR A 1 45  ? -8.110  1.254   -10.524 1.00 21.24 ? 45  THR A N    1 
ATOM   663  C CA   . THR A 1 45  ? -9.449  1.757   -10.813 1.00 22.05 ? 45  THR A CA   1 
ATOM   664  C C    . THR A 1 45  ? -10.407 0.590   -11.018 1.00 23.74 ? 45  THR A C    1 
ATOM   665  O O    . THR A 1 45  ? -11.630 0.787   -10.985 1.00 24.12 ? 45  THR A O    1 
ATOM   666  C CB   . THR A 1 45  ? -9.476  2.623   -12.083 1.00 22.37 ? 45  THR A CB   1 
ATOM   667  O OG1  . THR A 1 45  ? -9.070  1.834   -13.205 1.00 21.76 ? 45  THR A OG1  1 
ATOM   668  C CG2  . THR A 1 45  ? -8.550  3.821   -11.945 1.00 22.37 ? 45  THR A CG2  1 
ATOM   669  H H    . THR A 1 45  ? -7.511  1.215   -11.337 1.00 21.26 ? 45  THR A H    1 
ATOM   670  H HA   . THR A 1 45  ? -9.777  2.303   -10.070 1.00 22.24 ? 45  THR A HA   1 
ATOM   671  H HB   . THR A 1 45  ? -10.378 2.949   -12.229 1.00 22.19 ? 45  THR A HB   1 
ATOM   672  H HG21 . THR A 1 45  ? -8.737  4.287   -11.125 1.00 22.36 ? 45  THR A HG21 1 
ATOM   673  H HG22 . THR A 1 45  ? -8.682  4.423   -12.682 1.00 22.36 ? 45  THR A HG22 1 
ATOM   674  H HG23 . THR A 1 45  ? -7.635  3.533   -11.939 1.00 22.36 ? 45  THR A HG23 1 
ATOM   675  N N    . THR A 1 46  ? -9.862  -0.613  -11.240 1.00 24.27 ? 46  THR A N    1 
ATOM   676  C CA   . THR A 1 46  ? -10.680 -1.803  -11.397 1.00 25.48 ? 46  THR A CA   1 
ATOM   677  C C    . THR A 1 46  ? -11.468 -2.013  -10.118 1.00 26.13 ? 46  THR A C    1 
ATOM   678  O O    . THR A 1 46  ? -10.926 -1.912  -9.017  1.00 24.95 ? 46  THR A O    1 
ATOM   679  C CB   . THR A 1 46  ? -9.842  -3.062  -11.702 1.00 26.12 ? 46  THR A CB   1 
ATOM   680  O OG1  . THR A 1 46  ? -9.038  -2.828  -12.859 1.00 26.47 ? 46  THR A OG1  1 
ATOM   681  C CG2  . THR A 1 46  ? -10.735 -4.262  -11.958 1.00 26.71 ? 46  THR A CG2  1 
ATOM   682  H H    . THR A 1 46  ? -8.876  -0.803  -11.337 1.00 24.38 ? 46  THR A H    1 
ATOM   683  H HA   . THR A 1 46  ? -11.293 -1.658  -12.145 1.00 25.49 ? 46  THR A HA   1 
ATOM   684  H HB   . THR A 1 46  ? -9.270  -3.260  -10.945 1.00 26.17 ? 46  THR A HB   1 
ATOM   685  H HG21 . THR A 1 46  ? -11.058 -4.624  -11.127 1.00 26.52 ? 46  THR A HG21 1 
ATOM   686  H HG22 . THR A 1 46  ? -10.236 -4.945  -12.417 1.00 26.52 ? 46  THR A HG22 1 
ATOM   687  H HG23 . THR A 1 46  ? -11.484 -4.004  -12.502 1.00 26.52 ? 46  THR A HG23 1 
ATOM   688  N N    . ARG A 1 47  ? -12.755 -2.270  -10.290 1.00 26.47 ? 47  ARG A N    1 
ATOM   689  C CA   . ARG A 1 47  ? -13.677 -2.448  -9.194  1.00 27.90 ? 47  ARG A CA   1 
ATOM   690  C C    . ARG A 1 47  ? -13.969 -3.930  -9.028  1.00 27.72 ? 47  ARG A C    1 
ATOM   691  O O    . ARG A 1 47  ? -14.306 -4.606  -10.000 1.00 27.13 ? 47  ARG A O    1 
ATOM   692  C CB   . ARG A 1 47  ? -14.970 -1.703  -9.498  1.00 29.28 ? 47  ARG A CB   1 
ATOM   693  C CG   . ARG A 1 47  ? -16.067 -1.929  -8.480  1.00 31.68 ? 47  ARG A CG   1 
ATOM   694  C CD   . ARG A 1 47  ? -17.276 -1.100  -8.835  1.00 33.63 ? 47  ARG A CD   1 
ATOM   695  N NE   . ARG A 1 47  ? -18.336 -1.282  -7.853  1.00 36.50 ? 47  ARG A NE   1 
ATOM   696  C CZ   . ARG A 1 47  ? -19.518 -0.674  -7.900  1.00 38.64 ? 47  ARG A CZ   1 
ATOM   697  N NH1  . ARG A 1 47  ? -19.813 0.168   -8.894  1.00 37.62 ? 47  ARG A NH1  1 
ATOM   698  N NH2  . ARG A 1 47  ? -20.413 -0.915  -6.944  1.00 40.22 ? 47  ARG A NH2  1 
ATOM   699  H H    . ARG A 1 47  ? -13.191 -2.371  -11.194 1.00 26.73 ? 47  ARG A H    1 
ATOM   700  H HA   . ARG A 1 47  ? -13.315 -2.087  -8.359  1.00 27.82 ? 47  ARG A HA   1 
ATOM   701  H HB2  . ARG A 1 47  ? -14.782 -0.751  -9.523  1.00 29.48 ? 47  ARG A HB2  1 
ATOM   702  H HB3  . ARG A 1 47  ? -15.310 -1.994  -10.359 1.00 29.47 ? 47  ARG A HB3  1 
ATOM   703  H HG2  . ARG A 1 47  ? -16.348 -2.857  -8.488  1.00 31.50 ? 47  ARG A HG2  1 
ATOM   704  H HG3  . ARG A 1 47  ? -15.761 -1.679  -7.596  1.00 31.48 ? 47  ARG A HG3  1 
ATOM   705  H HD2  . ARG A 1 47  ? -17.029 -0.162  -8.853  1.00 33.82 ? 47  ARG A HD2  1 
ATOM   706  H HD3  . ARG A 1 47  ? -17.612 -1.380  -9.701  1.00 33.82 ? 47  ARG A HD3  1 
ATOM   707  H HE   . ARG A 1 47  ? -18.222 -1.997  -7.206  1.00 36.29 ? 47  ARG A HE   1 
ATOM   708  H HH11 . ARG A 1 47  ? -19.250 0.339   -9.519  1.00 37.88 ? 47  ARG A HH11 1 
ATOM   709  H HH12 . ARG A 1 47  ? -20.581 0.554   -8.912  1.00 37.94 ? 47  ARG A HH12 1 
ATOM   710  H HH21 . ARG A 1 47  ? -20.227 -1.459  -6.307  1.00 39.65 ? 47  ARG A HH21 1 
ATOM   711  H HH22 . ARG A 1 47  ? -21.183 -0.530  -6.966  1.00 39.66 ? 47  ARG A HH22 1 
ATOM   712  N N    . ARG A 1 48  ? -13.802 -4.427  -7.805  1.00 27.45 ? 48  ARG A N    1 
ATOM   713  C CA   . ARG A 1 48  ? -14.290 -5.749  -7.409  1.00 28.36 ? 48  ARG A CA   1 
ATOM   714  C C    . ARG A 1 48  ? -14.779 -5.710  -5.971  1.00 28.78 ? 48  ARG A C    1 
ATOM   715  O O    . ARG A 1 48  ? -14.353 -4.860  -5.194  1.00 29.03 ? 48  ARG A O    1 
ATOM   716  C CB   . ARG A 1 48  ? -13.197 -6.793  -7.574  1.00 27.74 ? 48  ARG A CB   1 
ATOM   717  C CG   . ARG A 1 48  ? -12.785 -6.954  -9.024  1.00 28.22 ? 48  ARG A CG   1 
ATOM   718  C CD   . ARG A 1 48  ? -11.820 -8.080  -9.195  1.00 27.54 ? 48  ARG A CD   1 
ATOM   719  N NE   . ARG A 1 48  ? -12.452 -9.367  -8.939  1.00 26.97 ? 48  ARG A NE   1 
ATOM   720  C CZ   . ARG A 1 48  ? -11.786 -10.504 -8.773  1.00 26.70 ? 48  ARG A CZ   1 
ATOM   721  N NH1  . ARG A 1 48  ? -10.459 -10.523 -8.815  1.00 27.17 ? 48  ARG A NH1  1 
ATOM   722  N NH2  . ARG A 1 48  ? -12.452 -11.630 -8.548  1.00 26.50 ? 48  ARG A NH2  1 
ATOM   723  H H    . ARG A 1 48  ? -13.322 -3.941  -7.061  1.00 27.73 ? 48  ARG A H    1 
ATOM   724  H HA   . ARG A 1 48  ? -15.049 -6.011  -7.971  1.00 28.15 ? 48  ARG A HA   1 
ATOM   725  H HB2  . ARG A 1 48  ? -12.418 -6.520  -7.066  1.00 27.97 ? 48  ARG A HB2  1 
ATOM   726  H HB3  . ARG A 1 48  ? -13.527 -7.645  -7.249  1.00 27.99 ? 48  ARG A HB3  1 
ATOM   727  H HG2  . ARG A 1 48  ? -13.567 -7.129  -9.571  1.00 27.93 ? 48  ARG A HG2  1 
ATOM   728  H HG3  . ARG A 1 48  ? -12.329 -6.154  -9.323  1.00 27.93 ? 48  ARG A HG3  1 
ATOM   729  H HD2  . ARG A 1 48  ? -11.476 -8.080  -10.101 1.00 27.56 ? 48  ARG A HD2  1 
ATOM   730  H HD3  . ARG A 1 48  ? -11.101 -7.951  -8.558  1.00 27.55 ? 48  ARG A HD3  1 
ATOM   731  H HE   . ARG A 1 48  ? -13.418 -9.414  -9.020  1.00 27.04 ? 48  ARG A HE   1 
ATOM   732  H HH11 . ARG A 1 48  ? -9.999  -9.815  -8.960  1.00 27.01 ? 48  ARG A HH11 1 
ATOM   733  H HH12 . ARG A 1 48  ? -10.042 -11.267 -8.702  1.00 27.01 ? 48  ARG A HH12 1 
ATOM   734  H HH21 . ARG A 1 48  ? -13.312 -11.628 -8.515  1.00 26.57 ? 48  ARG A HH21 1 
ATOM   735  H HH22 . ARG A 1 48  ? -12.027 -12.370 -8.434  1.00 26.57 ? 48  ARG A HH22 1 
ATOM   736  N N    . THR A 1 49  ? -15.687 -6.617  -5.634  1.00 29.82 ? 49  THR A N    1 
ATOM   737  C CA   . THR A 1 49  ? -16.292 -6.662  -4.301  1.00 31.80 ? 49  THR A CA   1 
ATOM   738  C C    . THR A 1 49  ? -15.928 -8.000  -3.652  1.00 30.29 ? 49  THR A C    1 
ATOM   739  O O    . THR A 1 49  ? -16.771 -8.886  -3.495  1.00 31.18 ? 49  THR A O    1 
ATOM   740  C CB   . THR A 1 49  ? -17.835 -6.443  -4.351  1.00 33.95 ? 49  THR A CB   1 
ATOM   741  O OG1  . THR A 1 49  ? -18.512 -7.667  -4.670  1.00 36.64 ? 49  THR A OG1  1 
ATOM   742  C CG2  . THR A 1 49  ? -18.213 -5.375  -5.386  1.00 34.36 ? 49  THR A CG2  1 
ATOM   743  H H    . THR A 1 49  ? -16.027 -7.337  -6.257  1.00 30.01 ? 49  THR A H    1 
ATOM   744  H HA   . THR A 1 49  ? -15.925 -5.959  -3.727  1.00 31.49 ? 49  THR A HA   1 
ATOM   745  H HB   . THR A 1 49  ? -18.137 -6.135  -3.482  1.00 34.10 ? 49  THR A HB   1 
ATOM   746  H HG21 . THR A 1 49  ? -17.602 -4.634  -5.333  1.00 34.22 ? 49  THR A HG21 1 
ATOM   747  H HG22 . THR A 1 49  ? -19.104 -5.056  -5.219  1.00 34.22 ? 49  THR A HG22 1 
ATOM   748  H HG23 . THR A 1 49  ? -18.178 -5.747  -6.272  1.00 34.20 ? 49  THR A HG23 1 
ATOM   749  N N    . ILE A 1 50  ? -14.652 -8.138  -3.299  1.00 28.69 ? 50  ILE A N    1 
ATOM   750  C CA   . ILE A 1 50  ? -14.125 -9.377  -2.713  1.00 27.60 ? 50  ILE A CA   1 
ATOM   751  C C    . ILE A 1 50  ? -13.287 -9.053  -1.466  1.00 25.85 ? 50  ILE A C    1 
ATOM   752  O O    . ILE A 1 50  ? -12.792 -7.936  -1.344  1.00 25.12 ? 50  ILE A O    1 
ATOM   753  C CB   . ILE A 1 50  ? -13.320 -10.205 -3.748  1.00 27.37 ? 50  ILE A CB   1 
ATOM   754  C CG1  . ILE A 1 50  ? -12.113 -9.423  -4.288  1.00 27.55 ? 50  ILE A CG1  1 
ATOM   755  C CG2  . ILE A 1 50  ? -14.228 -10.618 -4.896  1.00 27.99 ? 50  ILE A CG2  1 
ATOM   756  C CD1  . ILE A 1 50  ? -11.222 -10.233 -5.214  1.00 27.24 ? 50  ILE A CD1  1 
ATOM   757  H H    . ILE A 1 50  ? -13.958 -7.411  -3.404  1.00 28.76 ? 50  ILE A H    1 
ATOM   758  H HA   . ILE A 1 50  ? -14.875 -9.931  -2.425  1.00 27.42 ? 50  ILE A HA   1 
ATOM   759  H HB   . ILE A 1 50  ? -12.994 -11.007 -3.313  1.00 27.55 ? 50  ILE A HB   1 
ATOM   760  H HG12 . ILE A 1 50  ? -12.434 -8.655  -4.785  1.00 27.44 ? 50  ILE A HG12 1 
ATOM   761  H HG13 . ILE A 1 50  ? -11.557 -9.128  -3.551  1.00 27.43 ? 50  ILE A HG13 1 
ATOM   762  H HG21 . ILE A 1 50  ? -15.066 -10.924 -4.542  1.00 27.79 ? 50  ILE A HG21 1 
ATOM   763  H HG22 . ILE A 1 50  ? -13.811 -11.326 -5.392  1.00 27.79 ? 50  ILE A HG22 1 
ATOM   764  H HG23 . ILE A 1 50  ? -14.373 -9.859  -5.467  1.00 27.79 ? 50  ILE A HG23 1 
ATOM   765  H HD11 . ILE A 1 50  ? -10.995 -11.059 -4.781  1.00 27.33 ? 50  ILE A HD11 1 
ATOM   766  H HD12 . ILE A 1 50  ? -10.426 -9.740  -5.410  1.00 27.31 ? 50  ILE A HD12 1 
ATOM   767  H HD13 . ILE A 1 50  ? -11.697 -10.413 -6.024  1.00 27.33 ? 50  ILE A HD13 1 
ATOM   768  N N    . PRO A 1 51  ? -13.142 -10.023 -0.531  1.00 24.68 ? 51  PRO A N    1 
ATOM   769  C CA   . PRO A 1 51  ? -12.473 -9.723  0.744   1.00 23.96 ? 51  PRO A CA   1 
ATOM   770  C C    . PRO A 1 51  ? -11.084 -9.072  0.633   1.00 22.28 ? 51  PRO A C    1 
ATOM   771  O O    . PRO A 1 51  ? -10.731 -8.256  1.474   1.00 21.94 ? 51  PRO A O    1 
ATOM   772  C CB   . PRO A 1 51  ? -12.381 -11.096 1.423   1.00 24.09 ? 51  PRO A CB   1 
ATOM   773  C CG   . PRO A 1 51  ? -13.540 -11.855 0.887   1.00 24.83 ? 51  PRO A CG   1 
ATOM   774  C CD   . PRO A 1 51  ? -13.747 -11.373 -0.522  1.00 24.87 ? 51  PRO A CD   1 
ATOM   775  H HA   . PRO A 1 51  ? -13.046 -9.143  1.287   1.00 23.78 ? 51  PRO A HA   1 
ATOM   776  H HB2  . PRO A 1 51  ? -11.549 -11.534 1.185   1.00 24.22 ? 51  PRO A HB2  1 
ATOM   777  H HB3  . PRO A 1 51  ? -12.453 -10.991 2.384   1.00 24.22 ? 51  PRO A HB3  1 
ATOM   778  H HG2  . PRO A 1 51  ? -13.337 -12.804 0.895   1.00 24.66 ? 51  PRO A HG2  1 
ATOM   779  H HG3  . PRO A 1 51  ? -14.325 -11.672 1.427   1.00 24.66 ? 51  PRO A HG3  1 
ATOM   780  H HD2  . PRO A 1 51  ? -13.291 -11.956 -1.149  1.00 24.82 ? 51  PRO A HD2  1 
ATOM   781  H HD3  . PRO A 1 51  ? -14.698 -11.329 -0.706  1.00 24.83 ? 51  PRO A HD3  1 
ATOM   782  N N    . THR A 1 52  ? -10.313 -9.406  -0.399  1.00 21.17 ? 52  THR A N    1 
ATOM   783  C CA   . THR A 1 52  ? -8.948  -8.860  -0.546  1.00 20.44 ? 52  THR A CA   1 
ATOM   784  C C    . THR A 1 52  ? -8.844  -7.516  -1.283  1.00 20.26 ? 52  THR A C    1 
ATOM   785  O O    . THR A 1 52  ? -7.738  -7.005  -1.471  1.00 19.24 ? 52  THR A O    1 
ATOM   786  C CB   . THR A 1 52  ? -8.028  -9.886  -1.216  1.00 19.99 ? 52  THR A CB   1 
ATOM   787  O OG1  . THR A 1 52  ? -8.672  -10.410 -2.389  1.00 19.10 ? 52  THR A OG1  1 
ATOM   788  C CG2  . THR A 1 52  ? -7.718  -11.010 -0.236  1.00 19.76 ? 52  THR A CG2  1 
ATOM   789  H H    . THR A 1 52  ? -10.576 -10.041 -1.139  1.00 21.28 ? 52  THR A H    1 
ATOM   790  H HA   . THR A 1 52  ? -8.573  -8.704  0.346   1.00 20.46 ? 52  THR A HA   1 
ATOM   791  H HB   . THR A 1 52  ? -7.185  -9.478  -1.469  1.00 19.85 ? 52  THR A HB   1 
ATOM   792  H HG21 . THR A 1 52  ? -7.325  -10.652 0.563   1.00 19.83 ? 52  THR A HG21 1 
ATOM   793  H HG22 . THR A 1 52  ? -7.105  -11.632 -0.623  1.00 19.85 ? 52  THR A HG22 1 
ATOM   794  H HG23 . THR A 1 52  ? -8.527  -11.473 -0.005  1.00 19.83 ? 52  THR A HG23 1 
ATOM   795  N N    . TRP A 1 53  ? -9.977  -6.959  -1.715  1.00 20.56 ? 53  TRP A N    1 
ATOM   796  C CA   . TRP A 1 53  ? -10.014 -5.634  -2.326  1.00 21.09 ? 53  TRP A CA   1 
ATOM   797  C C    . TRP A 1 53  ? -10.635 -4.658  -1.335  1.00 21.22 ? 53  TRP A C    1 
ATOM   798  O O    . TRP A 1 53  ? -11.619 -4.996  -0.675  1.00 21.99 ? 53  TRP A O    1 
ATOM   799  C CB   . TRP A 1 53  ? -10.777 -5.669  -3.647  1.00 22.16 ? 53  TRP A CB   1 
ATOM   800  C CG   . TRP A 1 53  ? -9.947  -6.307  -4.730  1.00 23.40 ? 53  TRP A CG   1 
ATOM   801  C CD1  . TRP A 1 53  ? -9.212  -7.467  -4.637  1.00 24.09 ? 53  TRP A CD1  1 
ATOM   802  C CD2  . TRP A 1 53  ? -9.740  -5.819  -6.043  1.00 23.56 ? 53  TRP A CD2  1 
ATOM   803  N NE1  . TRP A 1 53  ? -8.577  -7.727  -5.817  1.00 23.97 ? 53  TRP A NE1  1 
ATOM   804  C CE2  . TRP A 1 53  ? -8.883  -6.734  -6.702  1.00 24.41 ? 53  TRP A CE2  1 
ATOM   805  C CE3  . TRP A 1 53  ? -10.197 -4.703  -6.740  1.00 24.34 ? 53  TRP A CE3  1 
ATOM   806  C CZ2  . TRP A 1 53  ? -8.477  -6.562  -8.021  1.00 25.49 ? 53  TRP A CZ2  1 
ATOM   807  C CZ3  . TRP A 1 53  ? -9.799  -4.542  -8.037  1.00 25.33 ? 53  TRP A CZ3  1 
ATOM   808  C CH2  . TRP A 1 53  ? -8.946  -5.458  -8.671  1.00 26.22 ? 53  TRP A CH2  1 
ATOM   809  H H    . TRP A 1 53  ? -10.887 -7.388  -1.671  1.00 20.65 ? 53  TRP A H    1 
ATOM   810  H HA   . TRP A 1 53  ? -9.109  -5.337  -2.527  1.00 21.17 ? 53  TRP A HA   1 
ATOM   811  H HB2  . TRP A 1 53  ? -11.593 -6.183  -3.542  1.00 22.17 ? 53  TRP A HB2  1 
ATOM   812  H HB3  . TRP A 1 53  ? -10.985 -4.762  -3.922  1.00 22.18 ? 53  TRP A HB3  1 
ATOM   813  H HD1  . TRP A 1 53  ? -9.154  -8.014  -3.894  1.00 23.84 ? 53  TRP A HD1  1 
ATOM   814  H HE1  . TRP A 1 53  ? -8.074  -8.406  -5.978  1.00 24.10 ? 53  TRP A HE1  1 
ATOM   815  H HE3  . TRP A 1 53  ? -10.763 -4.086  -6.335  1.00 24.38 ? 53  TRP A HE3  1 
ATOM   816  H HZ2  . TRP A 1 53  ? -7.914  -7.171  -8.441  1.00 25.37 ? 53  TRP A HZ2  1 
ATOM   817  H HZ3  . TRP A 1 53  ? -10.086 -3.814  -8.511  1.00 25.29 ? 53  TRP A HZ3  1 
ATOM   818  H HH2  . TRP A 1 53  ? -8.696  -5.309  -9.554  1.00 25.81 ? 53  TRP A HH2  1 
ATOM   819  N N    . VAL A 1 54  ? -10.025 -3.483  -1.196  1.00 19.82 ? 54  VAL A N    1 
ATOM   820  C CA   . VAL A 1 54  ? -10.503 -2.439  -0.289  1.00 19.83 ? 54  VAL A CA   1 
ATOM   821  C C    . VAL A 1 54  ? -10.757 -1.165  -1.092  1.00 19.51 ? 54  VAL A C    1 
ATOM   822  O O    . VAL A 1 54  ? -9.836  -0.605  -1.663  1.00 19.17 ? 54  VAL A O    1 
ATOM   823  C CB   . VAL A 1 54  ? -9.480  -2.146  0.841   1.00 19.78 ? 54  VAL A CB   1 
ATOM   824  C CG1  . VAL A 1 54  ? -10.024 -1.095  1.803   1.00 20.32 ? 54  VAL A CG1  1 
ATOM   825  C CG2  . VAL A 1 54  ? -9.136  -3.425  1.597   1.00 19.44 ? 54  VAL A CG2  1 
ATOM   826  H H    . VAL A 1 54  ? -9.191  -3.214  -1.700  1.00 20.14 ? 54  VAL A H    1 
ATOM   827  H HA   . VAL A 1 54  ? -11.341 -2.708  0.140   1.00 19.76 ? 54  VAL A HA   1 
ATOM   828  H HB   . VAL A 1 54  ? -8.654  -1.797  0.445   1.00 19.82 ? 54  VAL A HB   1 
ATOM   829  H HG11 . VAL A 1 54  ? -9.975  -0.227  1.395   1.00 20.14 ? 54  VAL A HG11 1 
ATOM   830  H HG12 . VAL A 1 54  ? -9.495  -1.096  2.606   1.00 20.14 ? 54  VAL A HG12 1 
ATOM   831  H HG13 . VAL A 1 54  ? -10.936 -1.309  2.016   1.00 20.14 ? 54  VAL A HG13 1 
ATOM   832  H HG21 . VAL A 1 54  ? -9.950  -3.843  1.887   1.00 19.53 ? 54  VAL A HG21 1 
ATOM   833  H HG22 . VAL A 1 54  ? -8.591  -3.208  2.357   1.00 19.54 ? 54  VAL A HG22 1 
ATOM   834  H HG23 . VAL A 1 54  ? -8.652  -4.017  1.016   1.00 19.54 ? 54  VAL A HG23 1 
ATOM   835  N N    . ALA A 1 55  ? -12.009 -0.720  -1.131  1.00 19.28 ? 55  ALA A N    1 
ATOM   836  C CA   . ALA A 1 55  ? -12.356 0.542   -1.773  1.00 19.89 ? 55  ALA A CA   1 
ATOM   837  C C    . ALA A 1 55  ? -11.892 1.712   -0.910  1.00 20.60 ? 55  ALA A C    1 
ATOM   838  O O    . ALA A 1 55  ? -12.049 1.702   0.317   1.00 20.76 ? 55  ALA A O    1 
ATOM   839  C CB   . ALA A 1 55  ? -13.868 0.631   -2.009  1.00 19.97 ? 55  ALA A CB   1 
ATOM   840  H H    . ALA A 1 55  ? -12.800 -1.205  -0.730  1.00 19.48 ? 55  ALA A H    1 
ATOM   841  H HA   . ALA A 1 55  ? -11.917 0.594   -2.648  1.00 19.93 ? 55  ALA A HA   1 
ATOM   842  H HB1  . ALA A 1 55  ? -14.155 -0.145  -2.495  1.00 19.95 ? 55  ALA A HB1  1 
ATOM   843  H HB2  . ALA A 1 55  ? -14.058 1.426   -2.515  1.00 19.94 ? 55  ALA A HB2  1 
ATOM   844  H HB3  . ALA A 1 55  ? -14.314 0.670   -1.159  1.00 19.94 ? 55  ALA A HB3  1 
ATOM   845  N N    . MET A 1 56  ? -11.330 2.724   -1.558  1.00 21.43 ? 56  MET A N    1 
ATOM   846  C CA   . MET A 1 56  ? -11.023 3.976   -0.891  1.00 23.06 ? 56  MET A CA   1 
ATOM   847  C C    . MET A 1 56  ? -12.335 4.647   -0.514  1.00 24.27 ? 56  MET A C    1 
ATOM   848  O O    . MET A 1 56  ? -13.350 4.463   -1.194  1.00 25.42 ? 56  MET A O    1 
ATOM   849  C CB   . MET A 1 56  ? -10.221 4.898   -1.803  1.00 23.21 ? 56  MET A CB   1 
ATOM   850  C CG   . MET A 1 56  ? -8.834  4.402   -2.173  1.00 24.04 ? 56  MET A CG   1 
ATOM   851  S SD   . MET A 1 56  ? -7.770  4.127   -0.738  1.00 23.81 ? 56  MET A SD   1 
ATOM   852  C CE   . MET A 1 56  ? -6.166  4.102   -1.512  1.00 25.30 ? 56  MET A CE   1 
ATOM   853  H H    . MET A 1 56  ? -11.093 2.703   -2.540  1.00 21.62 ? 56  MET A H    1 
ATOM   854  H HA   . MET A 1 56  ? -10.509 3.799   -0.076  1.00 22.99 ? 56  MET A HA   1 
ATOM   855  H HB2  . MET A 1 56  ? -10.716 5.034   -2.626  1.00 23.36 ? 56  MET A HB2  1 
ATOM   856  H HB3  . MET A 1 56  ? -10.111 5.745   -1.346  1.00 23.38 ? 56  MET A HB3  1 
ATOM   857  H HG2  . MET A 1 56  ? -8.912  3.563   -2.652  1.00 23.77 ? 56  MET A HG2  1 
ATOM   858  H HG3  . MET A 1 56  ? -8.406  5.065   -2.737  1.00 23.78 ? 56  MET A HG3  1 
ATOM   859  H HE1  . MET A 1 56  ? -6.176  3.454   -2.218  1.00 24.85 ? 56  MET A HE1  1 
ATOM   860  H HE2  . MET A 1 56  ? -5.507  3.862   -0.859  1.00 24.82 ? 56  MET A HE2  1 
ATOM   861  H HE3  . MET A 1 56  ? -5.977  4.974   -1.867  1.00 24.84 ? 56  MET A HE3  1 
ATOM   862  N N    . GLY A 1 57  ? -12.304 5.405   0.574   1.00 25.20 ? 57  GLY A N    1 
ATOM   863  C CA   . GLY A 1 57  ? -13.496 6.037   1.136   1.00 26.44 ? 57  GLY A CA   1 
ATOM   864  C C    . GLY A 1 57  ? -13.510 7.539   0.927   1.00 27.72 ? 57  GLY A C    1 
ATOM   865  O O    . GLY A 1 57  ? -12.516 8.118   0.465   1.00 26.24 ? 57  GLY A O    1 
ATOM   866  H H    . GLY A 1 57  ? -11.465 5.604   1.096   1.00 25.24 ? 57  GLY A H    1 
ATOM   867  H HA2  . GLY A 1 57  ? -14.301 5.662   0.748   1.00 26.44 ? 57  GLY A HA2  1 
ATOM   868  H HA3  . GLY A 1 57  ? -13.518 5.869   2.091   1.00 26.45 ? 57  GLY A HA3  1 
ATOM   869  N N    . PRO A 1 58  ? -14.632 8.190   1.291   1.00 29.48 ? 58  PRO A N    1 
ATOM   870  C CA   . PRO A 1 58  ? -14.781 9.618   1.028   1.00 30.92 ? 58  PRO A CA   1 
ATOM   871  C C    . PRO A 1 58  ? -13.779 10.512  1.768   1.00 31.98 ? 58  PRO A C    1 
ATOM   872  O O    . PRO A 1 58  ? -13.620 11.657  1.371   1.00 33.73 ? 58  PRO A O    1 
ATOM   873  C CB   . PRO A 1 58  ? -16.223 9.915   1.467   1.00 31.41 ? 58  PRO A CB   1 
ATOM   874  C CG   . PRO A 1 58  ? -16.554 8.850   2.449   1.00 31.07 ? 58  PRO A CG   1 
ATOM   875  C CD   . PRO A 1 58  ? -15.803 7.631   1.996   1.00 30.04 ? 58  PRO A CD   1 
ATOM   876  H HA   . PRO A 1 58  ? -14.703 9.788   0.067   1.00 30.93 ? 58  PRO A HA   1 
ATOM   877  H HB2  . PRO A 1 58  ? -16.280 10.790  1.880   1.00 31.21 ? 58  PRO A HB2  1 
ATOM   878  H HB3  . PRO A 1 58  ? -16.811 9.862   0.698   1.00 31.21 ? 58  PRO A HB3  1 
ATOM   879  H HG2  . PRO A 1 58  ? -16.262 9.121   3.333   1.00 30.90 ? 58  PRO A HG2  1 
ATOM   880  H HG3  . PRO A 1 58  ? -17.509 8.685   2.440   1.00 30.90 ? 58  PRO A HG3  1 
ATOM   881  H HD2  . PRO A 1 58  ? -15.524 7.111   2.764   1.00 30.13 ? 58  PRO A HD2  1 
ATOM   882  H HD3  . PRO A 1 58  ? -16.346 7.107   1.387   1.00 30.14 ? 58  PRO A HD3  1 
ATOM   883  N N    . SER A 1 59  ? -13.111 9.996   2.808   1.00 31.96 ? 59  SER A N    1 
ATOM   884  C CA   . SER A 1 59  ? -12.061 10.729  3.526   1.00 31.60 ? 59  SER A CA   1 
ATOM   885  C C    . SER A 1 59  ? -10.639 10.446  3.044   1.00 29.79 ? 59  SER A C    1 
ATOM   886  O O    . SER A 1 59  ? -9.711  11.112  3.493   1.00 28.33 ? 59  SER A O    1 
ATOM   887  C CB   . SER A 1 59  ? -12.151 10.424  5.025   1.00 33.02 ? 59  SER A CB   1 
ATOM   888  O OG   . SER A 1 59  ? -13.442 10.741  5.518   1.00 34.28 ? 59  SER A OG   1 
ATOM   889  H H    . SER A 1 59  ? -13.278 9.085   3.209   1.00 31.85 ? 59  SER A H    1 
ATOM   890  H HA   . SER A 1 59  ? -12.209 11.693  3.433   1.00 31.58 ? 59  SER A HA   1 
ATOM   891  H HB2  . SER A 1 59  ? -11.978 9.480   5.168   1.00 32.95 ? 59  SER A HB2  1 
ATOM   892  H HB3  . SER A 1 59  ? -11.493 10.958  5.498   1.00 32.93 ? 59  SER A HB3  1 
ATOM   893  N N    . ASP A 1 60  ? -10.455 9.461   2.153   1.00 28.36 ? 60  ASP A N    1 
ATOM   894  C CA   . ASP A 1 60  ? -9.118  9.122   1.653   1.00 27.21 ? 60  ASP A CA   1 
ATOM   895  C C    . ASP A 1 60  ? -8.687  10.087  0.552   1.00 28.91 ? 60  ASP A C    1 
ATOM   896  O O    . ASP A 1 60  ? -9.534  10.696  -0.088  1.00 30.13 ? 60  ASP A O    1 
ATOM   897  C CB   . ASP A 1 60  ? -9.064  7.678   1.140   1.00 25.73 ? 60  ASP A CB   1 
ATOM   898  C CG   . ASP A 1 60  ? -9.116  6.676   2.258   1.00 24.66 ? 60  ASP A CG   1 
ATOM   899  O OD1  . ASP A 1 60  ? -8.245  6.739   3.152   1.00 22.98 ? 60  ASP A OD1  1 
ATOM   900  O OD2  . ASP A 1 60  ? -10.046 5.849   2.258   1.00 23.14 ? 60  ASP A OD2  1 
ATOM   901  H H    . ASP A 1 60  ? -11.188 8.892   1.764   1.00 28.39 ? 60  ASP A H    1 
ATOM   902  H HA   . ASP A 1 60  ? -8.483  9.197   2.394   1.00 27.45 ? 60  ASP A HA   1 
ATOM   903  H HB2  . ASP A 1 60  ? -9.820  7.519   0.553   1.00 25.81 ? 60  ASP A HB2  1 
ATOM   904  H HB3  . ASP A 1 60  ? -8.242  7.533   0.650   1.00 25.86 ? 60  ASP A HB3  1 
ATOM   905  N N    . PRO A 1 61  ? -7.367  10.221  0.328   1.00 30.17 ? 61  PRO A N    1 
ATOM   906  C CA   . PRO A 1 61  ? -6.823  11.149  -0.673  1.00 30.91 ? 61  PRO A CA   1 
ATOM   907  C C    . PRO A 1 61  ? -6.985  10.730  -2.142  1.00 30.90 ? 61  PRO A C    1 
ATOM   908  O O    . PRO A 1 61  ? -6.754  11.545  -3.037  1.00 30.29 ? 61  PRO A O    1 
ATOM   909  C CB   . PRO A 1 61  ? -5.330  11.177  -0.324  1.00 31.16 ? 61  PRO A CB   1 
ATOM   910  C CG   . PRO A 1 61  ? -5.080  9.834   0.266   1.00 31.60 ? 61  PRO A CG   1 
ATOM   911  C CD   . PRO A 1 61  ? -6.287  9.614   1.129   1.00 30.84 ? 61  PRO A CD   1 
ATOM   912  H HA   . PRO A 1 61  ? -7.200  12.045  -0.548  1.00 30.81 ? 61  PRO A HA   1 
ATOM   913  H HB2  . PRO A 1 61  ? -4.790  11.311  -1.119  1.00 31.20 ? 61  PRO A HB2  1 
ATOM   914  H HB3  . PRO A 1 61  ? -5.161  11.875  0.329   1.00 31.20 ? 61  PRO A HB3  1 
ATOM   915  H HG2  . PRO A 1 61  ? -5.030  9.167   -0.436  1.00 31.29 ? 61  PRO A HG2  1 
ATOM   916  H HG3  . PRO A 1 61  ? -4.267  9.848   0.789   1.00 31.23 ? 61  PRO A HG3  1 
ATOM   917  H HD2  . PRO A 1 61  ? -6.418  8.666   1.265   1.00 30.76 ? 61  PRO A HD2  1 
ATOM   918  H HD3  . PRO A 1 61  ? -6.193  10.086  1.970   1.00 30.81 ? 61  PRO A HD3  1 
ATOM   919  N N    . LEU A 1 62  ? -7.327  9.468   -2.387  1.00 30.37 ? 62  LEU A N    1 
ATOM   920  C CA   . LEU A 1 62  ? -7.413  8.935   -3.730  1.00 29.72 ? 62  LEU A CA   1 
ATOM   921  C C    . LEU A 1 62  ? -8.708  8.152   -3.882  1.00 28.70 ? 62  LEU A C    1 
ATOM   922  O O    . LEU A 1 62  ? -9.280  7.678   -2.892  1.00 27.50 ? 62  LEU A O    1 
ATOM   923  C CB   . LEU A 1 62  ? -6.211  8.030   -3.997  1.00 30.72 ? 62  LEU A CB   1 
ATOM   924  C CG   . LEU A 1 62  ? -4.832  8.689   -3.827  1.00 31.36 ? 62  LEU A CG   1 
ATOM   925  C CD1  . LEU A 1 62  ? -3.758  7.674   -3.483  1.00 32.58 ? 62  LEU A CD1  1 
ATOM   926  C CD2  . LEU A 1 62  ? -4.456  9.482   -5.067  1.00 31.49 ? 62  LEU A CD2  1 
ATOM   927  H H    . LEU A 1 62  ? -7.534  8.775   -1.685  1.00 30.31 ? 62  LEU A H    1 
ATOM   928  H HA   . LEU A 1 62  ? -7.413  9.651   -4.400  1.00 29.81 ? 62  LEU A HA   1 
ATOM   929  H HB2  . LEU A 1 62  ? -6.257  7.280   -3.385  1.00 30.63 ? 62  LEU A HB2  1 
ATOM   930  H HB3  . LEU A 1 62  ? -6.270  7.704   -4.909  1.00 30.63 ? 62  LEU A HB3  1 
ATOM   931  H HG   . LEU A 1 62  ? -4.855  9.315   -3.090  1.00 31.48 ? 62  LEU A HG   1 
ATOM   932  H HD11 . LEU A 1 62  ? -3.989  7.243   -2.656  1.00 32.18 ? 62  LEU A HD11 1 
ATOM   933  H HD12 . LEU A 1 62  ? -2.918  8.129   -3.390  1.00 32.18 ? 62  LEU A HD12 1 
ATOM   934  H HD13 . LEU A 1 62  ? -3.705  7.025   -4.187  1.00 32.18 ? 62  LEU A HD13 1 
ATOM   935  H HD21 . LEU A 1 62  ? -4.251  8.871   -5.779  1.00 31.44 ? 62  LEU A HD21 1 
ATOM   936  H HD22 . LEU A 1 62  ? -3.690  10.026  -4.870  1.00 31.44 ? 62  LEU A HD22 1 
ATOM   937  H HD23 . LEU A 1 62  ? -5.198  10.040  -5.317  1.00 31.44 ? 62  LEU A HD23 1 
ATOM   938  N N    . THR A 1 63  ? -9.171  8.041   -5.124  1.00 26.77 ? 63  THR A N    1 
ATOM   939  C CA   . THR A 1 63  ? -10.306 7.175   -5.458  1.00 27.19 ? 63  THR A CA   1 
ATOM   940  C C    . THR A 1 63  ? -9.780  5.778   -5.840  1.00 25.52 ? 63  THR A C    1 
ATOM   941  O O    . THR A 1 63  ? -8.569  5.526   -5.796  1.00 23.76 ? 63  THR A O    1 
ATOM   942  C CB   . THR A 1 63  ? -11.189 7.802   -6.565  1.00 28.30 ? 63  THR A CB   1 
ATOM   943  O OG1  . THR A 1 63  ? -12.473 7.164   -6.583  1.00 33.67 ? 63  THR A OG1  1 
ATOM   944  C CG2  . THR A 1 63  ? -10.557 7.692   -7.947  1.00 27.83 ? 63  THR A CG2  1 
ATOM   945  H H    . THR A 1 63  ? -8.781  8.535   -5.911  1.00 27.32 ? 63  THR A H    1 
ATOM   946  H HA   . THR A 1 63  ? -10.885 7.063   -4.676  1.00 26.99 ? 63  THR A HA   1 
ATOM   947  H HB   . THR A 1 63  ? -11.312 8.745   -6.371  1.00 28.93 ? 63  THR A HB   1 
ATOM   948  H HG21 . THR A 1 63  ? -9.704  8.116   -7.945  1.00 27.96 ? 63  THR A HG21 1 
ATOM   949  H HG22 . THR A 1 63  ? -11.115 8.139   -8.588  1.00 27.96 ? 63  THR A HG22 1 
ATOM   950  H HG23 . THR A 1 63  ? -10.460 6.777   -8.220  1.00 27.95 ? 63  THR A HG23 1 
ATOM   951  N N    . GLY A 1 64  ? -10.689 4.872   -6.193  1.00 23.84 ? 64  GLY A N    1 
ATOM   952  C CA   . GLY A 1 64  ? -10.307 3.525   -6.610  1.00 23.38 ? 64  GLY A CA   1 
ATOM   953  C C    . GLY A 1 64  ? -10.190 2.526   -5.470  1.00 22.01 ? 64  GLY A C    1 
ATOM   954  O O    . GLY A 1 64  ? -10.833 2.680   -4.422  1.00 21.64 ? 64  GLY A O    1 
ATOM   955  H H    . GLY A 1 64  ? -11.686 5.034   -6.200  1.00 24.13 ? 64  GLY A H    1 
ATOM   956  H HA2  . GLY A 1 64  ? -10.984 3.191   -7.219  1.00 23.15 ? 64  GLY A HA2  1 
ATOM   957  H HA3  . GLY A 1 64  ? -9.466  3.548   -7.093  1.00 23.15 ? 64  GLY A HA3  1 
ATOM   958  N N    . TYR A 1 65  ? -9.388  1.482   -5.698  1.00 21.05 ? 65  TYR A N    1 
ATOM   959  C CA   . TYR A 1 65  ? -9.409  0.278   -4.874  1.00 20.98 ? 65  TYR A CA   1 
ATOM   960  C C    . TYR A 1 65  ? -8.002  -0.227  -4.643  1.00 20.16 ? 65  TYR A C    1 
ATOM   961  O O    . TYR A 1 65  ? -7.160  -0.131  -5.536  1.00 20.59 ? 65  TYR A O    1 
ATOM   962  C CB   . TYR A 1 65  ? -10.227 -0.835  -5.560  1.00 21.66 ? 65  TYR A CB   1 
ATOM   963  C CG   . TYR A 1 65  ? -11.638 -0.414  -5.893  1.00 22.94 ? 65  TYR A CG   1 
ATOM   964  C CD1  . TYR A 1 65  ? -11.893 0.351   -7.037  1.00 24.03 ? 65  TYR A CD1  1 
ATOM   965  C CD2  . TYR A 1 65  ? -12.715 -0.743  -5.062  1.00 23.17 ? 65  TYR A CD2  1 
ATOM   966  C CE1  . TYR A 1 65  ? -13.170 0.775   -7.348  1.00 24.76 ? 65  TYR A CE1  1 
ATOM   967  C CE2  . TYR A 1 65  ? -14.009 -0.329  -5.372  1.00 24.57 ? 65  TYR A CE2  1 
ATOM   968  C CZ   . TYR A 1 65  ? -14.224 0.435   -6.517  1.00 25.63 ? 65  TYR A CZ   1 
ATOM   969  O OH   . TYR A 1 65  ? -15.483 0.875   -6.869  1.00 28.21 ? 65  TYR A OH   1 
ATOM   970  H H    . TYR A 1 65  ? -8.716  1.442   -6.453  1.00 21.26 ? 65  TYR A H    1 
ATOM   971  H HA   . TYR A 1 65  ? -9.819  0.466   -4.007  1.00 20.93 ? 65  TYR A HA   1 
ATOM   972  H HB2  . TYR A 1 65  ? -9.788  -1.085  -6.387  1.00 21.78 ? 65  TYR A HB2  1 
ATOM   973  H HB3  . TYR A 1 65  ? -10.276 -1.600  -4.966  1.00 21.79 ? 65  TYR A HB3  1 
ATOM   974  H HD1  . TYR A 1 65  ? -11.186 0.589   -7.593  1.00 23.93 ? 65  TYR A HD1  1 
ATOM   975  H HD2  . TYR A 1 65  ? -12.565 -1.248  -4.295  1.00 23.44 ? 65  TYR A HD2  1 
ATOM   976  H HE1  . TYR A 1 65  ? -13.321 1.281   -8.113  1.00 24.78 ? 65  TYR A HE1  1 
ATOM   977  H HE2  . TYR A 1 65  ? -14.721 -0.553  -4.816  1.00 24.48 ? 65  TYR A HE2  1 
ATOM   978  N N    . VAL A 1 66  ? -7.762  -0.778  -3.454  1.00 18.30 ? 66  VAL A N    1 
ATOM   979  C CA   . VAL A 1 66  ? -6.500  -1.437  -3.132  1.00 17.96 ? 66  VAL A CA   1 
ATOM   980  C C    . VAL A 1 66  ? -6.657  -2.933  -3.406  1.00 17.44 ? 66  VAL A C    1 
ATOM   981  O O    . VAL A 1 66  ? -7.583  -3.564  -2.886  1.00 17.12 ? 66  VAL A O    1 
ATOM   982  C CB   . VAL A 1 66  ? -6.085  -1.177  -1.661  1.00 17.99 ? 66  VAL A CB   1 
ATOM   983  C CG1  . VAL A 1 66  ? -4.912  -2.054  -1.243  1.00 18.13 ? 66  VAL A CG1  1 
ATOM   984  C CG2  . VAL A 1 66  ? -5.751  0.298   -1.465  1.00 18.13 ? 66  VAL A CG2  1 
ATOM   985  H H    . VAL A 1 66  ? -8.422  -0.785  -2.691  1.00 18.65 ? 66  VAL A H    1 
ATOM   986  H HA   . VAL A 1 66  ? -5.780  -1.084  -3.693  1.00 17.94 ? 66  VAL A HA   1 
ATOM   987  H HB   . VAL A 1 66  ? -6.839  -1.393  -1.073  1.00 18.04 ? 66  VAL A HB   1 
ATOM   988  H HG11 . VAL A 1 66  ? -5.235  -2.929  -1.012  1.00 18.07 ? 66  VAL A HG11 1 
ATOM   989  H HG12 . VAL A 1 66  ? -4.482  -1.665  -0.478  1.00 18.08 ? 66  VAL A HG12 1 
ATOM   990  H HG13 . VAL A 1 66  ? -4.287  -2.112  -1.969  1.00 18.07 ? 66  VAL A HG13 1 
ATOM   991  H HG21 . VAL A 1 66  ? -5.034  0.535   -2.058  1.00 18.12 ? 66  VAL A HG21 1 
ATOM   992  H HG22 . VAL A 1 66  ? -5.483  0.444   -0.556  1.00 18.09 ? 66  VAL A HG22 1 
ATOM   993  H HG23 . VAL A 1 66  ? -6.527  0.826   -1.662  1.00 18.09 ? 66  VAL A HG23 1 
ATOM   994  N N    . ASN A 1 67  ? -5.777  -3.480  -4.247  1.00 16.36 ? 67  ASN A N    1 
ATOM   995  C CA   . ASN A 1 67  ? -5.697  -4.935  -4.462  1.00 16.12 ? 67  ASN A CA   1 
ATOM   996  C C    . ASN A 1 67  ? -4.623  -5.548  -3.544  1.00 15.90 ? 67  ASN A C    1 
ATOM   997  O O    . ASN A 1 67  ? -3.430  -5.555  -3.876  1.00 16.23 ? 67  ASN A O    1 
ATOM   998  C CB   . ASN A 1 67  ? -5.420  -5.236  -5.936  1.00 16.01 ? 67  ASN A CB   1 
ATOM   999  C CG   . ASN A 1 67  ? -5.237  -6.725  -6.219  1.00 16.27 ? 67  ASN A CG   1 
ATOM   1000 O OD1  . ASN A 1 67  ? -5.474  -7.578  -5.367  1.00 16.03 ? 67  ASN A OD1  1 
ATOM   1001 N ND2  . ASN A 1 67  ? -4.793  -7.037  -7.430  1.00 16.94 ? 67  ASN A ND2  1 
ATOM   1002 H H    . ASN A 1 67  ? -5.108  -2.955  -4.791  1.00 16.55 ? 67  ASN A H    1 
ATOM   1003 H HA   . ASN A 1 67  ? -6.555  -5.358  -4.251  1.00 16.10 ? 67  ASN A HA   1 
ATOM   1004 H HB2  . ASN A 1 67  ? -6.166  -4.919  -6.469  1.00 16.09 ? 67  ASN A HB2  1 
ATOM   1005 H HB3  . ASN A 1 67  ? -4.606  -4.779  -6.202  1.00 16.10 ? 67  ASN A HB3  1 
ATOM   1006 H HD21 . ASN A 1 67  ? -5.114  -7.899  -7.868  1.00 16.77 ? 67  ASN A HD21 1 
ATOM   1007 H HD22 . ASN A 1 67  ? -4.129  -6.403  -7.869  1.00 16.92 ? 67  ASN A HD22 1 
ATOM   1008 N N    . ALA A 1 68  ? -5.058  -6.057  -2.391  1.00 15.68 ? 68  ALA A N    1 
ATOM   1009 C CA   . ALA A 1 68  ? -4.146  -6.658  -1.398  1.00 15.66 ? 68  ALA A CA   1 
ATOM   1010 C C    . ALA A 1 68  ? -3.604  -8.025  -1.805  1.00 15.47 ? 68  ALA A C    1 
ATOM   1011 O O    . ALA A 1 68  ? -2.691  -8.529  -1.153  1.00 15.38 ? 68  ALA A O    1 
ATOM   1012 C CB   . ALA A 1 68  ? -4.817  -6.749  -0.032  1.00 15.71 ? 68  ALA A CB   1 
ATOM   1013 H H    . ALA A 1 68  ? -6.029  -6.073  -2.112  1.00 15.73 ? 68  ALA A H    1 
ATOM   1014 H HA   . ALA A 1 68  ? -3.374  -6.064  -1.290  1.00 15.64 ? 68  ALA A HA   1 
ATOM   1015 H HB1  . ALA A 1 68  ? -5.186  -5.892  0.195   1.00 15.69 ? 68  ALA A HB1  1 
ATOM   1016 H HB2  . ALA A 1 68  ? -4.160  -7.006  0.620   1.00 15.70 ? 68  ALA A HB2  1 
ATOM   1017 H HB3  . ALA A 1 68  ? -5.514  -7.409  -0.068  1.00 15.70 ? 68  ALA A HB3  1 
ATOM   1018 N N    . ASP A 1 69  ? -4.161  -8.632  -2.858  1.00 15.72 ? 69  ASP A N    1 
ATOM   1019 C CA   . ASP A 1 69  ? -3.568  -9.846  -3.445  1.00 15.72 ? 69  ASP A CA   1 
ATOM   1020 C C    . ASP A 1 69  ? -2.261  -9.587  -4.191  1.00 15.17 ? 69  ASP A C    1 
ATOM   1021 O O    . ASP A 1 69  ? -1.449  -10.500 -4.328  1.00 14.63 ? 69  ASP A O    1 
ATOM   1022 C CB   . ASP A 1 69  ? -4.559  -10.565 -4.381  1.00 16.33 ? 69  ASP A CB   1 
ATOM   1023 C CG   . ASP A 1 69  ? -5.686  -11.254 -3.630  1.00 17.27 ? 69  ASP A CG   1 
ATOM   1024 O OD1  . ASP A 1 69  ? -5.444  -11.766 -2.520  1.00 18.23 ? 69  ASP A OD1  1 
ATOM   1025 O OD2  . ASP A 1 69  ? -6.816  -11.296 -4.149  1.00 18.37 ? 69  ASP A OD2  1 
ATOM   1026 H H    . ASP A 1 69  ? -5.013  -8.343  -3.314  1.00 15.67 ? 69  ASP A H    1 
ATOM   1027 H HA   . ASP A 1 69  ? -3.346  -10.466 -2.721  1.00 15.74 ? 69  ASP A HA   1 
ATOM   1028 H HB2  . ASP A 1 69  ? -4.948  -9.938  -5.004  1.00 16.40 ? 69  ASP A HB2  1 
ATOM   1029 H HB3  . ASP A 1 69  ? -4.083  -11.253 -4.872  1.00 16.39 ? 69  ASP A HB3  1 
ATOM   1030 N N    . ASN A 1 70  ? -2.064  -8.358  -4.674  1.00 14.99 ? 70  ASN A N    1 
ATOM   1031 C CA   . ASN A 1 70  ? -0.890  -8.020  -5.461  1.00 14.94 ? 70  ASN A CA   1 
ATOM   1032 C C    . ASN A 1 70  ? 0.123   -7.298  -4.578  1.00 14.75 ? 70  ASN A C    1 
ATOM   1033 O O    . ASN A 1 70  ? 0.143   -6.068  -4.498  1.00 14.70 ? 70  ASN A O    1 
ATOM   1034 C CB   . ASN A 1 70  ? -1.314  -7.192  -6.681  1.00 15.08 ? 70  ASN A CB   1 
ATOM   1035 C CG   . ASN A 1 70  ? -0.180  -6.923  -7.677  1.00 15.29 ? 70  ASN A CG   1 
ATOM   1036 O OD1  . ASN A 1 70  ? -0.380  -6.130  -8.581  1.00 15.26 ? 70  ASN A OD1  1 
ATOM   1037 N ND2  . ASN A 1 70  ? 0.979   -7.579  -7.545  1.00 15.14 ? 70  ASN A ND2  1 
ATOM   1038 H H    . ASN A 1 70  ? -2.691  -7.577  -4.550  1.00 15.02 ? 70  ASN A H    1 
ATOM   1039 H HA   . ASN A 1 70  ? -0.481  -8.842  -5.795  1.00 14.93 ? 70  ASN A HA   1 
ATOM   1040 H HB2  . ASN A 1 70  ? -2.008  -7.678  -7.154  1.00 15.09 ? 70  ASN A HB2  1 
ATOM   1041 H HB3  . ASN A 1 70  ? -1.663  -6.337  -6.384  1.00 15.09 ? 70  ASN A HB3  1 
ATOM   1042 H HD21 . ASN A 1 70  ? 1.814   -7.100  -7.754  1.00 15.24 ? 70  ASN A HD21 1 
ATOM   1043 H HD22 . ASN A 1 70  ? 1.009   -8.525  -7.280  1.00 15.19 ? 70  ASN A HD22 1 
ATOM   1044 N N    . ILE A 1 71  ? 0.949   -8.096  -3.907  1.00 14.70 ? 71  ILE A N    1 
ATOM   1045 C CA   . ILE A 1 71  ? 1.951   -7.615  -2.970  1.00 14.99 ? 71  ILE A CA   1 
ATOM   1046 C C    . ILE A 1 71  ? 3.317   -7.721  -3.647  1.00 15.76 ? 71  ILE A C    1 
ATOM   1047 O O    . ILE A 1 71  ? 3.680   -8.786  -4.154  1.00 15.84 ? 71  ILE A O    1 
ATOM   1048 C CB   . ILE A 1 71  ? 1.930   -8.431  -1.652  1.00 14.69 ? 71  ILE A CB   1 
ATOM   1049 C CG1  . ILE A 1 71  ? 0.541   -8.401  -0.992  1.00 14.49 ? 71  ILE A CG1  1 
ATOM   1050 C CG2  . ILE A 1 71  ? 2.945   -7.882  -0.654  1.00 14.84 ? 71  ILE A CG2  1 
ATOM   1051 C CD1  . ILE A 1 71  ? 0.249   -9.592  -0.098  1.00 14.43 ? 71  ILE A CD1  1 
ATOM   1052 H H    . ILE A 1 71  ? 0.946   -9.103  -3.992  1.00 14.77 ? 71  ILE A H    1 
ATOM   1053 H HA   . ILE A 1 71  ? 1.782   -6.682  -2.733  1.00 15.02 ? 71  ILE A HA   1 
ATOM   1054 H HB   . ILE A 1 71  ? 2.158   -9.352  -1.853  1.00 14.73 ? 71  ILE A HB   1 
ATOM   1055 H HG12 . ILE A 1 71  ? 0.466   -7.602  -0.447  1.00 14.53 ? 71  ILE A HG12 1 
ATOM   1056 H HG13 . ILE A 1 71  ? -0.141  -8.385  -1.679  1.00 14.53 ? 71  ILE A HG13 1 
ATOM   1057 H HG21 . ILE A 1 71  ? 3.831   -8.137  -0.927  1.00 14.79 ? 71  ILE A HG21 1 
ATOM   1058 H HG22 . ILE A 1 71  ? 2.765   -8.242  0.218   1.00 14.78 ? 71  ILE A HG22 1 
ATOM   1059 H HG23 . ILE A 1 71  ? 2.871   -6.923  -0.634  1.00 14.79 ? 71  ILE A HG23 1 
ATOM   1060 H HD11 . ILE A 1 71  ? 0.254   -10.391 -0.631  1.00 14.44 ? 71  ILE A HD11 1 
ATOM   1061 H HD12 . ILE A 1 71  ? -0.615  -9.475  0.305   1.00 14.44 ? 71  ILE A HD12 1 
ATOM   1062 H HD13 . ILE A 1 71  ? 0.921   -9.649  0.584   1.00 14.44 ? 71  ILE A HD13 1 
ATOM   1063 N N    . GLU A 1 72  ? 4.072   -6.622  -3.658  1.00 16.88 ? 72  GLU A N    1 
ATOM   1064 C CA   . GLU A 1 72  ? 5.399   -6.599  -4.287  1.00 17.47 ? 72  GLU A CA   1 
ATOM   1065 C C    . GLU A 1 72  ? 6.425   -5.829  -3.475  1.00 17.03 ? 72  GLU A C    1 
ATOM   1066 O O    . GLU A 1 72  ? 6.084   -4.967  -2.667  1.00 16.70 ? 72  GLU A O    1 
ATOM   1067 C CB   . GLU A 1 72  ? 5.299   -6.018  -5.703  1.00 19.18 ? 72  GLU A CB   1 
ATOM   1068 C CG   . GLU A 1 72  ? 4.512   -6.920  -6.638  1.00 21.06 ? 72  GLU A CG   1 
ATOM   1069 C CD   . GLU A 1 72  ? 4.583   -6.534  -8.093  1.00 23.36 ? 72  GLU A CD   1 
ATOM   1070 O OE1  . GLU A 1 72  ? 5.527   -5.812  -8.485  1.00 26.57 ? 72  GLU A OE1  1 
ATOM   1071 O OE2  . GLU A 1 72  ? 3.674   -6.954  -8.853  1.00 24.84 ? 72  GLU A OE2  1 
ATOM   1072 H H    . GLU A 1 72  ? 3.806   -5.738  -3.248  1.00 16.73 ? 72  GLU A H    1 
ATOM   1073 H HA   . GLU A 1 72  ? 5.742   -7.513  -4.373  1.00 17.57 ? 72  GLU A HA   1 
ATOM   1074 H HB2  . GLU A 1 72  ? 4.852   -5.158  -5.665  1.00 19.18 ? 72  GLU A HB2  1 
ATOM   1075 H HB3  . GLU A 1 72  ? 6.197   -5.915  -6.056  1.00 19.19 ? 72  GLU A HB3  1 
ATOM   1076 H HG2  . GLU A 1 72  ? 4.849   -7.824  -6.557  1.00 21.08 ? 72  GLU A HG2  1 
ATOM   1077 H HG3  . GLU A 1 72  ? 3.581   -6.893  -6.372  1.00 21.04 ? 72  GLU A HG3  1 
ATOM   1078 N N    . THR A 1 73  ? 7.689   -6.166  -3.696  1.00 16.30 ? 73  THR A N    1 
ATOM   1079 C CA   . THR A 1 73  ? 8.798   -5.477  -3.092  1.00 16.18 ? 73  THR A CA   1 
ATOM   1080 C C    . THR A 1 73  ? 9.304   -4.434  -4.099  1.00 16.82 ? 73  THR A C    1 
ATOM   1081 O O    . THR A 1 73  ? 9.657   -4.777  -5.224  1.00 16.00 ? 73  THR A O    1 
ATOM   1082 C CB   . THR A 1 73  ? 9.917   -6.467  -2.710  1.00 16.11 ? 73  THR A CB   1 
ATOM   1083 O OG1  . THR A 1 73  ? 9.400   -7.446  -1.801  1.00 15.15 ? 73  THR A OG1  1 
ATOM   1084 C CG2  . THR A 1 73  ? 11.095  -5.746  -2.041  1.00 16.12 ? 73  THR A CG2  1 
ATOM   1085 H H    . THR A 1 73  ? 7.973   -6.913  -4.312  1.00 16.45 ? 73  THR A H    1 
ATOM   1086 H HA   . THR A 1 73  ? 8.514   -5.034  -2.270  1.00 16.31 ? 73  THR A HA   1 
ATOM   1087 H HB   . THR A 1 73  ? 10.244  -6.910  -3.508  1.00 15.93 ? 73  THR A HB   1 
ATOM   1088 H HG21 . THR A 1 73  ? 11.638  -5.306  -2.701  1.00 16.11 ? 73  THR A HG21 1 
ATOM   1089 H HG22 . THR A 1 73  ? 11.639  -6.382  -1.567  1.00 16.11 ? 73  THR A HG22 1 
ATOM   1090 H HG23 . THR A 1 73  ? 10.768  -5.093  -1.416  1.00 16.11 ? 73  THR A HG23 1 
ATOM   1091 N N    . LEU A 1 74  ? 9.330   -3.168  -3.681  1.00 17.19 ? 74  LEU A N    1 
ATOM   1092 C CA   . LEU A 1 74  ? 9.790   -2.060  -4.522  1.00 17.94 ? 74  LEU A CA   1 
ATOM   1093 C C    . LEU A 1 74  ? 11.089  -1.457  -3.977  1.00 17.72 ? 74  LEU A C    1 
ATOM   1094 O O    . LEU A 1 74  ? 11.220  -1.223  -2.780  1.00 16.84 ? 74  LEU A O    1 
ATOM   1095 C CB   . LEU A 1 74  ? 8.713   -0.970  -4.591  1.00 18.61 ? 74  LEU A CB   1 
ATOM   1096 C CG   . LEU A 1 74  ? 7.488   -1.189  -5.489  1.00 19.33 ? 74  LEU A CG   1 
ATOM   1097 C CD1  . LEU A 1 74  ? 6.702   -2.434  -5.122  1.00 20.17 ? 74  LEU A CD1  1 
ATOM   1098 C CD2  . LEU A 1 74  ? 6.579   0.025   -5.436  1.00 19.88 ? 74  LEU A CD2  1 
ATOM   1099 H H    . LEU A 1 74  ? 9.043   -2.874  -2.759  1.00 17.26 ? 74  LEU A H    1 
ATOM   1100 H HA   . LEU A 1 74  ? 9.950   -2.364  -5.439  1.00 17.86 ? 74  LEU A HA   1 
ATOM   1101 H HB2  . LEU A 1 74  ? 8.378   -0.824  -3.693  1.00 18.60 ? 74  LEU A HB2  1 
ATOM   1102 H HB3  . LEU A 1 74  ? 9.134   -0.152  -4.903  1.00 18.61 ? 74  LEU A HB3  1 
ATOM   1103 H HG   . LEU A 1 74  ? 7.789   -1.292  -6.406  1.00 19.45 ? 74  LEU A HG   1 
ATOM   1104 H HD11 . LEU A 1 74  ? 7.149   -3.201  -5.488  1.00 19.89 ? 74  LEU A HD11 1 
ATOM   1105 H HD12 . LEU A 1 74  ? 5.814   -2.375  -5.488  1.00 19.90 ? 74  LEU A HD12 1 
ATOM   1106 H HD13 . LEU A 1 74  ? 6.657   -2.504  -4.164  1.00 19.90 ? 74  LEU A HD13 1 
ATOM   1107 H HD21 . LEU A 1 74  ? 6.222   0.109   -4.549  1.00 19.70 ? 74  LEU A HD21 1 
ATOM   1108 H HD22 . LEU A 1 74  ? 5.864   -0.090  -6.067  1.00 19.70 ? 74  LEU A HD22 1 
ATOM   1109 H HD23 . LEU A 1 74  ? 7.089   0.806   -5.661  1.00 19.70 ? 74  LEU A HD23 1 
ATOM   1110 N N    . GLY A 1 75  ? 12.047  -1.211  -4.867  1.00 18.22 ? 75  GLY A N    1 
ATOM   1111 C CA   . GLY A 1 75  ? 13.243  -0.455  -4.522  1.00 18.78 ? 75  GLY A CA   1 
ATOM   1112 C C    . GLY A 1 75  ? 12.846  0.987   -4.241  1.00 19.96 ? 75  GLY A C    1 
ATOM   1113 O O    . GLY A 1 75  ? 11.892  1.506   -4.832  1.00 19.31 ? 75  GLY A O    1 
ATOM   1114 H H    . GLY A 1 75  ? 12.030  -1.518  -5.828  1.00 18.23 ? 75  GLY A H    1 
ATOM   1115 H HA2  . GLY A 1 75  ? 13.667  -0.837  -3.737  1.00 18.92 ? 75  GLY A HA2  1 
ATOM   1116 H HA3  . GLY A 1 75  ? 13.869  -0.479  -5.262  1.00 18.97 ? 75  GLY A HA3  1 
ATOM   1117 N N    . LYS A 1 76  ? 13.555  1.627   -3.318  1.00 21.20 ? 76  LYS A N    1 
ATOM   1118 C CA   . LYS A 1 76  ? 13.324  3.038   -2.992  1.00 22.82 ? 76  LYS A CA   1 
ATOM   1119 C C    . LYS A 1 76  ? 13.518  3.936   -4.199  1.00 23.92 ? 76  LYS A C    1 
ATOM   1120 O O    . LYS A 1 76  ? 12.786  4.899   -4.369  1.00 23.07 ? 76  LYS A O    1 
ATOM   1121 C CB   . LYS A 1 76  ? 14.244  3.486   -1.858  1.00 22.99 ? 76  LYS A CB   1 
ATOM   1122 C CG   . LYS A 1 76  ? 13.750  3.032   -0.509  1.00 23.42 ? 76  LYS A CG   1 
ATOM   1123 C CD   . LYS A 1 76  ? 14.627  3.511   0.628   1.00 22.99 ? 76  LYS A CD   1 
ATOM   1124 C CE   . LYS A 1 76  ? 14.017  3.040   1.934   1.00 22.60 ? 76  LYS A CE   1 
ATOM   1125 N NZ   . LYS A 1 76  ? 14.813  3.446   3.124   1.00 22.59 ? 76  LYS A NZ   1 
ATOM   1126 H H    . LYS A 1 76  ? 14.291  1.188   -2.783  1.00 21.27 ? 76  LYS A H    1 
ATOM   1127 H HA   . LYS A 1 76  ? 12.398  3.142   -2.690  1.00 22.74 ? 76  LYS A HA   1 
ATOM   1128 H HB2  . LYS A 1 76  ? 15.135  3.128   -1.993  1.00 23.04 ? 76  LYS A HB2  1 
ATOM   1129 H HB3  . LYS A 1 76  ? 14.281  4.456   -1.839  1.00 23.05 ? 76  LYS A HB3  1 
ATOM   1130 H HG2  . LYS A 1 76  ? 12.858  3.386   -0.365  1.00 23.20 ? 76  LYS A HG2  1 
ATOM   1131 H HG3  . LYS A 1 76  ? 13.727  2.064   -0.487  1.00 23.19 ? 76  LYS A HG3  1 
ATOM   1132 H HD2  . LYS A 1 76  ? 15.515  3.132   0.542   1.00 22.99 ? 76  LYS A HD2  1 
ATOM   1133 H HD3  . LYS A 1 76  ? 14.663  4.480   0.629   1.00 22.99 ? 76  LYS A HD3  1 
ATOM   1134 H HE2  . LYS A 1 76  ? 13.134  3.428   2.018   1.00 22.66 ? 76  LYS A HE2  1 
ATOM   1135 H HE3  . LYS A 1 76  ? 13.945  2.074   1.922   1.00 22.67 ? 76  LYS A HE3  1 
ATOM   1136 H HZ1  . LYS A 1 76  ? 15.725  3.169   3.018   1.00 22.58 ? 76  LYS A HZ1  1 
ATOM   1137 H HZ2  . LYS A 1 76  ? 14.453  3.039   3.915   1.00 22.57 ? 76  LYS A HZ2  1 
ATOM   1138 H HZ3  . LYS A 1 76  ? 14.787  4.401   3.225   1.00 22.58 ? 76  LYS A HZ3  1 
ATOM   1139 N N    . ASP A 1 77  ? 14.511  3.594   -5.020  1.00 26.79 ? 77  ASP A N    1 
ATOM   1140 C CA   . ASP A 1 77  ? 14.743  4.199   -6.348  1.00 29.30 ? 77  ASP A CA   1 
ATOM   1141 C C    . ASP A 1 77  ? 13.558  4.123   -7.335  1.00 28.77 ? 77  ASP A C    1 
ATOM   1142 O O    . ASP A 1 77  ? 13.458  4.949   -8.242  1.00 29.06 ? 77  ASP A O    1 
ATOM   1143 C CB   . ASP A 1 77  ? 16.004  3.587   -7.001  1.00 31.75 ? 77  ASP A CB   1 
ATOM   1144 C CG   . ASP A 1 77  ? 15.922  2.058   -7.158  1.00 35.06 ? 77  ASP A CG   1 
ATOM   1145 O OD1  . ASP A 1 77  ? 15.452  1.372   -6.221  1.00 37.07 ? 77  ASP A OD1  1 
ATOM   1146 O OD2  . ASP A 1 77  ? 16.352  1.540   -8.211  1.00 39.47 ? 77  ASP A OD2  1 
ATOM   1147 H H    . ASP A 1 77  ? 15.208  2.910   -4.762  1.00 26.65 ? 77  ASP A H    1 
ATOM   1148 H HA   . ASP A 1 77  ? 14.931  5.151   -6.209  1.00 29.14 ? 77  ASP A HA   1 
ATOM   1149 H HB2  . ASP A 1 77  ? 16.123  3.973   -7.884  1.00 31.90 ? 77  ASP A HB2  1 
ATOM   1150 H HB3  . ASP A 1 77  ? 16.775  3.788   -6.447  1.00 31.89 ? 77  ASP A HB3  1 
ATOM   1151 N N    . GLU A 1 78  ? 12.685  3.131   -7.168  1.00 27.94 ? 78  GLU A N    1 
ATOM   1152 C CA   . GLU A 1 78  ? 11.472  2.988   -7.984  1.00 27.30 ? 78  GLU A CA   1 
ATOM   1153 C C    . GLU A 1 78  ? 10.285  3.845   -7.507  1.00 26.20 ? 78  GLU A C    1 
ATOM   1154 O O    . GLU A 1 78  ? 9.272   3.919   -8.202  1.00 25.89 ? 78  GLU A O    1 
ATOM   1155 C CB   . GLU A 1 78  ? 11.048  1.504   -8.053  1.00 28.17 ? 78  GLU A CB   1 
ATOM   1156 C CG   . GLU A 1 78  ? 12.103  0.601   -8.687  1.00 29.12 ? 78  GLU A CG   1 
ATOM   1157 C CD   . GLU A 1 78  ? 11.702  -0.872  -8.754  1.00 30.77 ? 78  GLU A CD   1 
ATOM   1158 O OE1  . GLU A 1 78  ? 11.444  -1.485  -7.692  1.00 29.91 ? 78  GLU A OE1  1 
ATOM   1159 O OE2  . GLU A 1 78  ? 11.681  -1.435  -9.877  1.00 31.11 ? 78  GLU A OE2  1 
ATOM   1160 H H    . GLU A 1 78  ? 12.792  2.392   -6.496  1.00 27.90 ? 78  GLU A H    1 
ATOM   1161 H HA   . GLU A 1 78  ? 11.670  3.259   -8.904  1.00 27.38 ? 78  GLU A HA   1 
ATOM   1162 H HB2  . GLU A 1 78  ? 10.866  1.176   -7.161  1.00 28.13 ? 78  GLU A HB2  1 
ATOM   1163 H HB3  . GLU A 1 78  ? 10.245  1.436   -8.593  1.00 28.15 ? 78  GLU A HB3  1 
ATOM   1164 H HG2  . GLU A 1 78  ? 12.269  0.906   -9.593  1.00 29.27 ? 78  GLU A HG2  1 
ATOM   1165 H HG3  . GLU A 1 78  ? 12.919  0.657   -8.168  1.00 29.26 ? 78  GLU A HG3  1 
ATOM   1166 N N    . LEU A 1 79  ? 10.382  4.468   -6.330  1.00 24.76 ? 79  LEU A N    1 
ATOM   1167 C CA   . LEU A 1 79  ? 9.282   5.282   -5.812  1.00 24.01 ? 79  LEU A CA   1 
ATOM   1168 C C    . LEU A 1 79  ? 9.321   6.655   -6.482  1.00 23.67 ? 79  LEU A C    1 
ATOM   1169 O O    . LEU A 1 79  ? 10.373  7.293   -6.522  1.00 23.53 ? 79  LEU A O    1 
ATOM   1170 C CB   . LEU A 1 79  ? 9.346   5.408   -4.288  1.00 23.43 ? 79  LEU A CB   1 
ATOM   1171 C CG   . LEU A 1 79  ? 9.267   4.089   -3.503  1.00 23.37 ? 79  LEU A CG   1 
ATOM   1172 C CD1  . LEU A 1 79  ? 9.364   4.368   -2.018  1.00 23.26 ? 79  LEU A CD1  1 
ATOM   1173 C CD2  . LEU A 1 79  ? 8.005   3.285   -3.809  1.00 23.09 ? 79  LEU A CD2  1 
ATOM   1174 H H    . LEU A 1 79  ? 11.178  4.439   -5.716  1.00 24.92 ? 79  LEU A H    1 
ATOM   1175 H HA   . LEU A 1 79  ? 8.430   4.859   -6.029  1.00 24.01 ? 79  LEU A HA   1 
ATOM   1176 H HB2  . LEU A 1 79  ? 10.183  5.837   -4.051  1.00 23.55 ? 79  LEU A HB2  1 
ATOM   1177 H HB3  . LEU A 1 79  ? 8.606   5.963   -3.997  1.00 23.55 ? 79  LEU A HB3  1 
ATOM   1178 H HG   . LEU A 1 79  ? 10.027  3.540   -3.747  1.00 23.30 ? 79  LEU A HG   1 
ATOM   1179 H HD11 . LEU A 1 79  ? 10.183  4.840   -1.843  1.00 23.28 ? 79  LEU A HD11 1 
ATOM   1180 H HD12 . LEU A 1 79  ? 9.358   3.536   -1.540  1.00 23.28 ? 79  LEU A HD12 1 
ATOM   1181 H HD13 . LEU A 1 79  ? 8.614   4.906   -1.751  1.00 23.28 ? 79  LEU A HD13 1 
ATOM   1182 H HD21 . LEU A 1 79  ? 7.245   3.871   -3.776  1.00 23.18 ? 79  LEU A HD21 1 
ATOM   1183 H HD22 . LEU A 1 79  ? 7.909   2.587   -3.156  1.00 23.18 ? 79  LEU A HD22 1 
ATOM   1184 H HD23 . LEU A 1 79  ? 8.088   2.902   -4.684  1.00 23.22 ? 79  LEU A HD23 1 
ATOM   1185 N N    . GLY A 1 80  ? 8.179   7.072   -7.030  1.00 22.93 ? 80  GLY A N    1 
ATOM   1186 C CA   . GLY A 1 80  ? 8.060   8.326   -7.789  1.00 22.59 ? 80  GLY A CA   1 
ATOM   1187 C C    . GLY A 1 80  ? 7.264   9.332   -6.986  1.00 23.01 ? 80  GLY A C    1 
ATOM   1188 O O    . GLY A 1 80  ? 7.538   9.533   -5.790  1.00 21.61 ? 80  GLY A O    1 
ATOM   1189 H H    . GLY A 1 80  ? 7.305   6.569   -6.971  1.00 23.02 ? 80  GLY A H    1 
ATOM   1190 H HA2  . GLY A 1 80  ? 8.930   8.707   -7.980  1.00 22.78 ? 80  GLY A HA2  1 
ATOM   1191 H HA3  . GLY A 1 80  ? 7.617   8.156   -8.634  1.00 22.81 ? 80  GLY A HA3  1 
ATOM   1192 N N    . ASP A 1 81  ? 6.256   9.934   -7.623  1.00 23.65 ? 81  ASP A N    1 
ATOM   1193 C CA   . ASP A 1 81  ? 5.469   11.022  -7.014  1.00 24.45 ? 81  ASP A CA   1 
ATOM   1194 C C    . ASP A 1 81  ? 4.712   10.542  -5.775  1.00 25.89 ? 81  ASP A C    1 
ATOM   1195 O O    . ASP A 1 81  ? 4.096   9.482   -5.809  1.00 25.05 ? 81  ASP A O    1 
ATOM   1196 C CB   . ASP A 1 81  ? 4.444   11.590  -8.006  1.00 24.99 ? 81  ASP A CB   1 
ATOM   1197 C CG   . ASP A 1 81  ? 5.068   12.082  -9.306  1.00 25.77 ? 81  ASP A CG   1 
ATOM   1198 O OD1  . ASP A 1 81  ? 6.187   12.641  -9.284  1.00 26.40 ? 81  ASP A OD1  1 
ATOM   1199 O OD2  . ASP A 1 81  ? 4.421   11.919  -10.360 1.00 27.54 ? 81  ASP A OD2  1 
ATOM   1200 H H    . ASP A 1 81  ? 5.952   9.669   -8.549  1.00 23.69 ? 81  ASP A H    1 
ATOM   1201 H HA   . ASP A 1 81  ? 6.077   11.745  -6.755  1.00 24.69 ? 81  ASP A HA   1 
ATOM   1202 H HB2  . ASP A 1 81  ? 3.802   10.897  -8.226  1.00 25.05 ? 81  ASP A HB2  1 
ATOM   1203 H HB3  . ASP A 1 81  ? 3.988   12.340  -7.592  1.00 25.04 ? 81  ASP A HB3  1 
ATOM   1204 N N    . TYR A 1 82  ? 4.779   11.319  -4.694  1.00 27.73 ? 82  TYR A N    1 
ATOM   1205 C CA   . TYR A 1 82  ? 3.997   11.068  -3.467  1.00 31.48 ? 82  TYR A CA   1 
ATOM   1206 C C    . TYR A 1 82  ? 2.555   11.569  -3.643  1.00 33.83 ? 82  TYR A C    1 
ATOM   1207 O O    . TYR A 1 82  ? 2.344   12.756  -3.913  1.00 38.12 ? 82  TYR A O    1 
ATOM   1208 C CB   . TYR A 1 82  ? 4.639   11.751  -2.260  1.00 31.35 ? 82  TYR A CB   1 
ATOM   1209 C CG   . TYR A 1 82  ? 3.779   11.724  -1.012  1.00 32.41 ? 82  TYR A CG   1 
ATOM   1210 C CD1  . TYR A 1 82  ? 3.496   10.524  -0.368  1.00 31.65 ? 82  TYR A CD1  1 
ATOM   1211 C CD2  . TYR A 1 82  ? 3.232   12.903  -0.482  1.00 33.54 ? 82  TYR A CD2  1 
ATOM   1212 C CE1  . TYR A 1 82  ? 2.703   10.494  0.770   1.00 32.80 ? 82  TYR A CE1  1 
ATOM   1213 C CE2  . TYR A 1 82  ? 2.436   12.879  0.659   1.00 33.53 ? 82  TYR A CE2  1 
ATOM   1214 C CZ   . TYR A 1 82  ? 2.179   11.671  1.283   1.00 33.14 ? 82  TYR A CZ   1 
ATOM   1215 O OH   . TYR A 1 82  ? 1.400   11.625  2.413   1.00 34.06 ? 82  TYR A OH   1 
ATOM   1216 H H    . TYR A 1 82  ? 5.369   12.139  -4.635  1.00 28.12 ? 82  TYR A H    1 
ATOM   1217 H HA   . TYR A 1 82  ? 3.978   10.106  -3.284  1.00 31.08 ? 82  TYR A HA   1 
ATOM   1218 H HB2  . TYR A 1 82  ? 5.473   11.300  -2.054  1.00 31.62 ? 82  TYR A HB2  1 
ATOM   1219 H HB3  . TYR A 1 82  ? 4.814   12.679  -2.478  1.00 31.62 ? 82  TYR A HB3  1 
ATOM   1220 H HD1  . TYR A 1 82  ? 3.845   9.731   -0.704  1.00 32.10 ? 82  TYR A HD1  1 
ATOM   1221 H HD2  . TYR A 1 82  ? 3.406   13.718  -0.898  1.00 33.23 ? 82  TYR A HD2  1 
ATOM   1222 H HE1  . TYR A 1 82  ? 2.524   9.691   1.193   1.00 32.26 ? 82  TYR A HE1  1 
ATOM   1223 H HE2  . TYR A 1 82  ? 2.086   13.668  1.003   1.00 33.42 ? 82  TYR A HE2  1 
ATOM   1224 N N    . LEU A 1 83  ? 1.581   10.674  -3.479  1.00 31.86 ? 83  LEU A N    1 
ATOM   1225 C CA   . LEU A 1 83  ? 0.179   10.963  -3.796  1.00 31.48 ? 83  LEU A CA   1 
ATOM   1226 C C    . LEU A 1 83  ? -0.728  11.216  -2.592  1.00 31.23 ? 83  LEU A C    1 
ATOM   1227 O O    . LEU A 1 83  ? -1.836  11.726  -2.755  1.00 32.01 ? 83  LEU A O    1 
ATOM   1228 C CB   . LEU A 1 83  ? -0.407  9.817   -4.614  1.00 31.54 ? 83  LEU A CB   1 
ATOM   1229 C CG   . LEU A 1 83  ? 0.259   9.489   -5.951  1.00 32.16 ? 83  LEU A CG   1 
ATOM   1230 C CD1  . LEU A 1 83  ? -0.646  8.563   -6.745  1.00 31.86 ? 83  LEU A CD1  1 
ATOM   1231 C CD2  . LEU A 1 83  ? 0.568   10.747  -6.751  1.00 33.42 ? 83  LEU A CD2  1 
ATOM   1232 H H    . LEU A 1 83  ? 1.725   9.735   -3.136  1.00 32.20 ? 83  LEU A H    1 
ATOM   1233 H HA   . LEU A 1 83  ? 0.119   11.772  -4.345  1.00 31.55 ? 83  LEU A HA   1 
ATOM   1234 H HB2  . LEU A 1 83  ? -0.370  9.013   -4.073  1.00 31.66 ? 83  LEU A HB2  1 
ATOM   1235 H HB3  . LEU A 1 83  ? -1.334  10.031  -4.801  1.00 31.66 ? 83  LEU A HB3  1 
ATOM   1236 H HG   . LEU A 1 83  ? 1.094   9.025   -5.784  1.00 32.21 ? 83  LEU A HG   1 
ATOM   1237 H HD11 . LEU A 1 83  ? -0.790  7.761   -6.239  1.00 31.83 ? 83  LEU A HD11 1 
ATOM   1238 H HD12 . LEU A 1 83  ? -0.234  8.348   -7.583  1.00 31.93 ? 83  LEU A HD12 1 
ATOM   1239 H HD13 . LEU A 1 83  ? -1.486  9.003   -6.902  1.00 31.92 ? 83  LEU A HD13 1 
ATOM   1240 H HD21 . LEU A 1 83  ? -0.169  11.356  -6.670  1.00 33.00 ? 83  LEU A HD21 1 
ATOM   1241 H HD22 . LEU A 1 83  ? 0.703   10.511  -7.670  1.00 33.00 ? 83  LEU A HD22 1 
ATOM   1242 H HD23 . LEU A 1 83  ? 1.367   11.153  -6.400  1.00 33.00 ? 83  LEU A HD23 1 
ATOM   1243 N N    . GLY A 1 84  ? -0.269  10.860  -1.398  1.00 29.94 ? 84  GLY A N    1 
ATOM   1244 C CA   . GLY A 1 84  ? -1.036  11.075  -0.189  1.00 29.32 ? 84  GLY A CA   1 
ATOM   1245 C C    . GLY A 1 84  ? -0.948  9.891   0.746   1.00 28.72 ? 84  GLY A C    1 
ATOM   1246 O O    . GLY A 1 84  ? -0.189  8.945   0.513   1.00 27.57 ? 84  GLY A O    1 
ATOM   1247 H H    . GLY A 1 84  ? 0.622   10.421  -1.223  1.00 30.11 ? 84  GLY A H    1 
ATOM   1248 H HA2  . GLY A 1 84  ? -0.694  11.855  0.274   1.00 29.32 ? 84  GLY A HA2  1 
ATOM   1249 H HA3  . GLY A 1 84  ? -1.975  11.222  -0.381  1.00 29.33 ? 84  GLY A HA3  1 
ATOM   1250 N N    . GLU A 1 85  ? -1.746  9.972   1.804   1.00 27.82 ? 85  GLU A N    1 
ATOM   1251 C CA   . GLU A 1 85  ? -1.718  9.038   2.907   1.00 27.99 ? 85  GLU A CA   1 
ATOM   1252 C C    . GLU A 1 85  ? -3.134  8.539   3.173   1.00 26.84 ? 85  GLU A C    1 
ATOM   1253 O O    . GLU A 1 85  ? -4.060  9.332   3.347   1.00 25.25 ? 85  GLU A O    1 
ATOM   1254 C CB   . GLU A 1 85  ? -1.164  9.736   4.137   1.00 30.16 ? 85  GLU A CB   1 
ATOM   1255 C CG   . GLU A 1 85  ? -0.897  8.813   5.312   1.00 32.26 ? 85  GLU A CG   1 
ATOM   1256 C CD   . GLU A 1 85  ? -0.157  9.502   6.442   1.00 34.32 ? 85  GLU A CD   1 
ATOM   1257 O OE1  . GLU A 1 85  ? 0.261   10.675  6.275   1.00 35.14 ? 85  GLU A OE1  1 
ATOM   1258 O OE2  . GLU A 1 85  ? 0.011   8.858   7.503   1.00 35.40 ? 85  GLU A OE2  1 
ATOM   1259 H H    . GLU A 1 85  ? -2.429  10.707  1.927   1.00 28.08 ? 85  GLU A H    1 
ATOM   1260 H HA   . GLU A 1 85  ? -1.136  8.279   2.706   1.00 28.04 ? 85  GLU A HA   1 
ATOM   1261 H HB2  . GLU A 1 85  ? -0.326  10.152  3.883   1.00 30.15 ? 85  GLU A HB2  1 
ATOM   1262 H HB3  . GLU A 1 85  ? -1.794  10.416  4.426   1.00 30.10 ? 85  GLU A HB3  1 
ATOM   1263 H HG2  . GLU A 1 85  ? -1.741  8.494   5.666   1.00 32.19 ? 85  GLU A HG2  1 
ATOM   1264 H HG3  . GLU A 1 85  ? -0.359  8.065   5.010   1.00 32.21 ? 85  GLU A HG3  1 
ATOM   1265 N N    . VAL A 1 86  ? -3.282  7.219   3.197   1.00 24.34 ? 86  VAL A N    1 
ATOM   1266 C CA   . VAL A 1 86  ? -4.564  6.575   3.432   1.00 23.52 ? 86  VAL A CA   1 
ATOM   1267 C C    . VAL A 1 86  ? -4.958  6.755   4.899   1.00 23.23 ? 86  VAL A C    1 
ATOM   1268 O O    . VAL A 1 86  ? -4.090  6.794   5.784   1.00 22.40 ? 86  VAL A O    1 
ATOM   1269 C CB   . VAL A 1 86  ? -4.484  5.087   3.003   1.00 23.43 ? 86  VAL A CB   1 
ATOM   1270 C CG1  . VAL A 1 86  ? -5.687  4.296   3.458   1.00 23.68 ? 86  VAL A CG1  1 
ATOM   1271 C CG2  . VAL A 1 86  ? -4.354  5.007   1.489   1.00 22.96 ? 86  VAL A CG2  1 
ATOM   1272 H H    . VAL A 1 86  ? -2.518  6.572   3.062   1.00 24.70 ? 86  VAL A H    1 
ATOM   1273 H HA   . VAL A 1 86  ? -5.248  7.007   2.877   1.00 23.60 ? 86  VAL A HA   1 
ATOM   1274 H HB   . VAL A 1 86  ? -3.690  4.671   3.401   1.00 23.40 ? 86  VAL A HB   1 
ATOM   1275 H HG11 . VAL A 1 86  ? -5.632  4.129   4.401   1.00 23.59 ? 86  VAL A HG11 1 
ATOM   1276 H HG12 . VAL A 1 86  ? -5.704  3.458   2.990   1.00 23.57 ? 86  VAL A HG12 1 
ATOM   1277 H HG13 . VAL A 1 86  ? -6.473  4.801   3.251   1.00 23.57 ? 86  VAL A HG13 1 
ATOM   1278 H HG21 . VAL A 1 86  ? -5.119  5.427   1.088   1.00 23.10 ? 86  VAL A HG21 1 
ATOM   1279 H HG22 . VAL A 1 86  ? -4.312  4.086   1.223   1.00 23.10 ? 86  VAL A HG22 1 
ATOM   1280 H HG23 . VAL A 1 86  ? -3.553  5.459   1.214   1.00 23.11 ? 86  VAL A HG23 1 
ATOM   1281 N N    . THR A 1 87  ? -6.258  6.892   5.152   1.00 22.95 ? 87  THR A N    1 
ATOM   1282 C CA   . THR A 1 87  ? -6.750  7.127   6.514   1.00 22.73 ? 87  THR A CA   1 
ATOM   1283 C C    . THR A 1 87  ? -6.510  5.885   7.388   1.00 23.68 ? 87  THR A C    1 
ATOM   1284 O O    . THR A 1 87  ? -6.422  4.769   6.862   1.00 24.08 ? 87  THR A O    1 
ATOM   1285 C CB   . THR A 1 87  ? -8.251  7.455   6.539   1.00 21.98 ? 87  THR A CB   1 
ATOM   1286 O OG1  . THR A 1 87  ? -8.981  6.397   5.911   1.00 21.95 ? 87  THR A OG1  1 
ATOM   1287 C CG2  . THR A 1 87  ? -8.542  8.782   5.834   1.00 22.17 ? 87  THR A CG2  1 
ATOM   1288 H H    . THR A 1 87  ? -6.981  6.832   4.449   1.00 22.95 ? 87  THR A H    1 
ATOM   1289 H HA   . THR A 1 87  ? -6.270  7.895   6.881   1.00 22.82 ? 87  THR A HA   1 
ATOM   1290 H HB   . THR A 1 87  ? -8.542  7.537   7.460   1.00 22.17 ? 87  THR A HB   1 
ATOM   1291 H HG21 . THR A 1 87  ? -8.073  9.495   6.275   1.00 22.10 ? 87  THR A HG21 1 
ATOM   1292 H HG22 . THR A 1 87  ? -9.483  8.966   5.862   1.00 22.10 ? 87  THR A HG22 1 
ATOM   1293 H HG23 . THR A 1 87  ? -8.259  8.745   4.919   1.00 22.11 ? 87  THR A HG23 1 
ATOM   1294 N N    . PRO A 1 88  ? -6.378  6.071   8.717   1.00 24.54 ? 88  PRO A N    1 
ATOM   1295 C CA   . PRO A 1 88  ? -6.293  4.916   9.610   1.00 23.97 ? 88  PRO A CA   1 
ATOM   1296 C C    . PRO A 1 88  ? -7.457  3.940   9.490   1.00 22.59 ? 88  PRO A C    1 
ATOM   1297 O O    . PRO A 1 88  ? -7.239  2.735   9.555   1.00 22.33 ? 88  PRO A O    1 
ATOM   1298 C CB   . PRO A 1 88  ? -6.264  5.554   10.995  1.00 25.30 ? 88  PRO A CB   1 
ATOM   1299 C CG   . PRO A 1 88  ? -5.555  6.847   10.769  1.00 26.07 ? 88  PRO A CG   1 
ATOM   1300 C CD   . PRO A 1 88  ? -6.032  7.321   9.423   1.00 25.75 ? 88  PRO A CD   1 
ATOM   1301 H HA   . PRO A 1 88  ? -5.453  4.434   9.460   1.00 24.04 ? 88  PRO A HA   1 
ATOM   1302 H HB2  . PRO A 1 88  ? -7.167  5.708   11.316  1.00 25.14 ? 88  PRO A HB2  1 
ATOM   1303 H HB3  . PRO A 1 88  ? -5.768  4.989   11.608  1.00 25.15 ? 88  PRO A HB3  1 
ATOM   1304 H HG2  . PRO A 1 88  ? -5.798  7.479   11.463  1.00 25.81 ? 88  PRO A HG2  1 
ATOM   1305 H HG3  . PRO A 1 88  ? -4.596  6.697   10.761  1.00 25.81 ? 88  PRO A HG3  1 
ATOM   1306 H HD2  . PRO A 1 88  ? -6.816  7.884   9.521   1.00 25.53 ? 88  PRO A HD2  1 
ATOM   1307 H HD3  . PRO A 1 88  ? -5.314  7.786   8.966   1.00 25.52 ? 88  PRO A HD3  1 
ATOM   1308 N N    . ALA A 1 89  ? -8.675  4.453   9.312   1.00 21.21 ? 89  ALA A N    1 
ATOM   1309 C CA   . ALA A 1 89  ? -9.843  3.606   9.067   1.00 20.96 ? 89  ALA A CA   1 
ATOM   1310 C C    . ALA A 1 89  ? -9.649  2.706   7.846   1.00 20.51 ? 89  ALA A C    1 
ATOM   1311 O O    . ALA A 1 89  ? -9.847  1.499   7.928   1.00 20.25 ? 89  ALA A O    1 
ATOM   1312 C CB   . ALA A 1 89  ? -11.098 4.453   8.886   1.00 21.71 ? 89  ALA A CB   1 
ATOM   1313 H H    . ALA A 1 89  ? -8.885  5.441   9.344   1.00 21.48 ? 89  ALA A H    1 
ATOM   1314 H HA   . ALA A 1 89  ? -9.982  3.028   9.846   1.00 21.05 ? 89  ALA A HA   1 
ATOM   1315 H HB1  . ALA A 1 89  ? -11.288 4.908   9.709   1.00 21.49 ? 89  ALA A HB1  1 
ATOM   1316 H HB2  . ALA A 1 89  ? -11.833 3.880   8.655   1.00 21.47 ? 89  ALA A HB2  1 
ATOM   1317 H HB3  . ALA A 1 89  ? -10.947 5.091   8.185   1.00 21.47 ? 89  ALA A HB3  1 
ATOM   1318 N N    . THR A 1 90  ? -9.270  3.295   6.715   1.00 20.13 ? 90  THR A N    1 
ATOM   1319 C CA   . THR A 1 90  ? -9.054  2.500   5.501   1.00 19.81 ? 90  THR A CA   1 
ATOM   1320 C C    . THR A 1 90  ? -7.860  1.538   5.664   1.00 20.07 ? 90  THR A C    1 
ATOM   1321 O O    . THR A 1 90  ? -7.924  0.409   5.184   1.00 19.08 ? 90  THR A O    1 
ATOM   1322 C CB   . THR A 1 90  ? -8.934  3.389   4.248   1.00 19.74 ? 90  THR A CB   1 
ATOM   1323 O OG1  . THR A 1 90  ? -10.168 4.096   4.056   1.00 18.99 ? 90  THR A OG1  1 
ATOM   1324 C CG2  . THR A 1 90  ? -8.642  2.559   2.979   1.00 19.95 ? 90  THR A CG2  1 
ATOM   1325 H H    . THR A 1 90  ? -9.109  4.286   6.609   1.00 20.14 ? 90  THR A H    1 
ATOM   1326 H HA   . THR A 1 90  ? -9.846  1.941   5.357   1.00 19.90 ? 90  THR A HA   1 
ATOM   1327 H HB   . THR A 1 90  ? -8.227  4.031   4.386   1.00 19.67 ? 90  THR A HB   1 
ATOM   1328 H HG21 . THR A 1 90  ? -7.718  2.307   2.945   1.00 19.91 ? 90  THR A HG21 1 
ATOM   1329 H HG22 . THR A 1 90  ? -8.851  3.076   2.197   1.00 19.88 ? 90  THR A HG22 1 
ATOM   1330 H HG23 . THR A 1 90  ? -9.182  1.764   2.979   1.00 19.88 ? 90  THR A HG23 1 
ATOM   1331 N N    . MET A 1 91  ? -6.806  1.963   6.372   1.00 20.98 ? 91  MET A N    1 
ATOM   1332 C CA   . MET A 1 91  ? -5.647  1.081   6.633   1.00 21.13 ? 91  MET A CA   1 
ATOM   1333 C C    . MET A 1 91  ? -6.009  -0.163  7.444   1.00 21.21 ? 91  MET A C    1 
ATOM   1334 O O    . MET A 1 91  ? -5.447  -1.236  7.201   1.00 19.67 ? 91  MET A O    1 
ATOM   1335 C CB   . MET A 1 91  ? -4.496  1.823   7.333   1.00 22.19 ? 91  MET A CB   1 
ATOM   1336 C CG   . MET A 1 91  ? -3.623  2.679   6.429   1.00 23.81 ? 91  MET A CG   1 
ATOM   1337 S SD   . MET A 1 91  ? -2.976  1.851   4.951   1.00 25.01 ? 91  MET A SD   1 
ATOM   1338 C CE   . MET A 1 91  ? -2.000  0.521   5.628   1.00 24.22 ? 91  MET A CE   1 
ATOM   1339 H H    . MET A 1 91  ? -6.716  2.891   6.759   1.00 20.80 ? 91  MET A H    1 
ATOM   1340 H HA   . MET A 1 91  ? -5.323  0.766   5.767   1.00 21.31 ? 91  MET A HA   1 
ATOM   1341 H HB2  . MET A 1 91  ? -4.864  2.400   8.020   1.00 22.29 ? 91  MET A HB2  1 
ATOM   1342 H HB3  . MET A 1 91  ? -3.910  1.169   7.749   1.00 22.29 ? 91  MET A HB3  1 
ATOM   1343 H HG2  . MET A 1 91  ? -4.143  3.440   6.131   1.00 23.69 ? 91  MET A HG2  1 
ATOM   1344 H HG3  . MET A 1 91  ? -2.861  2.988   6.944   1.00 23.69 ? 91  MET A HG3  1 
ATOM   1345 H HE1  . MET A 1 91  ? -1.300  0.892   6.170   1.00 24.45 ? 91  MET A HE1  1 
ATOM   1346 H HE2  . MET A 1 91  ? -1.622  0.013   4.907   1.00 24.45 ? 91  MET A HE2  1 
ATOM   1347 H HE3  . MET A 1 91  ? -2.567  -0.040  6.163   1.00 24.45 ? 91  MET A HE3  1 
ATOM   1348 N N    . ASN A 1 92  ? -6.936  -0.020  8.398   1.00 21.75 ? 92  ASN A N    1 
ATOM   1349 C CA   . ASN A 1 92  ? -7.413  -1.162  9.191   1.00 22.23 ? 92  ASN A CA   1 
ATOM   1350 C C    . ASN A 1 92  ? -8.093  -2.216  8.339   1.00 21.50 ? 92  ASN A C    1 
ATOM   1351 O O    . ASN A 1 92  ? -7.898  -3.404  8.567   1.00 21.85 ? 92  ASN A O    1 
ATOM   1352 C CB   . ASN A 1 92  ? -8.363  -0.716  10.315  1.00 24.18 ? 92  ASN A CB   1 
ATOM   1353 C CG   . ASN A 1 92  ? -7.631  -0.134  11.514  1.00 26.19 ? 92  ASN A CG   1 
ATOM   1354 O OD1  . ASN A 1 92  ? -6.468  -0.450  11.770  1.00 29.38 ? 92  ASN A OD1  1 
ATOM   1355 N ND2  . ASN A 1 92  ? -8.316  0.713   12.265  1.00 26.99 ? 92  ASN A ND2  1 
ATOM   1356 H H    . ASN A 1 92  ? -7.359  0.862   8.647   1.00 21.75 ? 92  ASN A H    1 
ATOM   1357 H HA   . ASN A 1 92  ? -6.636  -1.597  9.597   1.00 22.38 ? 92  ASN A HA   1 
ATOM   1358 H HB2  . ASN A 1 92  ? -8.974  -0.045  9.972   1.00 24.13 ? 92  ASN A HB2  1 
ATOM   1359 H HB3  . ASN A 1 92  ? -8.866  -1.484  10.630  1.00 24.14 ? 92  ASN A HB3  1 
ATOM   1360 H HD21 . ASN A 1 92  ? -7.871  1.171   13.009  1.00 26.73 ? 92  ASN A HD21 1 
ATOM   1361 H HD22 . ASN A 1 92  ? -9.265  0.886   12.085  1.00 26.70 ? 92  ASN A HD22 1 
ATOM   1362 N N    . LYS A 1 93  ? -8.888  -1.777  7.365   1.00 20.86 ? 93  LYS A N    1 
ATOM   1363 C CA   . LYS A 1 93  ? -9.472  -2.679  6.362   1.00 19.93 ? 93  LYS A CA   1 
ATOM   1364 C C    . LYS A 1 93  ? -8.373  -3.340  5.539   1.00 19.32 ? 93  LYS A C    1 
ATOM   1365 O O    . LYS A 1 93  ? -8.449  -4.525  5.239   1.00 18.11 ? 93  LYS A O    1 
ATOM   1366 C CB   . LYS A 1 93  ? -10.412 -1.933  5.409   1.00 20.16 ? 93  LYS A CB   1 
ATOM   1367 C CG   . LYS A 1 93  ? -11.647 -1.331  6.056   1.00 21.07 ? 93  LYS A CG   1 
ATOM   1368 C CD   . LYS A 1 93  ? -12.474 -0.573  5.025   1.00 21.25 ? 93  LYS A CD   1 
ATOM   1369 C CE   . LYS A 1 93  ? -13.439 0.390   5.678   1.00 21.93 ? 93  LYS A CE   1 
ATOM   1370 N NZ   . LYS A 1 93  ? -14.191 1.189   4.665   1.00 22.22 ? 93  LYS A NZ   1 
ATOM   1371 H H    . LYS A 1 93  ? -9.138  -0.807  7.241   1.00 20.79 ? 93  LYS A H    1 
ATOM   1372 H HA   . LYS A 1 93  ? -9.984  -3.381  6.814   1.00 20.09 ? 93  LYS A HA   1 
ATOM   1373 H HB2  . LYS A 1 93  ? -9.919  -1.214  4.989   1.00 20.31 ? 93  LYS A HB2  1 
ATOM   1374 H HB3  . LYS A 1 93  ? -10.719 -2.554  4.729   1.00 20.30 ? 93  LYS A HB3  1 
ATOM   1375 H HG2  . LYS A 1 93  ? -12.195 -2.042  6.422   1.00 20.89 ? 93  LYS A HG2  1 
ATOM   1376 H HG3  . LYS A 1 93  ? -11.384 -0.714  6.756   1.00 20.90 ? 93  LYS A HG3  1 
ATOM   1377 H HD2  . LYS A 1 93  ? -11.886 -0.060  4.449   1.00 21.35 ? 93  LYS A HD2  1 
ATOM   1378 H HD3  . LYS A 1 93  ? -12.987 -1.206  4.501   1.00 21.36 ? 93  LYS A HD3  1 
ATOM   1379 H HE2  . LYS A 1 93  ? -14.080 -0.110  6.207   1.00 21.83 ? 93  LYS A HE2  1 
ATOM   1380 H HE3  . LYS A 1 93  ? -12.946 1.005   6.243   1.00 21.83 ? 93  LYS A HE3  1 
ATOM   1381 H HZ1  . LYS A 1 93  ? -13.577 1.676   4.110   1.00 22.12 ? 93  LYS A HZ1  1 
ATOM   1382 H HZ2  . LYS A 1 93  ? -14.775 1.811   5.104   1.00 22.12 ? 93  LYS A HZ2  1 
ATOM   1383 H HZ3  . LYS A 1 93  ? -14.716 0.607   4.110   1.00 22.12 ? 93  LYS A HZ3  1 
ATOM   1384 N N    . ILE A 1 94  ? -7.362  -2.557  5.169   1.00 18.70 ? 94  ILE A N    1 
ATOM   1385 C CA   . ILE A 1 94  ? -6.220  -3.083  4.423   1.00 18.46 ? 94  ILE A CA   1 
ATOM   1386 C C    . ILE A 1 94  ? -5.471  -4.135  5.239   1.00 18.22 ? 94  ILE A C    1 
ATOM   1387 O O    . ILE A 1 94  ? -5.069  -5.151  4.682   1.00 17.37 ? 94  ILE A O    1 
ATOM   1388 C CB   . ILE A 1 94  ? -5.283  -1.959  3.916   1.00 18.16 ? 94  ILE A CB   1 
ATOM   1389 C CG1  . ILE A 1 94  ? -6.001  -1.146  2.838   1.00 18.57 ? 94  ILE A CG1  1 
ATOM   1390 C CG2  . ILE A 1 94  ? -3.977  -2.532  3.357   1.00 18.43 ? 94  ILE A CG2  1 
ATOM   1391 C CD1  . ILE A 1 94  ? -5.439  0.242   2.636   1.00 18.68 ? 94  ILE A CD1  1 
ATOM   1392 H H    . ILE A 1 94  ? -7.312  -1.567  5.352   1.00 18.79 ? 94  ILE A H    1 
ATOM   1393 H HA   . ILE A 1 94  ? -6.566  -3.537  3.625   1.00 18.39 ? 94  ILE A HA   1 
ATOM   1394 H HB   . ILE A 1 94  ? -5.066  -1.369  4.652   1.00 18.35 ? 94  ILE A HB   1 
ATOM   1395 H HG12 . ILE A 1 94  ? -5.930  -1.618  1.992   1.00 18.49 ? 94  ILE A HG12 1 
ATOM   1396 H HG13 . ILE A 1 94  ? -6.936  -1.045  3.072   1.00 18.49 ? 94  ILE A HG13 1 
ATOM   1397 H HG21 . ILE A 1 94  ? -3.388  -2.759  4.082   1.00 18.34 ? 94  ILE A HG21 1 
ATOM   1398 H HG22 . ILE A 1 94  ? -3.550  -1.877  2.801   1.00 18.34 ? 94  ILE A HG22 1 
ATOM   1399 H HG23 . ILE A 1 94  ? -4.174  -3.314  2.833   1.00 18.34 ? 94  ILE A HG23 1 
ATOM   1400 H HD11 . ILE A 1 94  ? -5.783  0.817   3.331   1.00 18.64 ? 94  ILE A HD11 1 
ATOM   1401 H HD12 . ILE A 1 94  ? -5.714  0.570   1.773   1.00 18.64 ? 94  ILE A HD12 1 
ATOM   1402 H HD13 . ILE A 1 94  ? -4.487  0.202   2.692   1.00 18.64 ? 94  ILE A HD13 1 
ATOM   1403 N N    . ASN A 1 95  ? -5.314  -3.921  6.549   1.00 18.17 ? 95  ASN A N    1 
ATOM   1404 C CA   . ASN A 1 95  ? -4.670  -4.938  7.398   1.00 17.97 ? 95  ASN A CA   1 
ATOM   1405 C C    . ASN A 1 95  ? -5.379  -6.281  7.335   1.00 17.82 ? 95  ASN A C    1 
ATOM   1406 O O    . ASN A 1 95  ? -4.732  -7.323  7.250   1.00 18.38 ? 95  ASN A O    1 
ATOM   1407 C CB   . ASN A 1 95  ? -4.597  -4.503  8.857   1.00 18.06 ? 95  ASN A CB   1 
ATOM   1408 C CG   . ASN A 1 95  ? -3.734  -3.279  9.068   1.00 18.10 ? 95  ASN A CG   1 
ATOM   1409 O OD1  . ASN A 1 95  ? -2.842  -2.965  8.269   1.00 18.31 ? 95  ASN A OD1  1 
ATOM   1410 N ND2  . ASN A 1 95  ? -3.990  -2.582  10.160  1.00 17.52 ? 95  ASN A ND2  1 
ATOM   1411 H H    . ASN A 1 95  ? -5.613  -3.086  7.032   1.00 18.15 ? 95  ASN A H    1 
ATOM   1412 H HA   . ASN A 1 95  ? -3.755  -5.079  7.077   1.00 18.00 ? 95  ASN A HA   1 
ATOM   1413 H HB2  . ASN A 1 95  ? -5.492  -4.301  9.172   1.00 18.05 ? 95  ASN A HB2  1 
ATOM   1414 H HB3  . ASN A 1 95  ? -4.218  -5.224  9.384   1.00 18.04 ? 95  ASN A HB3  1 
ATOM   1415 H HD21 . ASN A 1 95  ? -3.656  -1.663  10.241  1.00 17.69 ? 95  ASN A HD21 1 
ATOM   1416 H HD22 . ASN A 1 95  ? -4.512  -2.981  10.891  1.00 17.69 ? 95  ASN A HD22 1 
ATOM   1417 N N    . THR A 1 96  ? -6.708  -6.250  7.381   1.00 17.27 ? 96  THR A N    1 
ATOM   1418 C CA   . THR A 1 96  ? -7.511  -7.474  7.333   1.00 17.40 ? 96  THR A CA   1 
ATOM   1419 C C    . THR A 1 96  ? -7.384  -8.129  5.963   1.00 16.52 ? 96  THR A C    1 
ATOM   1420 O O    . THR A 1 96  ? -7.218  -9.346  5.875   1.00 15.58 ? 96  THR A O    1 
ATOM   1421 C CB   . THR A 1 96  ? -8.991  -7.182  7.655   1.00 17.91 ? 96  THR A CB   1 
ATOM   1422 O OG1  . THR A 1 96  ? -9.061  -6.535  8.928   1.00 18.89 ? 96  THR A OG1  1 
ATOM   1423 C CG2  . THR A 1 96  ? -9.813  -8.472  7.702   1.00 18.71 ? 96  THR A CG2  1 
ATOM   1424 H H    . THR A 1 96  ? -7.255  -5.405  7.458   1.00 17.44 ? 96  THR A H    1 
ATOM   1425 H HA   . THR A 1 96  ? -7.177  -8.105  8.004   1.00 17.30 ? 96  THR A HA   1 
ATOM   1426 H HB   . THR A 1 96  ? -9.364  -6.602  6.974   1.00 18.14 ? 96  THR A HB   1 
ATOM   1427 H HG21 . THR A 1 96  ? -10.037 -8.760  6.811   1.00 18.45 ? 96  THR A HG21 1 
ATOM   1428 H HG22 . THR A 1 96  ? -10.628 -8.320  8.191   1.00 18.45 ? 96  THR A HG22 1 
ATOM   1429 H HG23 . THR A 1 96  ? -9.311  -9.166  8.140   1.00 18.45 ? 96  THR A HG23 1 
ATOM   1430 N N    . ALA A 1 97  ? -7.456  -7.308  4.912   1.00 15.99 ? 97  ALA A N    1 
ATOM   1431 C CA   . ALA A 1 97  ? -7.320  -7.778  3.535   1.00 15.61 ? 97  ALA A CA   1 
ATOM   1432 C C    . ALA A 1 97  ? -5.962  -8.468  3.278   1.00 15.73 ? 97  ALA A C    1 
ATOM   1433 O O    . ALA A 1 97  ? -5.903  -9.546  2.671   1.00 15.53 ? 97  ALA A O    1 
ATOM   1434 C CB   . ALA A 1 97  ? -7.527  -6.617  2.572   1.00 15.64 ? 97  ALA A CB   1 
ATOM   1435 H H    . ALA A 1 97  ? -7.619  -6.314  4.985   1.00 16.03 ? 97  ALA A H    1 
ATOM   1436 H HA   . ALA A 1 97  ? -8.023  -8.437  3.359   1.00 15.71 ? 97  ALA A HA   1 
ATOM   1437 H HB1  . ALA A 1 97  ? -8.399  -6.242  2.717   1.00 15.63 ? 97  ALA A HB1  1 
ATOM   1438 H HB2  . ALA A 1 97  ? -7.455  -6.940  1.671   1.00 15.63 ? 97  ALA A HB2  1 
ATOM   1439 H HB3  . ALA A 1 97  ? -6.854  -5.952  2.735   1.00 15.63 ? 97  ALA A HB3  1 
ATOM   1440 N N    . LEU A 1 98  ? -4.880  -7.845  3.740   1.00 15.91 ? 98  LEU A N    1 
ATOM   1441 C CA   . LEU A 1 98  ? -3.544  -8.447  3.671   1.00 16.00 ? 98  LEU A CA   1 
ATOM   1442 C C    . LEU A 1 98  ? -3.459  -9.792  4.403   1.00 16.21 ? 98  LEU A C    1 
ATOM   1443 O O    . LEU A 1 98  ? -2.906  -10.758 3.872   1.00 15.73 ? 98  LEU A O    1 
ATOM   1444 C CB   . LEU A 1 98  ? -2.501  -7.492  4.246   1.00 16.36 ? 98  LEU A CB   1 
ATOM   1445 C CG   . LEU A 1 98  ? -2.162  -6.227  3.460   1.00 16.38 ? 98  LEU A CG   1 
ATOM   1446 C CD1  . LEU A 1 98  ? -1.354  -5.288  4.334   1.00 16.43 ? 98  LEU A CD1  1 
ATOM   1447 C CD2  . LEU A 1 98  ? -1.392  -6.566  2.189   1.00 16.97 ? 98  LEU A CD2  1 
ATOM   1448 H H    . LEU A 1 98  ? -4.902  -6.926  4.159   1.00 15.89 ? 98  LEU A H    1 
ATOM   1449 H HA   . LEU A 1 98  ? -3.322  -8.610  2.730   1.00 16.09 ? 98  LEU A HA   1 
ATOM   1450 H HB2  . LEU A 1 98  ? -2.807  -7.213  5.123   1.00 16.27 ? 98  LEU A HB2  1 
ATOM   1451 H HB3  . LEU A 1 98  ? -1.669  -7.981  4.349   1.00 16.28 ? 98  LEU A HB3  1 
ATOM   1452 H HG   . LEU A 1 98  ? -2.981  -5.777  3.202   1.00 16.50 ? 98  LEU A HG   1 
ATOM   1453 H HD11 . LEU A 1 98  ? -1.885  -5.028  5.090   1.00 16.41 ? 98  LEU A HD11 1 
ATOM   1454 H HD12 . LEU A 1 98  ? -1.115  -4.513  3.822   1.00 16.40 ? 98  LEU A HD12 1 
ATOM   1455 H HD13 . LEU A 1 98  ? -0.561  -5.742  4.631   1.00 16.41 ? 98  LEU A HD13 1 
ATOM   1456 H HD21 . LEU A 1 98  ? -0.642  -7.120  2.412   1.00 16.78 ? 98  LEU A HD21 1 
ATOM   1457 H HD22 . LEU A 1 98  ? -1.085  -5.749  1.787   1.00 16.77 ? 98  LEU A HD22 1 
ATOM   1458 H HD23 . LEU A 1 98  ? -1.975  -7.029  1.582   1.00 16.77 ? 98  LEU A HD23 1 
ATOM   1459 N N    . ALA A 1 99  ? -4.008  -9.857  5.620   1.00 16.56 ? 99  ALA A N    1 
ATOM   1460 C CA   . ALA A 1 99  ? -4.067  -11.120 6.374   1.00 16.57 ? 99  ALA A CA   1 
ATOM   1461 C C    . ALA A 1 99  ? -4.818  -12.218 5.601   1.00 16.44 ? 99  ALA A C    1 
ATOM   1462 O O    . ALA A 1 99  ? -4.378  -13.366 5.554   1.00 15.50 ? 99  ALA A O    1 
ATOM   1463 C CB   . ALA A 1 99  ? -4.703  -10.898 7.746   1.00 17.41 ? 99  ALA A CB   1 
ATOM   1464 H H    . ALA A 1 99  ? -4.410  -9.065  6.101   1.00 16.48 ? 99  ALA A H    1 
ATOM   1465 H HA   . ALA A 1 99  ? -3.152  -11.437 6.518   1.00 16.72 ? 99  ALA A HA   1 
ATOM   1466 H HB1  . ALA A 1 99  ? -4.230  -10.196 8.198   1.00 17.15 ? 99  ALA A HB1  1 
ATOM   1467 H HB2  . ALA A 1 99  ? -4.644  -11.711 8.250   1.00 17.19 ? 99  ALA A HB2  1 
ATOM   1468 H HB3  . ALA A 1 99  ? -5.624  -10.651 7.627   1.00 17.15 ? 99  ALA A HB3  1 
ATOM   1469 N N    . THR A 1 100 ? -5.934  -11.853 4.975   1.00 16.21 ? 100 THR A N    1 
ATOM   1470 C CA   . THR A 1 100 ? -6.704  -12.796 4.159   1.00 16.03 ? 100 THR A CA   1 
ATOM   1471 C C    . THR A 1 100 ? -5.936  -13.242 2.915   1.00 15.55 ? 100 THR A C    1 
ATOM   1472 O O    . THR A 1 100 ? -5.904  -14.439 2.593   1.00 15.18 ? 100 THR A O    1 
ATOM   1473 C CB   . THR A 1 100 ? -8.076  -12.211 3.774   1.00 16.45 ? 100 THR A CB   1 
ATOM   1474 O OG1  . THR A 1 100 ? -8.785  -11.890 4.970   1.00 17.12 ? 100 THR A OG1  1 
ATOM   1475 C CG2  . THR A 1 100 ? -8.900  -13.209 2.976   1.00 16.72 ? 100 THR A CG2  1 
ATOM   1476 H H    . THR A 1 100 ? -6.334  -10.926 5.016   1.00 16.22 ? 100 THR A H    1 
ATOM   1477 H HA   . THR A 1 100 ? -6.878  -13.599 4.695   1.00 16.04 ? 100 THR A HA   1 
ATOM   1478 H HB   . THR A 1 100 ? -7.954  -11.410 3.241   1.00 16.54 ? 100 THR A HB   1 
ATOM   1479 H HG21 . THR A 1 100 ? -8.648  -13.185 2.048   1.00 16.62 ? 100 THR A HG21 1 
ATOM   1480 H HG22 . THR A 1 100 ? -9.836  -12.988 3.049   1.00 16.63 ? 100 THR A HG22 1 
ATOM   1481 H HG23 . THR A 1 100 ? -8.761  -14.098 3.320   1.00 16.63 ? 100 THR A HG23 1 
ATOM   1482 N N    . ALA A 1 101 ? -5.292  -12.291 2.236   1.00 14.89 ? 101 ALA A N    1 
ATOM   1483 C CA   . ALA A 1 101 ? -4.511  -12.607 1.046   1.00 14.82 ? 101 ALA A CA   1 
ATOM   1484 C C    . ALA A 1 101 ? -3.399  -13.630 1.356   1.00 15.20 ? 101 ALA A C    1 
ATOM   1485 O O    . ALA A 1 101 ? -3.176  -14.543 0.580   1.00 14.62 ? 101 ALA A O    1 
ATOM   1486 C CB   . ALA A 1 101 ? -3.929  -11.344 0.446   1.00 15.04 ? 101 ALA A CB   1 
ATOM   1487 H H    . ALA A 1 101 ? -5.300  -11.311 2.480   1.00 15.03 ? 101 ALA A H    1 
ATOM   1488 H HA   . ALA A 1 101 ? -5.106  -13.007 0.378   1.00 14.94 ? 101 ALA A HA   1 
ATOM   1489 H HB1  . ALA A 1 101 ? -4.645  -10.744 0.226   1.00 14.97 ? 101 ALA A HB1  1 
ATOM   1490 H HB2  . ALA A 1 101 ? -3.438  -11.574 -0.347  1.00 14.97 ? 101 ALA A HB2  1 
ATOM   1491 H HB3  . ALA A 1 101 ? -3.343  -10.936 1.088   1.00 14.97 ? 101 ALA A HB3  1 
ATOM   1492 N N    . LEU A 1 102 ? -2.760  -13.489 2.518   1.00 15.70 ? 102 LEU A N    1 
ATOM   1493 C CA   . LEU A 1 102 ? -1.630  -14.328 2.930   1.00 16.67 ? 102 LEU A CA   1 
ATOM   1494 C C    . LEU A 1 102 ? -1.982  -15.500 3.863   1.00 17.05 ? 102 LEU A C    1 
ATOM   1495 O O    . LEU A 1 102 ? -1.088  -16.065 4.503   1.00 16.42 ? 102 LEU A O    1 
ATOM   1496 C CB   . LEU A 1 102 ? -0.582  -13.440 3.601   1.00 17.31 ? 102 LEU A CB   1 
ATOM   1497 C CG   . LEU A 1 102 ? 0.010   -12.367 2.682   1.00 18.20 ? 102 LEU A CG   1 
ATOM   1498 C CD1  . LEU A 1 102 ? 0.616   -11.238 3.490   1.00 19.30 ? 102 LEU A CD1  1 
ATOM   1499 C CD2  . LEU A 1 102 ? 1.048   -12.975 1.770   1.00 18.73 ? 102 LEU A CD2  1 
ATOM   1500 H H    . LEU A 1 102 ? -3.000  -12.791 3.208   1.00 15.81 ? 102 LEU A H    1 
ATOM   1501 H HA   . LEU A 1 102 ? -1.209  -14.715 2.137   1.00 16.66 ? 102 LEU A HA   1 
ATOM   1502 H HB2  . LEU A 1 102 ? -0.992  -12.994 4.359   1.00 17.36 ? 102 LEU A HB2  1 
ATOM   1503 H HB3  . LEU A 1 102 ? 0.156   -13.987 3.911   1.00 17.36 ? 102 LEU A HB3  1 
ATOM   1504 H HG   . LEU A 1 102 ? -0.688  -11.987 2.126   1.00 18.31 ? 102 LEU A HG   1 
ATOM   1505 H HD11 . LEU A 1 102 ? -0.074  -10.818 4.008   1.00 18.94 ? 102 LEU A HD11 1 
ATOM   1506 H HD12 . LEU A 1 102 ? 1.009   -10.601 2.889   1.00 18.94 ? 102 LEU A HD12 1 
ATOM   1507 H HD13 . LEU A 1 102 ? 1.290   -11.598 4.071   1.00 18.94 ? 102 LEU A HD13 1 
ATOM   1508 H HD21 . LEU A 1 102 ? 1.748   -13.362 2.301   1.00 18.55 ? 102 LEU A HD21 1 
ATOM   1509 H HD22 . LEU A 1 102 ? 1.411   -12.284 1.210   1.00 18.55 ? 102 LEU A HD22 1 
ATOM   1510 H HD23 . LEU A 1 102 ? 0.638   -13.650 1.225   1.00 18.54 ? 102 LEU A HD23 1 
ATOM   1511 N N    . GLY A 1 103 ? -3.264  -15.859 3.941   1.00 17.85 ? 103 GLY A N    1 
ATOM   1512 C CA   . GLY A 1 103 ? -3.723  -17.022 4.700   1.00 18.52 ? 103 GLY A CA   1 
ATOM   1513 C C    . GLY A 1 103 ? -3.334  -17.035 6.163   1.00 19.77 ? 103 GLY A C    1 
ATOM   1514 O O    . GLY A 1 103 ? -3.084  -18.099 6.721   1.00 19.96 ? 103 GLY A O    1 
ATOM   1515 H H    . GLY A 1 103 ? -4.030  -15.375 3.498   1.00 17.77 ? 103 GLY A H    1 
ATOM   1516 H HA2  . GLY A 1 103 ? -4.690  -17.068 4.648   1.00 18.64 ? 103 GLY A HA2  1 
ATOM   1517 H HA3  . GLY A 1 103 ? -3.363  -17.825 4.289   1.00 18.64 ? 103 GLY A HA3  1 
ATOM   1518 N N    . LEU A 1 104 ? -3.289  -15.861 6.791   1.00 20.60 ? 104 LEU A N    1 
ATOM   1519 C CA   . LEU A 1 104 ? -2.895  -15.765 8.192   1.00 22.40 ? 104 LEU A CA   1 
ATOM   1520 C C    . LEU A 1 104 ? -4.106  -16.073 9.069   1.00 24.81 ? 104 LEU A C    1 
ATOM   1521 O O    . LEU A 1 104 ? -5.242  -15.836 8.648   1.00 24.35 ? 104 LEU A O    1 
ATOM   1522 C CB   . LEU A 1 104 ? -2.351  -14.374 8.514   1.00 22.06 ? 104 LEU A CB   1 
ATOM   1523 C CG   . LEU A 1 104 ? -1.204  -13.876 7.611   1.00 21.18 ? 104 LEU A CG   1 
ATOM   1524 C CD1  . LEU A 1 104 ? -0.775  -12.484 8.027   1.00 21.17 ? 104 LEU A CD1  1 
ATOM   1525 C CD2  . LEU A 1 104 ? -0.014  -14.818 7.647   1.00 21.12 ? 104 LEU A CD2  1 
ATOM   1526 H H    . LEU A 1 104 ? -3.539  -14.977 6.371   1.00 20.80 ? 104 LEU A H    1 
ATOM   1527 H HA   . LEU A 1 104 ? -2.185  -16.413 8.373   1.00 22.41 ? 104 LEU A HA   1 
ATOM   1528 H HB2  . LEU A 1 104 ? -3.078  -13.736 8.440   1.00 21.94 ? 104 LEU A HB2  1 
ATOM   1529 H HB3  . LEU A 1 104 ? -2.019  -14.382 9.423   1.00 21.99 ? 104 LEU A HB3  1 
ATOM   1530 H HG   . LEU A 1 104 ? -1.515  -13.824 6.694   1.00 21.32 ? 104 LEU A HG   1 
ATOM   1531 H HD11 . LEU A 1 104 ? -1.554  -11.935 8.147   1.00 21.14 ? 104 LEU A HD11 1 
ATOM   1532 H HD12 . LEU A 1 104 ? -0.214  -12.112 7.342   1.00 21.16 ? 104 LEU A HD12 1 
ATOM   1533 H HD13 . LEU A 1 104 ? -0.289  -12.542 8.853   1.00 21.16 ? 104 LEU A HD13 1 
ATOM   1534 H HD21 . LEU A 1 104 ? 0.215   -14.994 8.563   1.00 21.13 ? 104 LEU A HD21 1 
ATOM   1535 H HD22 . LEU A 1 104 ? 0.727   -14.401 7.199   1.00 21.13 ? 104 LEU A HD22 1 
ATOM   1536 H HD23 . LEU A 1 104 ? -0.244  -15.636 7.202   1.00 21.14 ? 104 LEU A HD23 1 
ATOM   1537 N N    . PRO A 1 105 ? -3.876  -16.587 10.296  1.00 27.22 ? 105 PRO A N    1 
ATOM   1538 C CA   . PRO A 1 105 ? -5.003  -16.935 11.167  1.00 29.28 ? 105 PRO A CA   1 
ATOM   1539 C C    . PRO A 1 105 ? -5.510  -15.755 11.994  1.00 30.75 ? 105 PRO A C    1 
ATOM   1540 O O    . PRO A 1 105 ? -5.905  -15.941 13.138  1.00 32.64 ? 105 PRO A O    1 
ATOM   1541 C CB   . PRO A 1 105 ? -4.408  -18.035 12.054  1.00 28.53 ? 105 PRO A CB   1 
ATOM   1542 C CG   . PRO A 1 105 ? -2.982  -17.635 12.201  1.00 28.25 ? 105 PRO A CG   1 
ATOM   1543 C CD   . PRO A 1 105 ? -2.587  -16.970 10.906  1.00 27.36 ? 105 PRO A CD   1 
ATOM   1544 H HA   . PRO A 1 105 ? -5.745  -17.317 10.655  1.00 28.96 ? 105 PRO A HA   1 
ATOM   1545 H HB2  . PRO A 1 105 ? -4.847  -18.087 12.916  1.00 28.66 ? 105 PRO A HB2  1 
ATOM   1546 H HB3  . PRO A 1 105 ? -4.471  -18.886 11.593  1.00 28.64 ? 105 PRO A HB3  1 
ATOM   1547 H HG2  . PRO A 1 105 ? -2.895  -17.013 12.941  1.00 28.10 ? 105 PRO A HG2  1 
ATOM   1548 H HG3  . PRO A 1 105 ? -2.440  -18.423 12.356  1.00 28.10 ? 105 PRO A HG3  1 
ATOM   1549 H HD2  . PRO A 1 105 ? -2.047  -16.183 11.079  1.00 27.53 ? 105 PRO A HD2  1 
ATOM   1550 H HD3  . PRO A 1 105 ? -2.119  -17.604 10.341  1.00 27.51 ? 105 PRO A HD3  1 
ATOM   1551 N N    . TRP A 1 106 ? -5.508  -14.554 11.421  1.00 33.25 ? 106 TRP A N    1 
ATOM   1552 C CA   . TRP A 1 106 ? -5.900  -13.343 12.133  1.00 34.72 ? 106 TRP A CA   1 
ATOM   1553 C C    . TRP A 1 106 ? -6.731  -12.437 11.214  1.00 34.35 ? 106 TRP A C    1 
ATOM   1554 O O    . TRP A 1 106 ? -6.544  -12.462 9.996   1.00 31.72 ? 106 TRP A O    1 
ATOM   1555 C CB   . TRP A 1 106 ? -4.676  -12.573 12.646  1.00 36.88 ? 106 TRP A CB   1 
ATOM   1556 C CG   . TRP A 1 106 ? -3.713  -13.402 13.472  1.00 40.78 ? 106 TRP A CG   1 
ATOM   1557 C CD1  . TRP A 1 106 ? -3.959  -13.980 14.689  1.00 41.08 ? 106 TRP A CD1  1 
ATOM   1558 C CD2  . TRP A 1 106 ? -2.348  -13.729 13.144  1.00 41.83 ? 106 TRP A CD2  1 
ATOM   1559 N NE1  . TRP A 1 106 ? -2.840  -14.654 15.131  1.00 42.38 ? 106 TRP A NE1  1 
ATOM   1560 C CE2  . TRP A 1 106 ? -1.840  -14.518 14.203  1.00 41.20 ? 106 TRP A CE2  1 
ATOM   1561 C CE3  . TRP A 1 106 ? -1.510  -13.435 12.057  1.00 41.33 ? 106 TRP A CE3  1 
ATOM   1562 C CZ2  . TRP A 1 106 ? -0.534  -15.021 14.204  1.00 41.02 ? 106 TRP A CZ2  1 
ATOM   1563 C CZ3  . TRP A 1 106 ? -0.201  -13.937 12.062  1.00 40.16 ? 106 TRP A CZ3  1 
ATOM   1564 C CH2  . TRP A 1 106 ? 0.267   -14.722 13.128  1.00 40.51 ? 106 TRP A CH2  1 
ATOM   1565 H H    . TRP A 1 106 ? -5.261  -14.361 10.465  1.00 32.90 ? 106 TRP A H    1 
ATOM   1566 H HA   . TRP A 1 106 ? -6.427  -13.593 12.912  1.00 34.73 ? 106 TRP A HA   1 
ATOM   1567 H HB2  . TRP A 1 106 ? -4.188  -12.214 11.888  1.00 37.06 ? 106 TRP A HB2  1 
ATOM   1568 H HB3  . TRP A 1 106 ? -4.996  -11.851 13.205  1.00 36.39 ? 106 TRP A HB3  1 
ATOM   1569 H HD1  . TRP A 1 106 ? -4.767  -13.934 15.146  1.00 41.29 ? 106 TRP A HD1  1 
ATOM   1570 H HE1  . TRP A 1 106 ? -2.780  -15.093 15.867  1.00 41.77 ? 106 TRP A HE1  1 
ATOM   1571 H HE3  . TRP A 1 106 ? -1.818  -12.924 11.344  1.00 41.13 ? 106 TRP A HE3  1 
ATOM   1572 H HZ2  . TRP A 1 106 ? -0.217  -15.533 14.913  1.00 40.95 ? 106 TRP A HZ2  1 
ATOM   1573 H HZ3  . TRP A 1 106 ? 0.362   -13.754 11.346  1.00 40.52 ? 106 TRP A HZ3  1 
ATOM   1574 H HH2  . TRP A 1 106 ? 1.141   -15.038 13.109  1.00 40.55 ? 106 TRP A HH2  1 
ATOM   1575 N N    . PRO A 1 107 ? -7.672  -11.658 11.788  1.00 35.14 ? 107 PRO A N    1 
ATOM   1576 C CA   . PRO A 1 107 ? -8.086  -11.692 13.201  1.00 35.27 ? 107 PRO A CA   1 
ATOM   1577 C C    . PRO A 1 107 ? -8.931  -12.937 13.511  1.00 34.51 ? 107 PRO A C    1 
ATOM   1578 O O    . PRO A 1 107 ? -9.411  -13.605 12.582  1.00 33.34 ? 107 PRO A O    1 
ATOM   1579 C CB   . PRO A 1 107 ? -8.920  -10.414 13.351  1.00 35.43 ? 107 PRO A CB   1 
ATOM   1580 C CG   . PRO A 1 107 ? -9.469  -10.159 11.992  1.00 35.27 ? 107 PRO A CG   1 
ATOM   1581 C CD   . PRO A 1 107 ? -8.439  -10.661 11.015  1.00 35.32 ? 107 PRO A CD   1 
ATOM   1582 H HA   . PRO A 1 107 ? -7.316  -11.643 13.806  1.00 35.12 ? 107 PRO A HA   1 
ATOM   1583 H HB2  . PRO A 1 107 ? -9.635  -10.549 13.993  1.00 35.35 ? 107 PRO A HB2  1 
ATOM   1584 H HB3  . PRO A 1 107 ? -8.346  -9.683  13.629  1.00 35.35 ? 107 PRO A HB3  1 
ATOM   1585 H HG2  . PRO A 1 107 ? -10.303 -10.643 11.885  1.00 35.32 ? 107 PRO A HG2  1 
ATOM   1586 H HG3  . PRO A 1 107 ? -9.612  -9.207  11.875  1.00 35.32 ? 107 PRO A HG3  1 
ATOM   1587 H HD2  . PRO A 1 107 ? -8.872  -11.082 10.256  1.00 35.26 ? 107 PRO A HD2  1 
ATOM   1588 H HD3  . PRO A 1 107 ? -7.860  -9.935  10.735  1.00 35.26 ? 107 PRO A HD3  1 
HETATM 1589 O O    . HOH B 2 .   ? -6.208  1.202   -12.504 1.00 39.13 ? 201 HOH A O    1 
HETATM 1590 O O    . HOH B 2 .   ? 13.002  2.398   13.478  1.00 57.44 ? 202 HOH A O    1 
HETATM 1591 O O    . HOH B 2 .   ? -8.751  -12.151 -8.169  1.00 31.01 ? 203 HOH A O    1 
HETATM 1592 O O    . HOH B 2 .   ? 18.926  6.574   5.790   1.00 29.19 ? 204 HOH A O    1 
HETATM 1593 O O    . HOH B 2 .   ? 21.849  8.219   10.108  1.00 37.21 ? 205 HOH A O    1 
HETATM 1594 O O    . HOH B 2 .   ? 2.368   15.203  -4.768  1.00 28.31 ? 206 HOH A O    1 
HETATM 1595 O O    . HOH B 2 .   ? 14.920  11.613  3.586   1.00 41.94 ? 207 HOH A O    1 
HETATM 1596 O O    . HOH B 2 .   ? 5.129   -1.075  -13.929 1.00 37.43 ? 208 HOH A O    1 
HETATM 1597 O O    . HOH B 2 .   ? -12.460 2.547   3.141   1.00 23.52 ? 209 HOH A O    1 
HETATM 1598 O O    . HOH B 2 .   ? 17.147  10.860  1.488   1.00 26.95 ? 210 HOH A O    1 
HETATM 1599 O O    . HOH B 2 .   ? 16.174  6.454   5.778   1.00 27.00 ? 211 HOH A O    1 
HETATM 1600 O O    . HOH B 2 .   ? -10.696 -12.087 -1.825  1.00 24.01 ? 212 HOH A O    1 
HETATM 1601 O O    . HOH B 2 .   ? -7.247  -16.461 3.780   1.00 24.89 ? 213 HOH A O    1 
HETATM 1602 O O    . HOH B 2 .   ? -7.084  -10.325 -6.660  1.00 30.92 ? 214 HOH A O    1 
HETATM 1603 O O    . HOH B 2 .   ? -11.029 -8.305  4.175   1.00 33.49 ? 215 HOH A O    1 
HETATM 1604 O O    . HOH B 2 .   ? -8.126  -5.080  11.034  1.00 34.30 ? 216 HOH A O    1 
HETATM 1605 O O    . HOH B 2 .   ? -14.844 7.132   -7.926  1.00 31.76 ? 217 HOH A O    1 
HETATM 1606 O O    . HOH B 2 .   ? -16.800 -8.369  -7.405  1.00 37.50 ? 218 HOH A O    1 
HETATM 1607 O O    . HOH B 2 .   ? -3.808  -14.192 -2.052  1.00 21.94 ? 219 HOH A O    1 
HETATM 1608 O O    . HOH B 2 .   ? -0.405  1.765   9.003   1.00 26.57 ? 220 HOH A O    1 
HETATM 1609 O O    . HOH B 2 .   ? -6.076  -3.409  11.786  1.00 32.06 ? 221 HOH A O    1 
HETATM 1610 O O    . HOH B 2 .   ? -2.988  12.449  2.023   1.00 27.43 ? 222 HOH A O    1 
HETATM 1611 O O    . HOH B 2 .   ? 9.378   -6.927  -6.963  1.00 38.44 ? 223 HOH A O    1 
HETATM 1612 O O    . HOH B 2 .   ? 2.937   4.958   8.999   1.00 20.41 ? 224 HOH A O    1 
HETATM 1613 O O    . HOH B 2 .   ? -6.163  -3.556  -12.454 1.00 42.43 ? 225 HOH A O    1 
HETATM 1614 O O    . HOH B 2 .   ? 10.780  -5.916  9.020   1.00 28.97 ? 226 HOH A O    1 
HETATM 1615 O O    . HOH B 2 .   ? -3.237  -0.931  -10.916 1.00 35.54 ? 227 HOH A O    1 
HETATM 1616 O O    . HOH B 2 .   ? 8.946   4.892   -10.827 1.00 32.98 ? 228 HOH A O    1 
HETATM 1617 O O    . HOH B 2 .   ? 13.793  -7.310  0.109   1.00 23.35 ? 229 HOH A O    1 
HETATM 1618 O O    . HOH B 2 .   ? 14.671  -5.345  -3.718  1.00 38.75 ? 230 HOH A O    1 
HETATM 1619 O O    . HOH B 2 .   ? 14.601  -5.038  3.314   1.00 29.42 ? 231 HOH A O    1 
HETATM 1620 O O    . HOH B 2 .   ? 10.184  4.855   7.547   1.00 21.41 ? 232 HOH A O    1 
HETATM 1621 O O    . HOH B 2 .   ? -11.099 -5.521  4.859   1.00 21.19 ? 233 HOH A O    1 
HETATM 1622 O O    . HOH B 2 .   ? -4.822  1.812   10.810  1.00 37.48 ? 234 HOH A O    1 
HETATM 1623 O O    . HOH B 2 .   ? 16.322  6.565   -1.157  1.00 31.94 ? 235 HOH A O    1 
HETATM 1624 O O    . HOH B 2 .   ? -9.724  7.087   9.851   1.00 25.77 ? 236 HOH A O    1 
HETATM 1625 O O    . HOH B 2 .   ? -12.064 8.309   -2.386  1.00 28.08 ? 237 HOH A O    1 
HETATM 1626 O O    . HOH B 2 .   ? -13.304 4.223   -4.363  1.00 29.89 ? 238 HOH A O    1 
HETATM 1627 O O    . HOH B 2 .   ? -7.681  -13.329 7.391   1.00 31.58 ? 239 HOH A O    1 
HETATM 1628 O O    . HOH B 2 .   ? -2.942  -21.056 6.988   1.00 46.36 ? 240 HOH A O    1 
HETATM 1629 O O    . HOH B 2 .   ? -12.040 0.301   9.551   1.00 27.99 ? 241 HOH A O    1 
HETATM 1630 O O    . HOH B 2 .   ? -6.866  -5.931  -11.477 1.00 36.45 ? 242 HOH A O    1 
HETATM 1631 O O    . HOH B 2 .   ? 9.979   9.241   -4.084  1.00 34.91 ? 243 HOH A O    1 
HETATM 1632 O O    . HOH B 2 .   ? -4.844  -9.888  -8.377  1.00 27.98 ? 244 HOH A O    1 
HETATM 1633 O O    . HOH B 2 .   ? 4.062   0.947   -16.990 1.00 43.60 ? 245 HOH A O    1 
HETATM 1634 O O    . HOH B 2 .   ? -2.935  13.737  -0.802  1.00 35.42 ? 246 HOH A O    1 
HETATM 1635 O O    . HOH B 2 .   ? 4.864   0.290   11.053  1.00 31.63 ? 247 HOH A O    1 
HETATM 1636 O O    . HOH B 2 .   ? -2.501  0.082   10.812  1.00 30.24 ? 248 HOH A O    1 
HETATM 1637 O O    . HOH B 2 .   ? -11.276 -4.269  8.998   1.00 40.85 ? 249 HOH A O    1 
HETATM 1638 O O    . HOH B 2 .   ? 4.322   -5.137  -11.401 1.00 34.41 ? 250 HOH A O    1 
HETATM 1639 O O    . HOH B 2 .   ? -4.387  -2.393  -14.195 1.00 42.70 ? 251 HOH A O    1 
HETATM 1640 O O    . HOH B 2 .   ? 4.973   -1.777  -17.116 1.00 44.84 ? 252 HOH A O    1 
HETATM 1641 O O    . HOH B 2 .   ? 7.257   6.968   -11.947 1.00 44.52 ? 253 HOH A O    1 
HETATM 1642 O O    . HOH B 2 .   ? 4.921   2.665   -19.945 1.00 30.69 ? 254 HOH A O    1 
HETATM 1643 O O    . HOH B 2 .   ? 14.527  -3.763  9.694   1.00 37.03 ? 255 HOH A O    1 
HETATM 1644 O O    . HOH B 2 .   ? -2.251  -0.769  13.539  1.00 30.55 ? 256 HOH A O    1 
HETATM 1645 O O    . HOH B 2 .   ? -11.996 -13.710 -3.821  1.00 38.91 ? 257 HOH A O    1 
HETATM 1646 O O    . HOH B 2 .   ? -11.854 -14.732 2.212   1.00 28.32 ? 258 HOH A O    1 
HETATM 1647 O O    . HOH B 2 .   ? -14.151 -15.135 -0.778  1.00 46.35 ? 259 HOH A O    1 
# 
loop_
_pdbx_poly_seq_scheme.asym_id 
_pdbx_poly_seq_scheme.entity_id 
_pdbx_poly_seq_scheme.seq_id 
_pdbx_poly_seq_scheme.mon_id 
_pdbx_poly_seq_scheme.ndb_seq_num 
_pdbx_poly_seq_scheme.pdb_seq_num 
_pdbx_poly_seq_scheme.auth_seq_num 
_pdbx_poly_seq_scheme.pdb_mon_id 
_pdbx_poly_seq_scheme.auth_mon_id 
_pdbx_poly_seq_scheme.pdb_strand_id 
_pdbx_poly_seq_scheme.pdb_ins_code 
_pdbx_poly_seq_scheme.hetero 
A 1 1   GLU 1   1   1   GLU GLU A . n 
A 1 2   PHE 2   2   2   PHE PHE A . n 
A 1 3   MET 3   3   3   MET MET A . n 
A 1 4   ASN 4   4   4   ASN ASN A . n 
A 1 5   ALA 5   5   5   ALA ALA A . n 
A 1 6   PRO 6   6   6   PRO PRO A . n 
A 1 7   LEU 7   7   7   LEU LEU A . n 
A 1 8   ARG 8   8   8   ARG ARG A . n 
A 1 9   GLY 9   9   9   GLY GLY A . n 
A 1 10  GLN 10  10  10  GLN GLN A . n 
A 1 11  VAL 11  11  11  VAL VAL A . n 
A 1 12  TYR 12  12  12  TYR TYR A . n 
A 1 13  ARG 13  13  13  ARG ARG A . n 
A 1 14  CYS 14  14  14  CYS CYS A . n 
A 1 15  ASP 15  15  15  ASP ASP A . n 
A 1 16  LEU 16  16  16  LEU LEU A . n 
A 1 17  GLY 17  17  ?   ?   ?   A . n 
A 1 18  TYR 18  18  ?   ?   ?   A . n 
A 1 19  GLY 19  19  ?   ?   ?   A . n 
A 1 20  ALA 20  20  20  ALA ALA A . n 
A 1 21  LYS 21  21  21  LYS LYS A . n 
A 1 22  PRO 22  22  22  PRO PRO A . n 
A 1 23  TRP 23  23  23  TRP TRP A . n 
A 1 24  LEU 24  24  24  LEU LEU A . n 
A 1 25  ILE 25  25  25  ILE ILE A . n 
A 1 26  VAL 26  26  26  VAL VAL A . n 
A 1 27  SER 27  27  27  SER SER A . n 
A 1 28  ASN 28  28  28  ASN ASN A . n 
A 1 29  ASN 29  29  29  ASN ASN A . n 
A 1 30  ALA 30  30  30  ALA ALA A . n 
A 1 31  ARG 31  31  31  ARG ARG A . n 
A 1 32  ASN 32  32  32  ASN ASN A . n 
A 1 33  ARG 33  33  33  ARG ARG A . n 
A 1 34  HIS 34  34  34  HIS HIS A . n 
A 1 35  THR 35  35  35  THR THR A . n 
A 1 36  ALA 36  36  36  ALA ALA A . n 
A 1 37  ASP 37  37  37  ASP ASP A . n 
A 1 38  VAL 38  38  38  VAL VAL A . n 
A 1 39  VAL 39  39  39  VAL VAL A . n 
A 1 40  ALA 40  40  40  ALA ALA A . n 
A 1 41  VAL 41  41  41  VAL VAL A . n 
A 1 42  ARG 42  42  42  ARG ARG A . n 
A 1 43  LEU 43  43  43  LEU LEU A . n 
A 1 44  THR 44  44  44  THR THR A . n 
A 1 45  THR 45  45  45  THR THR A . n 
A 1 46  THR 46  46  46  THR THR A . n 
A 1 47  ARG 47  47  47  ARG ARG A . n 
A 1 48  ARG 48  48  48  ARG ARG A . n 
A 1 49  THR 49  49  49  THR THR A . n 
A 1 50  ILE 50  50  50  ILE ILE A . n 
A 1 51  PRO 51  51  51  PRO PRO A . n 
A 1 52  THR 52  52  52  THR THR A . n 
A 1 53  TRP 53  53  53  TRP TRP A . n 
A 1 54  VAL 54  54  54  VAL VAL A . n 
A 1 55  ALA 55  55  55  ALA ALA A . n 
A 1 56  MET 56  56  56  MET MET A . n 
A 1 57  GLY 57  57  57  GLY GLY A . n 
A 1 58  PRO 58  58  58  PRO PRO A . n 
A 1 59  SER 59  59  59  SER SER A . n 
A 1 60  ASP 60  60  60  ASP ASP A . n 
A 1 61  PRO 61  61  61  PRO PRO A . n 
A 1 62  LEU 62  62  62  LEU LEU A . n 
A 1 63  THR 63  63  63  THR THR A . n 
A 1 64  GLY 64  64  64  GLY GLY A . n 
A 1 65  TYR 65  65  65  TYR TYR A . n 
A 1 66  VAL 66  66  66  VAL VAL A . n 
A 1 67  ASN 67  67  67  ASN ASN A . n 
A 1 68  ALA 68  68  68  ALA ALA A . n 
A 1 69  ASP 69  69  69  ASP ASP A . n 
A 1 70  ASN 70  70  70  ASN ASN A . n 
A 1 71  ILE 71  71  71  ILE ILE A . n 
A 1 72  GLU 72  72  72  GLU GLU A . n 
A 1 73  THR 73  73  73  THR THR A . n 
A 1 74  LEU 74  74  74  LEU LEU A . n 
A 1 75  GLY 75  75  75  GLY GLY A . n 
A 1 76  LYS 76  76  76  LYS LYS A . n 
A 1 77  ASP 77  77  77  ASP ASP A . n 
A 1 78  GLU 78  78  78  GLU GLU A . n 
A 1 79  LEU 79  79  79  LEU LEU A . n 
A 1 80  GLY 80  80  80  GLY GLY A . n 
A 1 81  ASP 81  81  81  ASP ASP A . n 
A 1 82  TYR 82  82  82  TYR TYR A . n 
A 1 83  LEU 83  83  83  LEU LEU A . n 
A 1 84  GLY 84  84  84  GLY GLY A . n 
A 1 85  GLU 85  85  85  GLU GLU A . n 
A 1 86  VAL 86  86  86  VAL VAL A . n 
A 1 87  THR 87  87  87  THR THR A . n 
A 1 88  PRO 88  88  88  PRO PRO A . n 
A 1 89  ALA 89  89  89  ALA ALA A . n 
A 1 90  THR 90  90  90  THR THR A . n 
A 1 91  MET 91  91  91  MET MET A . n 
A 1 92  ASN 92  92  92  ASN ASN A . n 
A 1 93  LYS 93  93  93  LYS LYS A . n 
A 1 94  ILE 94  94  94  ILE ILE A . n 
A 1 95  ASN 95  95  95  ASN ASN A . n 
A 1 96  THR 96  96  96  THR THR A . n 
A 1 97  ALA 97  97  97  ALA ALA A . n 
A 1 98  LEU 98  98  98  LEU LEU A . n 
A 1 99  ALA 99  99  99  ALA ALA A . n 
A 1 100 THR 100 100 100 THR THR A . n 
A 1 101 ALA 101 101 101 ALA ALA A . n 
A 1 102 LEU 102 102 102 LEU LEU A . n 
A 1 103 GLY 103 103 103 GLY GLY A . n 
A 1 104 LEU 104 104 104 LEU LEU A . n 
A 1 105 PRO 105 105 105 PRO PRO A . n 
A 1 106 TRP 106 106 106 TRP TRP A . n 
A 1 107 PRO 107 107 107 PRO PRO A . n 
# 
loop_
_pdbx_nonpoly_scheme.asym_id 
_pdbx_nonpoly_scheme.entity_id 
_pdbx_nonpoly_scheme.mon_id 
_pdbx_nonpoly_scheme.ndb_seq_num 
_pdbx_nonpoly_scheme.pdb_seq_num 
_pdbx_nonpoly_scheme.auth_seq_num 
_pdbx_nonpoly_scheme.pdb_mon_id 
_pdbx_nonpoly_scheme.auth_mon_id 
_pdbx_nonpoly_scheme.pdb_strand_id 
_pdbx_nonpoly_scheme.pdb_ins_code 
B 2 HOH 1  201 60 HOH HOH A . 
B 2 HOH 2  202 48 HOH HOH A . 
B 2 HOH 3  203 12 HOH HOH A . 
B 2 HOH 4  204 27 HOH HOH A . 
B 2 HOH 5  205 26 HOH HOH A . 
B 2 HOH 6  206 10 HOH HOH A . 
B 2 HOH 7  207 59 HOH HOH A . 
B 2 HOH 8  208 23 HOH HOH A . 
B 2 HOH 9  209 3  HOH HOH A . 
B 2 HOH 10 210 53 HOH HOH A . 
B 2 HOH 11 211 56 HOH HOH A . 
B 2 HOH 12 212 20 HOH HOH A . 
B 2 HOH 13 213 17 HOH HOH A . 
B 2 HOH 14 214 28 HOH HOH A . 
B 2 HOH 15 215 8  HOH HOH A . 
B 2 HOH 16 216 11 HOH HOH A . 
B 2 HOH 17 217 21 HOH HOH A . 
B 2 HOH 18 218 54 HOH HOH A . 
B 2 HOH 19 219 4  HOH HOH A . 
B 2 HOH 20 220 42 HOH HOH A . 
B 2 HOH 21 221 19 HOH HOH A . 
B 2 HOH 22 222 24 HOH HOH A . 
B 2 HOH 23 223 58 HOH HOH A . 
B 2 HOH 24 224 1  HOH HOH A . 
B 2 HOH 25 225 46 HOH HOH A . 
B 2 HOH 26 226 5  HOH HOH A . 
B 2 HOH 27 227 16 HOH HOH A . 
B 2 HOH 28 228 6  HOH HOH A . 
B 2 HOH 29 229 13 HOH HOH A . 
B 2 HOH 30 230 15 HOH HOH A . 
B 2 HOH 31 231 39 HOH HOH A . 
B 2 HOH 32 232 35 HOH HOH A . 
B 2 HOH 33 233 2  HOH HOH A . 
B 2 HOH 34 234 40 HOH HOH A . 
B 2 HOH 35 235 36 HOH HOH A . 
B 2 HOH 36 236 38 HOH HOH A . 
B 2 HOH 37 237 7  HOH HOH A . 
B 2 HOH 38 238 18 HOH HOH A . 
B 2 HOH 39 239 34 HOH HOH A . 
B 2 HOH 40 240 43 HOH HOH A . 
B 2 HOH 41 241 29 HOH HOH A . 
B 2 HOH 42 242 50 HOH HOH A . 
B 2 HOH 43 243 44 HOH HOH A . 
B 2 HOH 44 244 51 HOH HOH A . 
B 2 HOH 45 245 45 HOH HOH A . 
B 2 HOH 46 246 57 HOH HOH A . 
B 2 HOH 47 247 33 HOH HOH A . 
B 2 HOH 48 248 31 HOH HOH A . 
B 2 HOH 49 249 30 HOH HOH A . 
B 2 HOH 50 250 62 HOH HOH A . 
B 2 HOH 51 251 9  HOH HOH A . 
B 2 HOH 52 252 14 HOH HOH A . 
B 2 HOH 53 253 49 HOH HOH A . 
B 2 HOH 54 254 61 HOH HOH A . 
B 2 HOH 55 255 65 HOH HOH A . 
B 2 HOH 56 256 25 HOH HOH A . 
B 2 HOH 57 257 47 HOH HOH A . 
B 2 HOH 58 258 64 HOH HOH A . 
B 2 HOH 59 259 63 HOH HOH A . 
# 
_pdbx_struct_assembly.id                   1 
_pdbx_struct_assembly.details              author_and_software_defined_assembly 
_pdbx_struct_assembly.method_details       PISA 
_pdbx_struct_assembly.oligomeric_details   dimeric 
_pdbx_struct_assembly.oligomeric_count     2 
# 
_pdbx_struct_assembly_gen.assembly_id       1 
_pdbx_struct_assembly_gen.oper_expression   1,2 
_pdbx_struct_assembly_gen.asym_id_list      A,B 
# 
loop_
_pdbx_struct_assembly_prop.biol_id 
_pdbx_struct_assembly_prop.type 
_pdbx_struct_assembly_prop.value 
_pdbx_struct_assembly_prop.details 
1 'ABSA (A^2)' 1840  ? 
1 MORE         -10   ? 
1 'SSA (A^2)'  10220 ? 
# 
loop_
_pdbx_struct_oper_list.id 
_pdbx_struct_oper_list.type 
_pdbx_struct_oper_list.name 
_pdbx_struct_oper_list.symmetry_operation 
_pdbx_struct_oper_list.matrix[1][1] 
_pdbx_struct_oper_list.matrix[1][2] 
_pdbx_struct_oper_list.matrix[1][3] 
_pdbx_struct_oper_list.vector[1] 
_pdbx_struct_oper_list.matrix[2][1] 
_pdbx_struct_oper_list.matrix[2][2] 
_pdbx_struct_oper_list.matrix[2][3] 
_pdbx_struct_oper_list.vector[2] 
_pdbx_struct_oper_list.matrix[3][1] 
_pdbx_struct_oper_list.matrix[3][2] 
_pdbx_struct_oper_list.matrix[3][3] 
_pdbx_struct_oper_list.vector[3] 
1 'identity operation'         1_555 x,y,z       1.0000000000  0.0000000000 0.0000000000  0.0000000000 0.0000000000 1.0000000000  0.0000000000  0.0000000000   0.0000000000  0.0000000000  1.0000000000 0.0000000000 
2 'crystal symmetry operation' 3_555 -x,y,-z+1/2 -0.5646146994 0.1286980054 -0.8152588942 6.9824963670 0.1286980054 -0.9619574281 -0.2409869912 -18.8000833674 -0.8152588942 -0.2409869912 0.5265721275 0.7611607216 
# 
loop_
_pdbx_audit_revision_history.ordinal 
_pdbx_audit_revision_history.data_content_type 
_pdbx_audit_revision_history.major_revision 
_pdbx_audit_revision_history.minor_revision 
_pdbx_audit_revision_history.revision_date 
1 'Structure model' 1 0 2017-10-11 
2 'Structure model' 1 1 2017-12-06 
3 'Structure model' 1 2 2018-02-07 
4 'Structure model' 1 3 2023-11-22 
# 
_pdbx_audit_revision_details.ordinal             1 
_pdbx_audit_revision_details.revision_ordinal    1 
_pdbx_audit_revision_details.data_content_type   'Structure model' 
_pdbx_audit_revision_details.provider            repository 
_pdbx_audit_revision_details.type                'Initial release' 
_pdbx_audit_revision_details.description         ? 
_pdbx_audit_revision_details.details             ? 
# 
loop_
_pdbx_audit_revision_group.ordinal 
_pdbx_audit_revision_group.revision_ordinal 
_pdbx_audit_revision_group.data_content_type 
_pdbx_audit_revision_group.group 
1 2 'Structure model' 'Database references'    
2 3 'Structure model' 'Database references'    
3 4 'Structure model' 'Data collection'        
4 4 'Structure model' 'Database references'    
5 4 'Structure model' 'Refinement description' 
# 
loop_
_pdbx_audit_revision_category.ordinal 
_pdbx_audit_revision_category.revision_ordinal 
_pdbx_audit_revision_category.data_content_type 
_pdbx_audit_revision_category.category 
1 2 'Structure model' citation                      
2 2 'Structure model' citation_author               
3 3 'Structure model' citation                      
4 4 'Structure model' chem_comp_atom                
5 4 'Structure model' chem_comp_bond                
6 4 'Structure model' database_2                    
7 4 'Structure model' pdbx_initial_refinement_model 
# 
loop_
_pdbx_audit_revision_item.ordinal 
_pdbx_audit_revision_item.revision_ordinal 
_pdbx_audit_revision_item.data_content_type 
_pdbx_audit_revision_item.item 
1 2 'Structure model' '_citation.journal_abbrev'            
2 2 'Structure model' '_citation.pdbx_database_id_PubMed'   
3 2 'Structure model' '_citation.title'                     
4 2 'Structure model' '_citation_author.name'               
5 3 'Structure model' '_citation.journal_volume'            
6 3 'Structure model' '_citation.page_first'                
7 3 'Structure model' '_citation.page_last'                 
8 4 'Structure model' '_database_2.pdbx_DOI'                
9 4 'Structure model' '_database_2.pdbx_database_accession' 
# 
loop_
_software.citation_id 
_software.classification 
_software.compiler_name 
_software.compiler_version 
_software.contact_author 
_software.contact_author_email 
_software.date 
_software.description 
_software.dependencies 
_software.hardware 
_software.language 
_software.location 
_software.mods 
_software.name 
_software.os 
_software.os_version 
_software.type 
_software.version 
_software.pdbx_ordinal 
? refinement        ? ? ? ? ? ? ? ? ? ? ? REFMAC      ? ? ? 5.8.0103 1 
? 'data scaling'    ? ? ? ? ? ? ? ? ? ? ? HKL-2000    ? ? ? .        2 
? 'data extraction' ? ? ? ? ? ? ? ? ? ? ? PDB_EXTRACT ? ? ? 3.22     3 
? phasing           ? ? ? ? ? ? ? ? ? ? ? MOLREP      ? ? ? .        4 
? 'data scaling'    ? ? ? ? ? ? ? ? ? ? ? HKL         ? ? ? .        5 
# 
loop_
_pdbx_validate_close_contact.id 
_pdbx_validate_close_contact.PDB_model_num 
_pdbx_validate_close_contact.auth_atom_id_1 
_pdbx_validate_close_contact.auth_asym_id_1 
_pdbx_validate_close_contact.auth_comp_id_1 
_pdbx_validate_close_contact.auth_seq_id_1 
_pdbx_validate_close_contact.PDB_ins_code_1 
_pdbx_validate_close_contact.label_alt_id_1 
_pdbx_validate_close_contact.auth_atom_id_2 
_pdbx_validate_close_contact.auth_asym_id_2 
_pdbx_validate_close_contact.auth_comp_id_2 
_pdbx_validate_close_contact.auth_seq_id_2 
_pdbx_validate_close_contact.PDB_ins_code_2 
_pdbx_validate_close_contact.label_alt_id_2 
_pdbx_validate_close_contact.dist 
1 1 HZ3 A LYS 21 ? ? O A HOH 201 ? ? 1.56 
2 1 H   A PHE 2  ? ? O A HOH 204 ? ? 1.57 
3 1 NZ  A LYS 21 ? ? O A HOH 201 ? ? 2.11 
# 
loop_
_pdbx_validate_torsion.id 
_pdbx_validate_torsion.PDB_model_num 
_pdbx_validate_torsion.auth_comp_id 
_pdbx_validate_torsion.auth_asym_id 
_pdbx_validate_torsion.auth_seq_id 
_pdbx_validate_torsion.PDB_ins_code 
_pdbx_validate_torsion.label_alt_id 
_pdbx_validate_torsion.phi 
_pdbx_validate_torsion.psi 
1 1 THR A 49  ? ? -117.76 70.44 
2 1 PRO A 105 ? ? -86.04  36.68 
# 
loop_
_pdbx_unobs_or_zero_occ_residues.id 
_pdbx_unobs_or_zero_occ_residues.PDB_model_num 
_pdbx_unobs_or_zero_occ_residues.polymer_flag 
_pdbx_unobs_or_zero_occ_residues.occupancy_flag 
_pdbx_unobs_or_zero_occ_residues.auth_asym_id 
_pdbx_unobs_or_zero_occ_residues.auth_comp_id 
_pdbx_unobs_or_zero_occ_residues.auth_seq_id 
_pdbx_unobs_or_zero_occ_residues.PDB_ins_code 
_pdbx_unobs_or_zero_occ_residues.label_asym_id 
_pdbx_unobs_or_zero_occ_residues.label_comp_id 
_pdbx_unobs_or_zero_occ_residues.label_seq_id 
1 1 Y 1 A GLY 17 ? A GLY 17 
2 1 Y 1 A TYR 18 ? A TYR 18 
3 1 Y 1 A GLY 19 ? A GLY 19 
# 
loop_
_chem_comp_atom.comp_id 
_chem_comp_atom.atom_id 
_chem_comp_atom.type_symbol 
_chem_comp_atom.pdbx_aromatic_flag 
_chem_comp_atom.pdbx_stereo_config 
_chem_comp_atom.pdbx_ordinal 
ALA N    N N N 1   
ALA CA   C N S 2   
ALA C    C N N 3   
ALA O    O N N 4   
ALA CB   C N N 5   
ALA OXT  O N N 6   
ALA H    H N N 7   
ALA H2   H N N 8   
ALA HA   H N N 9   
ALA HB1  H N N 10  
ALA HB2  H N N 11  
ALA HB3  H N N 12  
ALA HXT  H N N 13  
ARG N    N N N 14  
ARG CA   C N S 15  
ARG C    C N N 16  
ARG O    O N N 17  
ARG CB   C N N 18  
ARG CG   C N N 19  
ARG CD   C N N 20  
ARG NE   N N N 21  
ARG CZ   C N N 22  
ARG NH1  N N N 23  
ARG NH2  N N N 24  
ARG OXT  O N N 25  
ARG H    H N N 26  
ARG H2   H N N 27  
ARG HA   H N N 28  
ARG HB2  H N N 29  
ARG HB3  H N N 30  
ARG HG2  H N N 31  
ARG HG3  H N N 32  
ARG HD2  H N N 33  
ARG HD3  H N N 34  
ARG HE   H N N 35  
ARG HH11 H N N 36  
ARG HH12 H N N 37  
ARG HH21 H N N 38  
ARG HH22 H N N 39  
ARG HXT  H N N 40  
ASN N    N N N 41  
ASN CA   C N S 42  
ASN C    C N N 43  
ASN O    O N N 44  
ASN CB   C N N 45  
ASN CG   C N N 46  
ASN OD1  O N N 47  
ASN ND2  N N N 48  
ASN OXT  O N N 49  
ASN H    H N N 50  
ASN H2   H N N 51  
ASN HA   H N N 52  
ASN HB2  H N N 53  
ASN HB3  H N N 54  
ASN HD21 H N N 55  
ASN HD22 H N N 56  
ASN HXT  H N N 57  
ASP N    N N N 58  
ASP CA   C N S 59  
ASP C    C N N 60  
ASP O    O N N 61  
ASP CB   C N N 62  
ASP CG   C N N 63  
ASP OD1  O N N 64  
ASP OD2  O N N 65  
ASP OXT  O N N 66  
ASP H    H N N 67  
ASP H2   H N N 68  
ASP HA   H N N 69  
ASP HB2  H N N 70  
ASP HB3  H N N 71  
ASP HD2  H N N 72  
ASP HXT  H N N 73  
CYS N    N N N 74  
CYS CA   C N R 75  
CYS C    C N N 76  
CYS O    O N N 77  
CYS CB   C N N 78  
CYS SG   S N N 79  
CYS OXT  O N N 80  
CYS H    H N N 81  
CYS H2   H N N 82  
CYS HA   H N N 83  
CYS HB2  H N N 84  
CYS HB3  H N N 85  
CYS HG   H N N 86  
CYS HXT  H N N 87  
GLN N    N N N 88  
GLN CA   C N S 89  
GLN C    C N N 90  
GLN O    O N N 91  
GLN CB   C N N 92  
GLN CG   C N N 93  
GLN CD   C N N 94  
GLN OE1  O N N 95  
GLN NE2  N N N 96  
GLN OXT  O N N 97  
GLN H    H N N 98  
GLN H2   H N N 99  
GLN HA   H N N 100 
GLN HB2  H N N 101 
GLN HB3  H N N 102 
GLN HG2  H N N 103 
GLN HG3  H N N 104 
GLN HE21 H N N 105 
GLN HE22 H N N 106 
GLN HXT  H N N 107 
GLU N    N N N 108 
GLU CA   C N S 109 
GLU C    C N N 110 
GLU O    O N N 111 
GLU CB   C N N 112 
GLU CG   C N N 113 
GLU CD   C N N 114 
GLU OE1  O N N 115 
GLU OE2  O N N 116 
GLU OXT  O N N 117 
GLU H    H N N 118 
GLU H2   H N N 119 
GLU HA   H N N 120 
GLU HB2  H N N 121 
GLU HB3  H N N 122 
GLU HG2  H N N 123 
GLU HG3  H N N 124 
GLU HE2  H N N 125 
GLU HXT  H N N 126 
GLY N    N N N 127 
GLY CA   C N N 128 
GLY C    C N N 129 
GLY O    O N N 130 
GLY OXT  O N N 131 
GLY H    H N N 132 
GLY H2   H N N 133 
GLY HA2  H N N 134 
GLY HA3  H N N 135 
GLY HXT  H N N 136 
HIS N    N N N 137 
HIS CA   C N S 138 
HIS C    C N N 139 
HIS O    O N N 140 
HIS CB   C N N 141 
HIS CG   C Y N 142 
HIS ND1  N Y N 143 
HIS CD2  C Y N 144 
HIS CE1  C Y N 145 
HIS NE2  N Y N 146 
HIS OXT  O N N 147 
HIS H    H N N 148 
HIS H2   H N N 149 
HIS HA   H N N 150 
HIS HB2  H N N 151 
HIS HB3  H N N 152 
HIS HD1  H N N 153 
HIS HD2  H N N 154 
HIS HE1  H N N 155 
HIS HE2  H N N 156 
HIS HXT  H N N 157 
HOH O    O N N 158 
HOH H1   H N N 159 
HOH H2   H N N 160 
ILE N    N N N 161 
ILE CA   C N S 162 
ILE C    C N N 163 
ILE O    O N N 164 
ILE CB   C N S 165 
ILE CG1  C N N 166 
ILE CG2  C N N 167 
ILE CD1  C N N 168 
ILE OXT  O N N 169 
ILE H    H N N 170 
ILE H2   H N N 171 
ILE HA   H N N 172 
ILE HB   H N N 173 
ILE HG12 H N N 174 
ILE HG13 H N N 175 
ILE HG21 H N N 176 
ILE HG22 H N N 177 
ILE HG23 H N N 178 
ILE HD11 H N N 179 
ILE HD12 H N N 180 
ILE HD13 H N N 181 
ILE HXT  H N N 182 
LEU N    N N N 183 
LEU CA   C N S 184 
LEU C    C N N 185 
LEU O    O N N 186 
LEU CB   C N N 187 
LEU CG   C N N 188 
LEU CD1  C N N 189 
LEU CD2  C N N 190 
LEU OXT  O N N 191 
LEU H    H N N 192 
LEU H2   H N N 193 
LEU HA   H N N 194 
LEU HB2  H N N 195 
LEU HB3  H N N 196 
LEU HG   H N N 197 
LEU HD11 H N N 198 
LEU HD12 H N N 199 
LEU HD13 H N N 200 
LEU HD21 H N N 201 
LEU HD22 H N N 202 
LEU HD23 H N N 203 
LEU HXT  H N N 204 
LYS N    N N N 205 
LYS CA   C N S 206 
LYS C    C N N 207 
LYS O    O N N 208 
LYS CB   C N N 209 
LYS CG   C N N 210 
LYS CD   C N N 211 
LYS CE   C N N 212 
LYS NZ   N N N 213 
LYS OXT  O N N 214 
LYS H    H N N 215 
LYS H2   H N N 216 
LYS HA   H N N 217 
LYS HB2  H N N 218 
LYS HB3  H N N 219 
LYS HG2  H N N 220 
LYS HG3  H N N 221 
LYS HD2  H N N 222 
LYS HD3  H N N 223 
LYS HE2  H N N 224 
LYS HE3  H N N 225 
LYS HZ1  H N N 226 
LYS HZ2  H N N 227 
LYS HZ3  H N N 228 
LYS HXT  H N N 229 
MET N    N N N 230 
MET CA   C N S 231 
MET C    C N N 232 
MET O    O N N 233 
MET CB   C N N 234 
MET CG   C N N 235 
MET SD   S N N 236 
MET CE   C N N 237 
MET OXT  O N N 238 
MET H    H N N 239 
MET H2   H N N 240 
MET HA   H N N 241 
MET HB2  H N N 242 
MET HB3  H N N 243 
MET HG2  H N N 244 
MET HG3  H N N 245 
MET HE1  H N N 246 
MET HE2  H N N 247 
MET HE3  H N N 248 
MET HXT  H N N 249 
PHE N    N N N 250 
PHE CA   C N S 251 
PHE C    C N N 252 
PHE O    O N N 253 
PHE CB   C N N 254 
PHE CG   C Y N 255 
PHE CD1  C Y N 256 
PHE CD2  C Y N 257 
PHE CE1  C Y N 258 
PHE CE2  C Y N 259 
PHE CZ   C Y N 260 
PHE OXT  O N N 261 
PHE H    H N N 262 
PHE H2   H N N 263 
PHE HA   H N N 264 
PHE HB2  H N N 265 
PHE HB3  H N N 266 
PHE HD1  H N N 267 
PHE HD2  H N N 268 
PHE HE1  H N N 269 
PHE HE2  H N N 270 
PHE HZ   H N N 271 
PHE HXT  H N N 272 
PRO N    N N N 273 
PRO CA   C N S 274 
PRO C    C N N 275 
PRO O    O N N 276 
PRO CB   C N N 277 
PRO CG   C N N 278 
PRO CD   C N N 279 
PRO OXT  O N N 280 
PRO H    H N N 281 
PRO HA   H N N 282 
PRO HB2  H N N 283 
PRO HB3  H N N 284 
PRO HG2  H N N 285 
PRO HG3  H N N 286 
PRO HD2  H N N 287 
PRO HD3  H N N 288 
PRO HXT  H N N 289 
SER N    N N N 290 
SER CA   C N S 291 
SER C    C N N 292 
SER O    O N N 293 
SER CB   C N N 294 
SER OG   O N N 295 
SER OXT  O N N 296 
SER H    H N N 297 
SER H2   H N N 298 
SER HA   H N N 299 
SER HB2  H N N 300 
SER HB3  H N N 301 
SER HG   H N N 302 
SER HXT  H N N 303 
THR N    N N N 304 
THR CA   C N S 305 
THR C    C N N 306 
THR O    O N N 307 
THR CB   C N R 308 
THR OG1  O N N 309 
THR CG2  C N N 310 
THR OXT  O N N 311 
THR H    H N N 312 
THR H2   H N N 313 
THR HA   H N N 314 
THR HB   H N N 315 
THR HG1  H N N 316 
THR HG21 H N N 317 
THR HG22 H N N 318 
THR HG23 H N N 319 
THR HXT  H N N 320 
TRP N    N N N 321 
TRP CA   C N S 322 
TRP C    C N N 323 
TRP O    O N N 324 
TRP CB   C N N 325 
TRP CG   C Y N 326 
TRP CD1  C Y N 327 
TRP CD2  C Y N 328 
TRP NE1  N Y N 329 
TRP CE2  C Y N 330 
TRP CE3  C Y N 331 
TRP CZ2  C Y N 332 
TRP CZ3  C Y N 333 
TRP CH2  C Y N 334 
TRP OXT  O N N 335 
TRP H    H N N 336 
TRP H2   H N N 337 
TRP HA   H N N 338 
TRP HB2  H N N 339 
TRP HB3  H N N 340 
TRP HD1  H N N 341 
TRP HE1  H N N 342 
TRP HE3  H N N 343 
TRP HZ2  H N N 344 
TRP HZ3  H N N 345 
TRP HH2  H N N 346 
TRP HXT  H N N 347 
TYR N    N N N 348 
TYR CA   C N S 349 
TYR C    C N N 350 
TYR O    O N N 351 
TYR CB   C N N 352 
TYR CG   C Y N 353 
TYR CD1  C Y N 354 
TYR CD2  C Y N 355 
TYR CE1  C Y N 356 
TYR CE2  C Y N 357 
TYR CZ   C Y N 358 
TYR OH   O N N 359 
TYR OXT  O N N 360 
TYR H    H N N 361 
TYR H2   H N N 362 
TYR HA   H N N 363 
TYR HB2  H N N 364 
TYR HB3  H N N 365 
TYR HD1  H N N 366 
TYR HD2  H N N 367 
TYR HE1  H N N 368 
TYR HE2  H N N 369 
TYR HH   H N N 370 
TYR HXT  H N N 371 
VAL N    N N N 372 
VAL CA   C N S 373 
VAL C    C N N 374 
VAL O    O N N 375 
VAL CB   C N N 376 
VAL CG1  C N N 377 
VAL CG2  C N N 378 
VAL OXT  O N N 379 
VAL H    H N N 380 
VAL H2   H N N 381 
VAL HA   H N N 382 
VAL HB   H N N 383 
VAL HG11 H N N 384 
VAL HG12 H N N 385 
VAL HG13 H N N 386 
VAL HG21 H N N 387 
VAL HG22 H N N 388 
VAL HG23 H N N 389 
VAL HXT  H N N 390 
# 
loop_
_chem_comp_bond.comp_id 
_chem_comp_bond.atom_id_1 
_chem_comp_bond.atom_id_2 
_chem_comp_bond.value_order 
_chem_comp_bond.pdbx_aromatic_flag 
_chem_comp_bond.pdbx_stereo_config 
_chem_comp_bond.pdbx_ordinal 
ALA N   CA   sing N N 1   
ALA N   H    sing N N 2   
ALA N   H2   sing N N 3   
ALA CA  C    sing N N 4   
ALA CA  CB   sing N N 5   
ALA CA  HA   sing N N 6   
ALA C   O    doub N N 7   
ALA C   OXT  sing N N 8   
ALA CB  HB1  sing N N 9   
ALA CB  HB2  sing N N 10  
ALA CB  HB3  sing N N 11  
ALA OXT HXT  sing N N 12  
ARG N   CA   sing N N 13  
ARG N   H    sing N N 14  
ARG N   H2   sing N N 15  
ARG CA  C    sing N N 16  
ARG CA  CB   sing N N 17  
ARG CA  HA   sing N N 18  
ARG C   O    doub N N 19  
ARG C   OXT  sing N N 20  
ARG CB  CG   sing N N 21  
ARG CB  HB2  sing N N 22  
ARG CB  HB3  sing N N 23  
ARG CG  CD   sing N N 24  
ARG CG  HG2  sing N N 25  
ARG CG  HG3  sing N N 26  
ARG CD  NE   sing N N 27  
ARG CD  HD2  sing N N 28  
ARG CD  HD3  sing N N 29  
ARG NE  CZ   sing N N 30  
ARG NE  HE   sing N N 31  
ARG CZ  NH1  sing N N 32  
ARG CZ  NH2  doub N N 33  
ARG NH1 HH11 sing N N 34  
ARG NH1 HH12 sing N N 35  
ARG NH2 HH21 sing N N 36  
ARG NH2 HH22 sing N N 37  
ARG OXT HXT  sing N N 38  
ASN N   CA   sing N N 39  
ASN N   H    sing N N 40  
ASN N   H2   sing N N 41  
ASN CA  C    sing N N 42  
ASN CA  CB   sing N N 43  
ASN CA  HA   sing N N 44  
ASN C   O    doub N N 45  
ASN C   OXT  sing N N 46  
ASN CB  CG   sing N N 47  
ASN CB  HB2  sing N N 48  
ASN CB  HB3  sing N N 49  
ASN CG  OD1  doub N N 50  
ASN CG  ND2  sing N N 51  
ASN ND2 HD21 sing N N 52  
ASN ND2 HD22 sing N N 53  
ASN OXT HXT  sing N N 54  
ASP N   CA   sing N N 55  
ASP N   H    sing N N 56  
ASP N   H2   sing N N 57  
ASP CA  C    sing N N 58  
ASP CA  CB   sing N N 59  
ASP CA  HA   sing N N 60  
ASP C   O    doub N N 61  
ASP C   OXT  sing N N 62  
ASP CB  CG   sing N N 63  
ASP CB  HB2  sing N N 64  
ASP CB  HB3  sing N N 65  
ASP CG  OD1  doub N N 66  
ASP CG  OD2  sing N N 67  
ASP OD2 HD2  sing N N 68  
ASP OXT HXT  sing N N 69  
CYS N   CA   sing N N 70  
CYS N   H    sing N N 71  
CYS N   H2   sing N N 72  
CYS CA  C    sing N N 73  
CYS CA  CB   sing N N 74  
CYS CA  HA   sing N N 75  
CYS C   O    doub N N 76  
CYS C   OXT  sing N N 77  
CYS CB  SG   sing N N 78  
CYS CB  HB2  sing N N 79  
CYS CB  HB3  sing N N 80  
CYS SG  HG   sing N N 81  
CYS OXT HXT  sing N N 82  
GLN N   CA   sing N N 83  
GLN N   H    sing N N 84  
GLN N   H2   sing N N 85  
GLN CA  C    sing N N 86  
GLN CA  CB   sing N N 87  
GLN CA  HA   sing N N 88  
GLN C   O    doub N N 89  
GLN C   OXT  sing N N 90  
GLN CB  CG   sing N N 91  
GLN CB  HB2  sing N N 92  
GLN CB  HB3  sing N N 93  
GLN CG  CD   sing N N 94  
GLN CG  HG2  sing N N 95  
GLN CG  HG3  sing N N 96  
GLN CD  OE1  doub N N 97  
GLN CD  NE2  sing N N 98  
GLN NE2 HE21 sing N N 99  
GLN NE2 HE22 sing N N 100 
GLN OXT HXT  sing N N 101 
GLU N   CA   sing N N 102 
GLU N   H    sing N N 103 
GLU N   H2   sing N N 104 
GLU CA  C    sing N N 105 
GLU CA  CB   sing N N 106 
GLU CA  HA   sing N N 107 
GLU C   O    doub N N 108 
GLU C   OXT  sing N N 109 
GLU CB  CG   sing N N 110 
GLU CB  HB2  sing N N 111 
GLU CB  HB3  sing N N 112 
GLU CG  CD   sing N N 113 
GLU CG  HG2  sing N N 114 
GLU CG  HG3  sing N N 115 
GLU CD  OE1  doub N N 116 
GLU CD  OE2  sing N N 117 
GLU OE2 HE2  sing N N 118 
GLU OXT HXT  sing N N 119 
GLY N   CA   sing N N 120 
GLY N   H    sing N N 121 
GLY N   H2   sing N N 122 
GLY CA  C    sing N N 123 
GLY CA  HA2  sing N N 124 
GLY CA  HA3  sing N N 125 
GLY C   O    doub N N 126 
GLY C   OXT  sing N N 127 
GLY OXT HXT  sing N N 128 
HIS N   CA   sing N N 129 
HIS N   H    sing N N 130 
HIS N   H2   sing N N 131 
HIS CA  C    sing N N 132 
HIS CA  CB   sing N N 133 
HIS CA  HA   sing N N 134 
HIS C   O    doub N N 135 
HIS C   OXT  sing N N 136 
HIS CB  CG   sing N N 137 
HIS CB  HB2  sing N N 138 
HIS CB  HB3  sing N N 139 
HIS CG  ND1  sing Y N 140 
HIS CG  CD2  doub Y N 141 
HIS ND1 CE1  doub Y N 142 
HIS ND1 HD1  sing N N 143 
HIS CD2 NE2  sing Y N 144 
HIS CD2 HD2  sing N N 145 
HIS CE1 NE2  sing Y N 146 
HIS CE1 HE1  sing N N 147 
HIS NE2 HE2  sing N N 148 
HIS OXT HXT  sing N N 149 
HOH O   H1   sing N N 150 
HOH O   H2   sing N N 151 
ILE N   CA   sing N N 152 
ILE N   H    sing N N 153 
ILE N   H2   sing N N 154 
ILE CA  C    sing N N 155 
ILE CA  CB   sing N N 156 
ILE CA  HA   sing N N 157 
ILE C   O    doub N N 158 
ILE C   OXT  sing N N 159 
ILE CB  CG1  sing N N 160 
ILE CB  CG2  sing N N 161 
ILE CB  HB   sing N N 162 
ILE CG1 CD1  sing N N 163 
ILE CG1 HG12 sing N N 164 
ILE CG1 HG13 sing N N 165 
ILE CG2 HG21 sing N N 166 
ILE CG2 HG22 sing N N 167 
ILE CG2 HG23 sing N N 168 
ILE CD1 HD11 sing N N 169 
ILE CD1 HD12 sing N N 170 
ILE CD1 HD13 sing N N 171 
ILE OXT HXT  sing N N 172 
LEU N   CA   sing N N 173 
LEU N   H    sing N N 174 
LEU N   H2   sing N N 175 
LEU CA  C    sing N N 176 
LEU CA  CB   sing N N 177 
LEU CA  HA   sing N N 178 
LEU C   O    doub N N 179 
LEU C   OXT  sing N N 180 
LEU CB  CG   sing N N 181 
LEU CB  HB2  sing N N 182 
LEU CB  HB3  sing N N 183 
LEU CG  CD1  sing N N 184 
LEU CG  CD2  sing N N 185 
LEU CG  HG   sing N N 186 
LEU CD1 HD11 sing N N 187 
LEU CD1 HD12 sing N N 188 
LEU CD1 HD13 sing N N 189 
LEU CD2 HD21 sing N N 190 
LEU CD2 HD22 sing N N 191 
LEU CD2 HD23 sing N N 192 
LEU OXT HXT  sing N N 193 
LYS N   CA   sing N N 194 
LYS N   H    sing N N 195 
LYS N   H2   sing N N 196 
LYS CA  C    sing N N 197 
LYS CA  CB   sing N N 198 
LYS CA  HA   sing N N 199 
LYS C   O    doub N N 200 
LYS C   OXT  sing N N 201 
LYS CB  CG   sing N N 202 
LYS CB  HB2  sing N N 203 
LYS CB  HB3  sing N N 204 
LYS CG  CD   sing N N 205 
LYS CG  HG2  sing N N 206 
LYS CG  HG3  sing N N 207 
LYS CD  CE   sing N N 208 
LYS CD  HD2  sing N N 209 
LYS CD  HD3  sing N N 210 
LYS CE  NZ   sing N N 211 
LYS CE  HE2  sing N N 212 
LYS CE  HE3  sing N N 213 
LYS NZ  HZ1  sing N N 214 
LYS NZ  HZ2  sing N N 215 
LYS NZ  HZ3  sing N N 216 
LYS OXT HXT  sing N N 217 
MET N   CA   sing N N 218 
MET N   H    sing N N 219 
MET N   H2   sing N N 220 
MET CA  C    sing N N 221 
MET CA  CB   sing N N 222 
MET CA  HA   sing N N 223 
MET C   O    doub N N 224 
MET C   OXT  sing N N 225 
MET CB  CG   sing N N 226 
MET CB  HB2  sing N N 227 
MET CB  HB3  sing N N 228 
MET CG  SD   sing N N 229 
MET CG  HG2  sing N N 230 
MET CG  HG3  sing N N 231 
MET SD  CE   sing N N 232 
MET CE  HE1  sing N N 233 
MET CE  HE2  sing N N 234 
MET CE  HE3  sing N N 235 
MET OXT HXT  sing N N 236 
PHE N   CA   sing N N 237 
PHE N   H    sing N N 238 
PHE N   H2   sing N N 239 
PHE CA  C    sing N N 240 
PHE CA  CB   sing N N 241 
PHE CA  HA   sing N N 242 
PHE C   O    doub N N 243 
PHE C   OXT  sing N N 244 
PHE CB  CG   sing N N 245 
PHE CB  HB2  sing N N 246 
PHE CB  HB3  sing N N 247 
PHE CG  CD1  doub Y N 248 
PHE CG  CD2  sing Y N 249 
PHE CD1 CE1  sing Y N 250 
PHE CD1 HD1  sing N N 251 
PHE CD2 CE2  doub Y N 252 
PHE CD2 HD2  sing N N 253 
PHE CE1 CZ   doub Y N 254 
PHE CE1 HE1  sing N N 255 
PHE CE2 CZ   sing Y N 256 
PHE CE2 HE2  sing N N 257 
PHE CZ  HZ   sing N N 258 
PHE OXT HXT  sing N N 259 
PRO N   CA   sing N N 260 
PRO N   CD   sing N N 261 
PRO N   H    sing N N 262 
PRO CA  C    sing N N 263 
PRO CA  CB   sing N N 264 
PRO CA  HA   sing N N 265 
PRO C   O    doub N N 266 
PRO C   OXT  sing N N 267 
PRO CB  CG   sing N N 268 
PRO CB  HB2  sing N N 269 
PRO CB  HB3  sing N N 270 
PRO CG  CD   sing N N 271 
PRO CG  HG2  sing N N 272 
PRO CG  HG3  sing N N 273 
PRO CD  HD2  sing N N 274 
PRO CD  HD3  sing N N 275 
PRO OXT HXT  sing N N 276 
SER N   CA   sing N N 277 
SER N   H    sing N N 278 
SER N   H2   sing N N 279 
SER CA  C    sing N N 280 
SER CA  CB   sing N N 281 
SER CA  HA   sing N N 282 
SER C   O    doub N N 283 
SER C   OXT  sing N N 284 
SER CB  OG   sing N N 285 
SER CB  HB2  sing N N 286 
SER CB  HB3  sing N N 287 
SER OG  HG   sing N N 288 
SER OXT HXT  sing N N 289 
THR N   CA   sing N N 290 
THR N   H    sing N N 291 
THR N   H2   sing N N 292 
THR CA  C    sing N N 293 
THR CA  CB   sing N N 294 
THR CA  HA   sing N N 295 
THR C   O    doub N N 296 
THR C   OXT  sing N N 297 
THR CB  OG1  sing N N 298 
THR CB  CG2  sing N N 299 
THR CB  HB   sing N N 300 
THR OG1 HG1  sing N N 301 
THR CG2 HG21 sing N N 302 
THR CG2 HG22 sing N N 303 
THR CG2 HG23 sing N N 304 
THR OXT HXT  sing N N 305 
TRP N   CA   sing N N 306 
TRP N   H    sing N N 307 
TRP N   H2   sing N N 308 
TRP CA  C    sing N N 309 
TRP CA  CB   sing N N 310 
TRP CA  HA   sing N N 311 
TRP C   O    doub N N 312 
TRP C   OXT  sing N N 313 
TRP CB  CG   sing N N 314 
TRP CB  HB2  sing N N 315 
TRP CB  HB3  sing N N 316 
TRP CG  CD1  doub Y N 317 
TRP CG  CD2  sing Y N 318 
TRP CD1 NE1  sing Y N 319 
TRP CD1 HD1  sing N N 320 
TRP CD2 CE2  doub Y N 321 
TRP CD2 CE3  sing Y N 322 
TRP NE1 CE2  sing Y N 323 
TRP NE1 HE1  sing N N 324 
TRP CE2 CZ2  sing Y N 325 
TRP CE3 CZ3  doub Y N 326 
TRP CE3 HE3  sing N N 327 
TRP CZ2 CH2  doub Y N 328 
TRP CZ2 HZ2  sing N N 329 
TRP CZ3 CH2  sing Y N 330 
TRP CZ3 HZ3  sing N N 331 
TRP CH2 HH2  sing N N 332 
TRP OXT HXT  sing N N 333 
TYR N   CA   sing N N 334 
TYR N   H    sing N N 335 
TYR N   H2   sing N N 336 
TYR CA  C    sing N N 337 
TYR CA  CB   sing N N 338 
TYR CA  HA   sing N N 339 
TYR C   O    doub N N 340 
TYR C   OXT  sing N N 341 
TYR CB  CG   sing N N 342 
TYR CB  HB2  sing N N 343 
TYR CB  HB3  sing N N 344 
TYR CG  CD1  doub Y N 345 
TYR CG  CD2  sing Y N 346 
TYR CD1 CE1  sing Y N 347 
TYR CD1 HD1  sing N N 348 
TYR CD2 CE2  doub Y N 349 
TYR CD2 HD2  sing N N 350 
TYR CE1 CZ   doub Y N 351 
TYR CE1 HE1  sing N N 352 
TYR CE2 CZ   sing Y N 353 
TYR CE2 HE2  sing N N 354 
TYR CZ  OH   sing N N 355 
TYR OH  HH   sing N N 356 
TYR OXT HXT  sing N N 357 
VAL N   CA   sing N N 358 
VAL N   H    sing N N 359 
VAL N   H2   sing N N 360 
VAL CA  C    sing N N 361 
VAL CA  CB   sing N N 362 
VAL CA  HA   sing N N 363 
VAL C   O    doub N N 364 
VAL C   OXT  sing N N 365 
VAL CB  CG1  sing N N 366 
VAL CB  CG2  sing N N 367 
VAL CB  HB   sing N N 368 
VAL CG1 HG11 sing N N 369 
VAL CG1 HG12 sing N N 370 
VAL CG1 HG13 sing N N 371 
VAL CG2 HG21 sing N N 372 
VAL CG2 HG22 sing N N 373 
VAL CG2 HG23 sing N N 374 
VAL OXT HXT  sing N N 375 
# 
loop_
_pdbx_audit_support.funding_organization 
_pdbx_audit_support.country 
_pdbx_audit_support.grant_number 
_pdbx_audit_support.ordinal 
'National Research foundation of Korea (NRF)' 'Korea, Republic Of' 2015R1A2A1A05001894 1 
'National Research Foundation of Korea (NRF)' 'Korea, Republic Of' 2014K1A3A1A19067618 2 
# 
_pdbx_entity_nonpoly.entity_id   2 
_pdbx_entity_nonpoly.name        water 
_pdbx_entity_nonpoly.comp_id     HOH 
# 
_pdbx_initial_refinement_model.id               1 
_pdbx_initial_refinement_model.entity_id_list   ? 
_pdbx_initial_refinement_model.type             'experimental model' 
_pdbx_initial_refinement_model.source_name      PDB 
_pdbx_initial_refinement_model.accession_code   5XE3 
_pdbx_initial_refinement_model.details          ? 
# 
_pdbx_struct_assembly_auth_evidence.id                     1 
_pdbx_struct_assembly_auth_evidence.assembly_id            1 
_pdbx_struct_assembly_auth_evidence.experimental_support   'gel filtration' 
_pdbx_struct_assembly_auth_evidence.details                ? 
# 
